data_4ZZD
# 
_entry.id   4ZZD 
# 
_audit_conform.dict_name       mmcif_pdbx.dic 
_audit_conform.dict_version    5.391 
_audit_conform.dict_location   http://mmcif.pdb.org/dictionaries/ascii/mmcif_pdbx.dic 
# 
loop_
_database_2.database_id 
_database_2.database_code 
_database_2.pdbx_database_accession 
_database_2.pdbx_DOI 
PDB   4ZZD         pdb_00004zzd 10.2210/pdb4zzd/pdb 
WWPDB D_1000210159 ?            ?                   
# 
loop_
_pdbx_audit_revision_history.ordinal 
_pdbx_audit_revision_history.data_content_type 
_pdbx_audit_revision_history.major_revision 
_pdbx_audit_revision_history.minor_revision 
_pdbx_audit_revision_history.revision_date 
1 'Structure model' 1 0 2015-08-26 
2 'Structure model' 1 1 2024-05-08 
# 
_pdbx_audit_revision_details.ordinal             1 
_pdbx_audit_revision_details.revision_ordinal    1 
_pdbx_audit_revision_details.data_content_type   'Structure model' 
_pdbx_audit_revision_details.provider            repository 
_pdbx_audit_revision_details.type                'Initial release' 
_pdbx_audit_revision_details.description         ? 
_pdbx_audit_revision_details.details             ? 
# 
loop_
_pdbx_audit_revision_group.ordinal 
_pdbx_audit_revision_group.revision_ordinal 
_pdbx_audit_revision_group.data_content_type 
_pdbx_audit_revision_group.group 
1 2 'Structure model' 'Data collection'     
2 2 'Structure model' 'Database references' 
# 
loop_
_pdbx_audit_revision_category.ordinal 
_pdbx_audit_revision_category.revision_ordinal 
_pdbx_audit_revision_category.data_content_type 
_pdbx_audit_revision_category.category 
1 2 'Structure model' chem_comp_atom 
2 2 'Structure model' chem_comp_bond 
3 2 'Structure model' database_2     
# 
loop_
_pdbx_audit_revision_item.ordinal 
_pdbx_audit_revision_item.revision_ordinal 
_pdbx_audit_revision_item.data_content_type 
_pdbx_audit_revision_item.item 
1 2 'Structure model' '_database_2.pdbx_DOI'                
2 2 'Structure model' '_database_2.pdbx_database_accession' 
# 
_pdbx_database_status.status_code                     REL 
_pdbx_database_status.status_code_sf                  REL 
_pdbx_database_status.status_code_mr                  ? 
_pdbx_database_status.entry_id                        4ZZD 
_pdbx_database_status.recvd_initial_deposition_date   2015-05-22 
_pdbx_database_status.SG_entry                        N 
_pdbx_database_status.deposit_site                    RCSB 
_pdbx_database_status.process_site                    PDBE 
_pdbx_database_status.status_code_cs                  ? 
_pdbx_database_status.methods_development_category    ? 
_pdbx_database_status.pdb_format_compatible           Y 
_pdbx_database_status.status_code_nmr_data            ? 
# 
loop_
_pdbx_database_related.db_name 
_pdbx_database_related.details 
_pdbx_database_related.db_id 
_pdbx_database_related.content_type 
PDB 'LMRR IN DRUG FREE STATE'           3F8B unspecified 
PDB 'LMRR COMPLEXED WITH HOECHST 33342' 3F8C unspecified 
PDB 'LMRR COMPLEXED WITH DAUNOMYCIN'    3F8F unspecified 
# 
loop_
_audit_author.name 
_audit_author.pdbx_ordinal 
'Madoori, P.K.'         1 
'Thunnissen, A.-M.W.H.' 2 
# 
_citation.abstract                  ? 
_citation.abstract_id_CAS           ? 
_citation.book_id_ISBN              ? 
_citation.book_publisher            ? 
_citation.book_publisher_city       ? 
_citation.book_title                ? 
_citation.coordinate_linkage        ? 
_citation.country                   US 
_citation.database_id_Medline       ? 
_citation.details                   ? 
_citation.id                        primary 
_citation.journal_abbrev            'Plos One' 
_citation.journal_id_ASTM           ? 
_citation.journal_id_CSD            ? 
_citation.journal_id_ISSN           1932-6203 
_citation.journal_full              ? 
_citation.journal_issue             ? 
_citation.journal_volume            10 
_citation.language                  ? 
_citation.page_first                e0135467 
_citation.page_last                 e0135467 
_citation.title                     
'Binding of the Lactococcal Drug Dependent Transcriptional Regulator LmrR to Its Ligands and Responsive Promoter Regions.' 
_citation.year                      2015 
_citation.database_id_CSD           ? 
_citation.pdbx_database_id_DOI      10.1371/journal.pone.0135467 
_citation.pdbx_database_id_PubMed   26267906 
_citation.unpublished_flag          ? 
# 
loop_
_citation_author.citation_id 
_citation_author.name 
_citation_author.ordinal 
_citation_author.identifier_ORCID 
primary 'van der Berg, J.P.' 1 ? 
primary 'Madoori, P.K.'      2 ? 
primary 'Komarudin, A.G.'    3 ? 
primary 'Thunnissen, A.M.'   4 ? 
primary 'Driessen, A.J.'     5 ? 
# 
loop_
_entity.id 
_entity.type 
_entity.src_method 
_entity.pdbx_description 
_entity.formula_weight 
_entity.pdbx_number_of_molecules 
_entity.pdbx_ec 
_entity.pdbx_mutation 
_entity.pdbx_fragment 
_entity.details 
1 polymer     man 'TRANSCRIPTIONAL REGULATOR, PADR-LIKE FAMILY' 13478.371 1  ? ? ? ? 
2 non-polymer syn RIBOFLAVIN                                    376.364   1  ? ? ? ? 
3 water       nat water                                         18.015    15 ? ? ? ? 
# 
_entity_poly.entity_id                      1 
_entity_poly.type                           'polypeptide(L)' 
_entity_poly.nstd_linkage                   no 
_entity_poly.nstd_monomer                   no 
_entity_poly.pdbx_seq_one_letter_code       
;MAEIPKEMLRAQTNVILLNVLKQGDNYVYGIIKQVKEASNGEMELNEATLYTIFKRLEKDGIISSYWGDESQGGRRKYYR
LTEIGHENMRLAFESWSRVDKIIENLEANKKSEAIK
;
_entity_poly.pdbx_seq_one_letter_code_can   
;MAEIPKEMLRAQTNVILLNVLKQGDNYVYGIIKQVKEASNGEMELNEATLYTIFKRLEKDGIISSYWGDESQGGRRKYYR
LTEIGHENMRLAFESWSRVDKIIENLEANKKSEAIK
;
_entity_poly.pdbx_strand_id                 A 
_entity_poly.pdbx_target_identifier         ? 
# 
loop_
_pdbx_entity_nonpoly.entity_id 
_pdbx_entity_nonpoly.name 
_pdbx_entity_nonpoly.comp_id 
2 RIBOFLAVIN RBF 
3 water      HOH 
# 
loop_
_entity_poly_seq.entity_id 
_entity_poly_seq.num 
_entity_poly_seq.mon_id 
_entity_poly_seq.hetero 
1 1   MET n 
1 2   ALA n 
1 3   GLU n 
1 4   ILE n 
1 5   PRO n 
1 6   LYS n 
1 7   GLU n 
1 8   MET n 
1 9   LEU n 
1 10  ARG n 
1 11  ALA n 
1 12  GLN n 
1 13  THR n 
1 14  ASN n 
1 15  VAL n 
1 16  ILE n 
1 17  LEU n 
1 18  LEU n 
1 19  ASN n 
1 20  VAL n 
1 21  LEU n 
1 22  LYS n 
1 23  GLN n 
1 24  GLY n 
1 25  ASP n 
1 26  ASN n 
1 27  TYR n 
1 28  VAL n 
1 29  TYR n 
1 30  GLY n 
1 31  ILE n 
1 32  ILE n 
1 33  LYS n 
1 34  GLN n 
1 35  VAL n 
1 36  LYS n 
1 37  GLU n 
1 38  ALA n 
1 39  SER n 
1 40  ASN n 
1 41  GLY n 
1 42  GLU n 
1 43  MET n 
1 44  GLU n 
1 45  LEU n 
1 46  ASN n 
1 47  GLU n 
1 48  ALA n 
1 49  THR n 
1 50  LEU n 
1 51  TYR n 
1 52  THR n 
1 53  ILE n 
1 54  PHE n 
1 55  LYS n 
1 56  ARG n 
1 57  LEU n 
1 58  GLU n 
1 59  LYS n 
1 60  ASP n 
1 61  GLY n 
1 62  ILE n 
1 63  ILE n 
1 64  SER n 
1 65  SER n 
1 66  TYR n 
1 67  TRP n 
1 68  GLY n 
1 69  ASP n 
1 70  GLU n 
1 71  SER n 
1 72  GLN n 
1 73  GLY n 
1 74  GLY n 
1 75  ARG n 
1 76  ARG n 
1 77  LYS n 
1 78  TYR n 
1 79  TYR n 
1 80  ARG n 
1 81  LEU n 
1 82  THR n 
1 83  GLU n 
1 84  ILE n 
1 85  GLY n 
1 86  HIS n 
1 87  GLU n 
1 88  ASN n 
1 89  MET n 
1 90  ARG n 
1 91  LEU n 
1 92  ALA n 
1 93  PHE n 
1 94  GLU n 
1 95  SER n 
1 96  TRP n 
1 97  SER n 
1 98  ARG n 
1 99  VAL n 
1 100 ASP n 
1 101 LYS n 
1 102 ILE n 
1 103 ILE n 
1 104 GLU n 
1 105 ASN n 
1 106 LEU n 
1 107 GLU n 
1 108 ALA n 
1 109 ASN n 
1 110 LYS n 
1 111 LYS n 
1 112 SER n 
1 113 GLU n 
1 114 ALA n 
1 115 ILE n 
1 116 LYS n 
# 
_entity_src_gen.entity_id                          1 
_entity_src_gen.pdbx_src_id                        1 
_entity_src_gen.pdbx_alt_source_flag               sample 
_entity_src_gen.pdbx_seq_type                      'Biological sequence' 
_entity_src_gen.pdbx_beg_seq_num                   1 
_entity_src_gen.pdbx_end_seq_num                   116 
_entity_src_gen.gene_src_common_name               ? 
_entity_src_gen.gene_src_genus                     ? 
_entity_src_gen.pdbx_gene_src_gene                 llmg_0323 
_entity_src_gen.gene_src_species                   ? 
_entity_src_gen.gene_src_strain                    ? 
_entity_src_gen.gene_src_tissue                    ? 
_entity_src_gen.gene_src_tissue_fraction           ? 
_entity_src_gen.gene_src_details                   ? 
_entity_src_gen.pdbx_gene_src_fragment             ? 
_entity_src_gen.pdbx_gene_src_scientific_name      'Lactococcus lactis subsp. cremoris MG1363' 
_entity_src_gen.pdbx_gene_src_ncbi_taxonomy_id     416870 
_entity_src_gen.pdbx_gene_src_variant              ? 
_entity_src_gen.pdbx_gene_src_cell_line            ? 
_entity_src_gen.pdbx_gene_src_atcc                 ? 
_entity_src_gen.pdbx_gene_src_organ                ? 
_entity_src_gen.pdbx_gene_src_organelle            ? 
_entity_src_gen.pdbx_gene_src_cell                 ? 
_entity_src_gen.pdbx_gene_src_cellular_location    ? 
_entity_src_gen.host_org_common_name               ? 
_entity_src_gen.pdbx_host_org_scientific_name      'Lactococcus lactis subsp. cremoris NZ9000' 
_entity_src_gen.pdbx_host_org_ncbi_taxonomy_id     746361 
_entity_src_gen.host_org_genus                     ? 
_entity_src_gen.pdbx_host_org_gene                 ? 
_entity_src_gen.pdbx_host_org_organ                ? 
_entity_src_gen.host_org_species                   ? 
_entity_src_gen.pdbx_host_org_tissue               ? 
_entity_src_gen.pdbx_host_org_tissue_fraction      ? 
_entity_src_gen.pdbx_host_org_strain               ? 
_entity_src_gen.pdbx_host_org_variant              ? 
_entity_src_gen.pdbx_host_org_cell_line            ? 
_entity_src_gen.pdbx_host_org_atcc                 ? 
_entity_src_gen.pdbx_host_org_culture_collection   ? 
_entity_src_gen.pdbx_host_org_cell                 ? 
_entity_src_gen.pdbx_host_org_organelle            ? 
_entity_src_gen.pdbx_host_org_cellular_location    ? 
_entity_src_gen.pdbx_host_org_vector_type          plasmid 
_entity_src_gen.pdbx_host_org_vector               ? 
_entity_src_gen.host_org_details                   ? 
_entity_src_gen.expression_system_id               ? 
_entity_src_gen.plasmid_name                       PNSC8048 
_entity_src_gen.plasmid_details                    ? 
_entity_src_gen.pdbx_description                   ? 
# 
loop_
_chem_comp.id 
_chem_comp.type 
_chem_comp.mon_nstd_flag 
_chem_comp.name 
_chem_comp.pdbx_synonyms 
_chem_comp.formula 
_chem_comp.formula_weight 
ALA 'L-peptide linking' y ALANINE         ?                         'C3 H7 N O2'     89.093  
ARG 'L-peptide linking' y ARGININE        ?                         'C6 H15 N4 O2 1' 175.209 
ASN 'L-peptide linking' y ASPARAGINE      ?                         'C4 H8 N2 O3'    132.118 
ASP 'L-peptide linking' y 'ASPARTIC ACID' ?                         'C4 H7 N O4'     133.103 
GLN 'L-peptide linking' y GLUTAMINE       ?                         'C5 H10 N2 O3'   146.144 
GLU 'L-peptide linking' y 'GLUTAMIC ACID' ?                         'C5 H9 N O4'     147.129 
GLY 'peptide linking'   y GLYCINE         ?                         'C2 H5 N O2'     75.067  
HIS 'L-peptide linking' y HISTIDINE       ?                         'C6 H10 N3 O2 1' 156.162 
HOH non-polymer         . WATER           ?                         'H2 O'           18.015  
ILE 'L-peptide linking' y ISOLEUCINE      ?                         'C6 H13 N O2'    131.173 
LEU 'L-peptide linking' y LEUCINE         ?                         'C6 H13 N O2'    131.173 
LYS 'L-peptide linking' y LYSINE          ?                         'C6 H15 N2 O2 1' 147.195 
MET 'L-peptide linking' y METHIONINE      ?                         'C5 H11 N O2 S'  149.211 
PHE 'L-peptide linking' y PHENYLALANINE   ?                         'C9 H11 N O2'    165.189 
PRO 'L-peptide linking' y PROLINE         ?                         'C5 H9 N O2'     115.130 
RBF non-polymer         . RIBOFLAVIN      'RIBOFLAVINE; VITAMIN B2' 'C17 H20 N4 O6'  376.364 
SER 'L-peptide linking' y SERINE          ?                         'C3 H7 N O3'     105.093 
THR 'L-peptide linking' y THREONINE       ?                         'C4 H9 N O3'     119.119 
TRP 'L-peptide linking' y TRYPTOPHAN      ?                         'C11 H12 N2 O2'  204.225 
TYR 'L-peptide linking' y TYROSINE        ?                         'C9 H11 N O3'    181.189 
VAL 'L-peptide linking' y VALINE          ?                         'C5 H11 N O2'    117.146 
# 
loop_
_pdbx_poly_seq_scheme.asym_id 
_pdbx_poly_seq_scheme.entity_id 
_pdbx_poly_seq_scheme.seq_id 
_pdbx_poly_seq_scheme.mon_id 
_pdbx_poly_seq_scheme.ndb_seq_num 
_pdbx_poly_seq_scheme.pdb_seq_num 
_pdbx_poly_seq_scheme.auth_seq_num 
_pdbx_poly_seq_scheme.pdb_mon_id 
_pdbx_poly_seq_scheme.auth_mon_id 
_pdbx_poly_seq_scheme.pdb_strand_id 
_pdbx_poly_seq_scheme.pdb_ins_code 
_pdbx_poly_seq_scheme.hetero 
A 1 1   MET 1   1   ?   ?   ?   A . n 
A 1 2   ALA 2   2   ?   ?   ?   A . n 
A 1 3   GLU 3   3   ?   ?   ?   A . n 
A 1 4   ILE 4   4   ?   ?   ?   A . n 
A 1 5   PRO 5   5   5   PRO PRO A . n 
A 1 6   LYS 6   6   6   LYS LYS A . n 
A 1 7   GLU 7   7   7   GLU GLU A . n 
A 1 8   MET 8   8   8   MET MET A . n 
A 1 9   LEU 9   9   9   LEU LEU A . n 
A 1 10  ARG 10  10  10  ARG ARG A . n 
A 1 11  ALA 11  11  11  ALA ALA A . n 
A 1 12  GLN 12  12  12  GLN GLN A . n 
A 1 13  THR 13  13  13  THR THR A . n 
A 1 14  ASN 14  14  14  ASN ASN A . n 
A 1 15  VAL 15  15  15  VAL VAL A . n 
A 1 16  ILE 16  16  16  ILE ILE A . n 
A 1 17  LEU 17  17  17  LEU LEU A . n 
A 1 18  LEU 18  18  18  LEU LEU A . n 
A 1 19  ASN 19  19  19  ASN ASN A . n 
A 1 20  VAL 20  20  20  VAL VAL A . n 
A 1 21  LEU 21  21  21  LEU LEU A . n 
A 1 22  LYS 22  22  22  LYS LYS A . n 
A 1 23  GLN 23  23  23  GLN GLN A . n 
A 1 24  GLY 24  24  24  GLY GLY A . n 
A 1 25  ASP 25  25  25  ASP ASP A . n 
A 1 26  ASN 26  26  26  ASN ASN A . n 
A 1 27  TYR 27  27  27  TYR TYR A . n 
A 1 28  VAL 28  28  28  VAL VAL A . n 
A 1 29  TYR 29  29  29  TYR TYR A . n 
A 1 30  GLY 30  30  30  GLY GLY A . n 
A 1 31  ILE 31  31  31  ILE ILE A . n 
A 1 32  ILE 32  32  32  ILE ILE A . n 
A 1 33  LYS 33  33  33  LYS LYS A . n 
A 1 34  GLN 34  34  34  GLN GLN A . n 
A 1 35  VAL 35  35  35  VAL VAL A . n 
A 1 36  LYS 36  36  36  LYS LYS A . n 
A 1 37  GLU 37  37  37  GLU GLU A . n 
A 1 38  ALA 38  38  38  ALA ALA A . n 
A 1 39  SER 39  39  39  SER SER A . n 
A 1 40  ASN 40  40  40  ASN ASN A . n 
A 1 41  GLY 41  41  41  GLY GLY A . n 
A 1 42  GLU 42  42  42  GLU GLU A . n 
A 1 43  MET 43  43  43  MET MET A . n 
A 1 44  GLU 44  44  44  GLU GLU A . n 
A 1 45  LEU 45  45  45  LEU LEU A . n 
A 1 46  ASN 46  46  46  ASN ASN A . n 
A 1 47  GLU 47  47  47  GLU GLU A . n 
A 1 48  ALA 48  48  48  ALA ALA A . n 
A 1 49  THR 49  49  49  THR THR A . n 
A 1 50  LEU 50  50  50  LEU LEU A . n 
A 1 51  TYR 51  51  51  TYR TYR A . n 
A 1 52  THR 52  52  52  THR THR A . n 
A 1 53  ILE 53  53  53  ILE ILE A . n 
A 1 54  PHE 54  54  54  PHE PHE A . n 
A 1 55  LYS 55  55  55  LYS LYS A . n 
A 1 56  ARG 56  56  56  ARG ARG A . n 
A 1 57  LEU 57  57  57  LEU LEU A . n 
A 1 58  GLU 58  58  58  GLU GLU A . n 
A 1 59  LYS 59  59  59  LYS LYS A . n 
A 1 60  ASP 60  60  60  ASP ASP A . n 
A 1 61  GLY 61  61  61  GLY GLY A . n 
A 1 62  ILE 62  62  62  ILE ILE A . n 
A 1 63  ILE 63  63  63  ILE ILE A . n 
A 1 64  SER 64  64  64  SER SER A . n 
A 1 65  SER 65  65  65  SER SER A . n 
A 1 66  TYR 66  66  66  TYR TYR A . n 
A 1 67  TRP 67  67  67  TRP TRP A . n 
A 1 68  GLY 68  68  68  GLY GLY A . n 
A 1 69  ASP 69  69  69  ASP ASP A . n 
A 1 70  GLU 70  70  ?   ?   ?   A . n 
A 1 71  SER 71  71  ?   ?   ?   A . n 
A 1 72  GLN 72  72  ?   ?   ?   A . n 
A 1 73  GLY 73  73  ?   ?   ?   A . n 
A 1 74  GLY 74  74  ?   ?   ?   A . n 
A 1 75  ARG 75  75  ?   ?   ?   A . n 
A 1 76  ARG 76  76  76  ARG ARG A . n 
A 1 77  LYS 77  77  77  LYS LYS A . n 
A 1 78  TYR 78  78  78  TYR TYR A . n 
A 1 79  TYR 79  79  79  TYR TYR A . n 
A 1 80  ARG 80  80  80  ARG ARG A . n 
A 1 81  LEU 81  81  81  LEU LEU A . n 
A 1 82  THR 82  82  82  THR THR A . n 
A 1 83  GLU 83  83  83  GLU GLU A . n 
A 1 84  ILE 84  84  84  ILE ILE A . n 
A 1 85  GLY 85  85  85  GLY GLY A . n 
A 1 86  HIS 86  86  86  HIS HIS A . n 
A 1 87  GLU 87  87  87  GLU GLU A . n 
A 1 88  ASN 88  88  88  ASN ASN A . n 
A 1 89  MET 89  89  89  MET MET A . n 
A 1 90  ARG 90  90  90  ARG ARG A . n 
A 1 91  LEU 91  91  91  LEU LEU A . n 
A 1 92  ALA 92  92  92  ALA ALA A . n 
A 1 93  PHE 93  93  93  PHE PHE A . n 
A 1 94  GLU 94  94  94  GLU GLU A . n 
A 1 95  SER 95  95  95  SER SER A . n 
A 1 96  TRP 96  96  96  TRP TRP A . n 
A 1 97  SER 97  97  97  SER SER A . n 
A 1 98  ARG 98  98  98  ARG ARG A . n 
A 1 99  VAL 99  99  99  VAL VAL A . n 
A 1 100 ASP 100 100 100 ASP ASP A . n 
A 1 101 LYS 101 101 101 LYS LYS A . n 
A 1 102 ILE 102 102 102 ILE ILE A . n 
A 1 103 ILE 103 103 103 ILE ILE A . n 
A 1 104 GLU 104 104 104 GLU GLU A . n 
A 1 105 ASN 105 105 105 ASN ASN A . n 
A 1 106 LEU 106 106 106 LEU LEU A . n 
A 1 107 GLU 107 107 107 GLU GLU A . n 
A 1 108 ALA 108 108 108 ALA ALA A . n 
A 1 109 ASN 109 109 ?   ?   ?   A . n 
A 1 110 LYS 110 110 ?   ?   ?   A . n 
A 1 111 LYS 111 111 ?   ?   ?   A . n 
A 1 112 SER 112 112 ?   ?   ?   A . n 
A 1 113 GLU 113 113 ?   ?   ?   A . n 
A 1 114 ALA 114 114 ?   ?   ?   A . n 
A 1 115 ILE 115 115 ?   ?   ?   A . n 
A 1 116 LYS 116 116 ?   ?   ?   A . n 
# 
loop_
_pdbx_nonpoly_scheme.asym_id 
_pdbx_nonpoly_scheme.entity_id 
_pdbx_nonpoly_scheme.mon_id 
_pdbx_nonpoly_scheme.ndb_seq_num 
_pdbx_nonpoly_scheme.pdb_seq_num 
_pdbx_nonpoly_scheme.auth_seq_num 
_pdbx_nonpoly_scheme.pdb_mon_id 
_pdbx_nonpoly_scheme.auth_mon_id 
_pdbx_nonpoly_scheme.pdb_strand_id 
_pdbx_nonpoly_scheme.pdb_ins_code 
B 2 RBF 1  201 117 RBF RBF A . 
C 3 HOH 1  301 123 HOH HOH A . 
C 3 HOH 2  302 122 HOH HOH A . 
C 3 HOH 3  303 124 HOH HOH A . 
C 3 HOH 4  304 120 HOH HOH A . 
C 3 HOH 5  305 118 HOH HOH A . 
C 3 HOH 6  306 121 HOH HOH A . 
C 3 HOH 7  307 128 HOH HOH A . 
C 3 HOH 8  308 125 HOH HOH A . 
C 3 HOH 9  309 119 HOH HOH A . 
C 3 HOH 10 310 126 HOH HOH A . 
C 3 HOH 11 311 132 HOH HOH A . 
C 3 HOH 12 312 129 HOH HOH A . 
C 3 HOH 13 313 127 HOH HOH A . 
C 3 HOH 14 314 130 HOH HOH A . 
C 3 HOH 15 315 131 HOH HOH A . 
# 
loop_
_software.citation_id 
_software.classification 
_software.compiler_name 
_software.compiler_version 
_software.contact_author 
_software.contact_author_email 
_software.date 
_software.description 
_software.dependencies 
_software.hardware 
_software.language 
_software.location 
_software.mods 
_software.name 
_software.os 
_software.os_version 
_software.type 
_software.version 
_software.pdbx_ordinal 
? 'data reduction' ? ? ? ? ? ? ? ? ? ? ? MOSFLM ? ? ? .         1 
? 'data scaling'   ? ? ? ? ? ? ? ? ? ? ? SCALA  ? ? ? .         2 
? phasing          ? ? ? ? ? ? ? ? ? ? ? PHASER ? ? ? .         3 
? refinement       ? ? ? ? ? ? ? ? ? ? ? PHENIX ? ? ? 1.7.1_743 4 
# 
_cell.angle_alpha                  90.00 
_cell.angle_alpha_esd              ? 
_cell.angle_beta                   90.00 
_cell.angle_beta_esd               ? 
_cell.angle_gamma                  90.00 
_cell.angle_gamma_esd              ? 
_cell.entry_id                     4ZZD 
_cell.details                      ? 
_cell.formula_units_Z              ? 
_cell.length_a                     35.215 
_cell.length_a_esd                 ? 
_cell.length_b                     35.215 
_cell.length_b_esd                 ? 
_cell.length_c                     179.787 
_cell.length_c_esd                 ? 
_cell.volume                       ? 
_cell.volume_esd                   ? 
_cell.Z_PDB                        8 
_cell.reciprocal_angle_alpha       ? 
_cell.reciprocal_angle_beta        ? 
_cell.reciprocal_angle_gamma       ? 
_cell.reciprocal_angle_alpha_esd   ? 
_cell.reciprocal_angle_beta_esd    ? 
_cell.reciprocal_angle_gamma_esd   ? 
_cell.reciprocal_length_a          ? 
_cell.reciprocal_length_b          ? 
_cell.reciprocal_length_c          ? 
_cell.reciprocal_length_a_esd      ? 
_cell.reciprocal_length_b_esd      ? 
_cell.reciprocal_length_c_esd      ? 
_cell.pdbx_unique_axis             ? 
# 
_symmetry.entry_id                         4ZZD 
_symmetry.cell_setting                     ? 
_symmetry.Int_Tables_number                96 
_symmetry.space_group_name_Hall            ? 
_symmetry.space_group_name_H-M             'P 43 21 2' 
_symmetry.pdbx_full_space_group_name_H-M   ? 
# 
_exptl.absorpt_coefficient_mu     ? 
_exptl.absorpt_correction_T_max   ? 
_exptl.absorpt_correction_T_min   ? 
_exptl.absorpt_correction_type    ? 
_exptl.absorpt_process_details    ? 
_exptl.entry_id                   4ZZD 
_exptl.crystals_number            1 
_exptl.details                    ? 
_exptl.method                     'X-RAY DIFFRACTION' 
_exptl.method_details             ? 
# 
_exptl_crystal.colour                      ? 
_exptl_crystal.density_diffrn              ? 
_exptl_crystal.density_Matthews            2.07 
_exptl_crystal.density_method              ? 
_exptl_crystal.density_percent_sol         40.51 
_exptl_crystal.description                 ? 
_exptl_crystal.F_000                       ? 
_exptl_crystal.id                          1 
_exptl_crystal.preparation                 ? 
_exptl_crystal.size_max                    ? 
_exptl_crystal.size_mid                    ? 
_exptl_crystal.size_min                    ? 
_exptl_crystal.size_rad                    ? 
_exptl_crystal.colour_lustre               ? 
_exptl_crystal.colour_modifier             ? 
_exptl_crystal.colour_primary              ? 
_exptl_crystal.density_meas                ? 
_exptl_crystal.density_meas_esd            ? 
_exptl_crystal.density_meas_gt             ? 
_exptl_crystal.density_meas_lt             ? 
_exptl_crystal.density_meas_temp           ? 
_exptl_crystal.density_meas_temp_esd       ? 
_exptl_crystal.density_meas_temp_gt        ? 
_exptl_crystal.density_meas_temp_lt        ? 
_exptl_crystal.pdbx_crystal_image_url      ? 
_exptl_crystal.pdbx_crystal_image_format   ? 
_exptl_crystal.pdbx_mosaicity              ? 
_exptl_crystal.pdbx_mosaicity_esd          ? 
# 
_exptl_crystal_grow.apparatus       ? 
_exptl_crystal_grow.atmosphere      ? 
_exptl_crystal_grow.crystal_id      1 
_exptl_crystal_grow.details         ? 
_exptl_crystal_grow.method          'VAPOR DIFFUSION, SITTING DROP' 
_exptl_crystal_grow.method_ref      ? 
_exptl_crystal_grow.pH              8.0 
_exptl_crystal_grow.pressure        ? 
_exptl_crystal_grow.pressure_esd    ? 
_exptl_crystal_grow.seeding         ? 
_exptl_crystal_grow.seeding_ref     ? 
_exptl_crystal_grow.temp            295 
_exptl_crystal_grow.temp_details    ? 
_exptl_crystal_grow.temp_esd        ? 
_exptl_crystal_grow.time            ? 
_exptl_crystal_grow.pdbx_details    
;0.1M TRIS-HCL, 17% PEG 2000 MME, 0.2M
 TRI-METHYLAMINE N-OXIDE
;
_exptl_crystal_grow.pdbx_pH_range   ? 
# 
_diffrn.ambient_environment    ? 
_diffrn.ambient_temp           100 
_diffrn.ambient_temp_details   ? 
_diffrn.ambient_temp_esd       ? 
_diffrn.crystal_id             1 
_diffrn.crystal_support        ? 
_diffrn.crystal_treatment      ? 
_diffrn.details                ? 
_diffrn.id                     1 
_diffrn.ambient_pressure       ? 
_diffrn.ambient_pressure_esd   ? 
_diffrn.ambient_pressure_gt    ? 
_diffrn.ambient_pressure_lt    ? 
_diffrn.ambient_temp_gt        ? 
_diffrn.ambient_temp_lt        ? 
# 
_diffrn_detector.details                      ? 
_diffrn_detector.detector                     CCD 
_diffrn_detector.diffrn_id                    1 
_diffrn_detector.type                         'MARMOSAIC 225 mm CCD' 
_diffrn_detector.area_resol_mean              ? 
_diffrn_detector.dtime                        ? 
_diffrn_detector.pdbx_frames_total            ? 
_diffrn_detector.pdbx_collection_time_total   ? 
_diffrn_detector.pdbx_collection_date         2008-10-05 
# 
_diffrn_radiation.collimation                      ? 
_diffrn_radiation.diffrn_id                        1 
_diffrn_radiation.filter_edge                      ? 
_diffrn_radiation.inhomogeneity                    ? 
_diffrn_radiation.monochromator                    'SI (111)' 
_diffrn_radiation.polarisn_norm                    ? 
_diffrn_radiation.polarisn_ratio                   ? 
_diffrn_radiation.probe                            ? 
_diffrn_radiation.type                             ? 
_diffrn_radiation.xray_symbol                      ? 
_diffrn_radiation.wavelength_id                    1 
_diffrn_radiation.pdbx_monochromatic_or_laue_m_l   M 
_diffrn_radiation.pdbx_wavelength_list             ? 
_diffrn_radiation.pdbx_wavelength                  ? 
_diffrn_radiation.pdbx_diffrn_protocol             'SINGLE WAVELENGTH' 
_diffrn_radiation.pdbx_analyzer                    ? 
_diffrn_radiation.pdbx_scattering_type             x-ray 
# 
_diffrn_radiation_wavelength.id           1 
_diffrn_radiation_wavelength.wavelength   0.8726 
_diffrn_radiation_wavelength.wt           1.0 
# 
_diffrn_source.current                     ? 
_diffrn_source.details                     ? 
_diffrn_source.diffrn_id                   1 
_diffrn_source.power                       ? 
_diffrn_source.size                        ? 
_diffrn_source.source                      SYNCHROTRON 
_diffrn_source.target                      ? 
_diffrn_source.type                        'ESRF BEAMLINE ID23-2' 
_diffrn_source.voltage                     ? 
_diffrn_source.take-off_angle              ? 
_diffrn_source.pdbx_wavelength_list        0.8726 
_diffrn_source.pdbx_wavelength             ? 
_diffrn_source.pdbx_synchrotron_beamline   ID23-2 
_diffrn_source.pdbx_synchrotron_site       ESRF 
# 
_reflns.B_iso_Wilson_estimate            36.30 
_reflns.entry_id                         4ZZD 
_reflns.data_reduction_details           ? 
_reflns.data_reduction_method            ? 
_reflns.d_resolution_high                2.351 
_reflns.d_resolution_low                 34.500 
_reflns.details                          ? 
_reflns.limit_h_max                      ? 
_reflns.limit_h_min                      ? 
_reflns.limit_k_max                      ? 
_reflns.limit_k_min                      ? 
_reflns.limit_l_max                      ? 
_reflns.limit_l_min                      ? 
_reflns.number_all                       ? 
_reflns.number_obs                       5144 
_reflns.observed_criterion               ? 
_reflns.observed_criterion_F_max         ? 
_reflns.observed_criterion_F_min         ? 
_reflns.observed_criterion_I_max         ? 
_reflns.observed_criterion_I_min         ? 
_reflns.observed_criterion_sigma_F       ? 
_reflns.observed_criterion_sigma_I       2.000 
_reflns.percent_possible_obs             99.0 
_reflns.R_free_details                   ? 
_reflns.Rmerge_F_all                     ? 
_reflns.Rmerge_F_obs                     ? 
_reflns.Friedel_coverage                 ? 
_reflns.number_gt                        ? 
_reflns.threshold_expression             ? 
_reflns.pdbx_redundancy                  3.300 
_reflns.pdbx_Rmerge_I_obs                0.06000 
_reflns.pdbx_Rmerge_I_all                ? 
_reflns.pdbx_Rsym_value                  ? 
_reflns.pdbx_netI_over_av_sigmaI         ? 
_reflns.pdbx_netI_over_sigmaI            15.3000 
_reflns.pdbx_res_netI_over_av_sigmaI_2   ? 
_reflns.pdbx_res_netI_over_sigmaI_2      ? 
_reflns.pdbx_chi_squared                 ? 
_reflns.pdbx_scaling_rejects             ? 
_reflns.pdbx_d_res_high_opt              ? 
_reflns.pdbx_d_res_low_opt               ? 
_reflns.pdbx_d_res_opt_method            ? 
_reflns.phase_calculation_details        ? 
_reflns.pdbx_Rrim_I_all                  ? 
_reflns.pdbx_Rpim_I_all                  ? 
_reflns.pdbx_d_opt                       ? 
_reflns.pdbx_number_measured_all         ? 
_reflns.pdbx_diffrn_id                   1 
_reflns.pdbx_ordinal                     1 
_reflns.pdbx_CC_half                     ? 
_reflns.pdbx_R_split                     ? 
# 
_reflns_shell.d_res_high                  2.35 
_reflns_shell.d_res_low                   2.53 
_reflns_shell.meanI_over_sigI_all         ? 
_reflns_shell.meanI_over_sigI_obs         3.200 
_reflns_shell.number_measured_all         ? 
_reflns_shell.number_measured_obs         ? 
_reflns_shell.number_possible             ? 
_reflns_shell.number_unique_all           ? 
_reflns_shell.number_unique_obs           ? 
_reflns_shell.percent_possible_all        99.3 
_reflns_shell.percent_possible_obs        ? 
_reflns_shell.Rmerge_F_all                ? 
_reflns_shell.Rmerge_F_obs                ? 
_reflns_shell.Rmerge_I_all                ? 
_reflns_shell.Rmerge_I_obs                0.40000 
_reflns_shell.meanI_over_sigI_gt          ? 
_reflns_shell.meanI_over_uI_all           ? 
_reflns_shell.meanI_over_uI_gt            ? 
_reflns_shell.number_measured_gt          ? 
_reflns_shell.number_unique_gt            ? 
_reflns_shell.percent_possible_gt         ? 
_reflns_shell.Rmerge_F_gt                 ? 
_reflns_shell.Rmerge_I_gt                 ? 
_reflns_shell.pdbx_redundancy             3.40 
_reflns_shell.pdbx_Rsym_value             ? 
_reflns_shell.pdbx_chi_squared            ? 
_reflns_shell.pdbx_netI_over_sigmaI_all   ? 
_reflns_shell.pdbx_netI_over_sigmaI_obs   ? 
_reflns_shell.pdbx_Rrim_I_all             ? 
_reflns_shell.pdbx_Rpim_I_all             ? 
_reflns_shell.pdbx_rejects                ? 
_reflns_shell.pdbx_ordinal                1 
_reflns_shell.pdbx_diffrn_id              1 
_reflns_shell.pdbx_CC_half                ? 
_reflns_shell.pdbx_R_split                ? 
# 
_refine.aniso_B[1][1]                            0.58710 
_refine.aniso_B[1][2]                            0.00000 
_refine.aniso_B[1][3]                            -0.00000 
_refine.aniso_B[2][2]                            0.58710 
_refine.aniso_B[2][3]                            0.00000 
_refine.aniso_B[3][3]                            -1.17420 
_refine.B_iso_max                                ? 
_refine.B_iso_mean                               ? 
_refine.B_iso_min                                ? 
_refine.correlation_coeff_Fo_to_Fc               ? 
_refine.correlation_coeff_Fo_to_Fc_free          ? 
_refine.details                                  ? 
_refine.diff_density_max                         ? 
_refine.diff_density_max_esd                     ? 
_refine.diff_density_min                         ? 
_refine.diff_density_min_esd                     ? 
_refine.diff_density_rms                         ? 
_refine.diff_density_rms_esd                     ? 
_refine.entry_id                                 4ZZD 
_refine.pdbx_refine_id                           'X-RAY DIFFRACTION' 
_refine.ls_abs_structure_details                 ? 
_refine.ls_abs_structure_Flack                   ? 
_refine.ls_abs_structure_Flack_esd               ? 
_refine.ls_abs_structure_Rogers                  ? 
_refine.ls_abs_structure_Rogers_esd              ? 
_refine.ls_d_res_high                            2.351 
_refine.ls_d_res_low                             30.36 
_refine.ls_extinction_coef                       ? 
_refine.ls_extinction_coef_esd                   ? 
_refine.ls_extinction_expression                 ? 
_refine.ls_extinction_method                     ? 
_refine.ls_goodness_of_fit_all                   ? 
_refine.ls_goodness_of_fit_all_esd               ? 
_refine.ls_goodness_of_fit_obs                   ? 
_refine.ls_goodness_of_fit_obs_esd               ? 
_refine.ls_hydrogen_treatment                    ? 
_refine.ls_matrix_type                           ? 
_refine.ls_number_constraints                    ? 
_refine.ls_number_parameters                     ? 
_refine.ls_number_reflns_all                     ? 
_refine.ls_number_reflns_obs                     5144 
_refine.ls_number_reflns_R_free                  237 
_refine.ls_number_reflns_R_work                  ? 
_refine.ls_number_restraints                     ? 
_refine.ls_percent_reflns_obs                    97.7 
_refine.ls_percent_reflns_R_free                 4.610 
_refine.ls_R_factor_all                          ? 
_refine.ls_R_factor_obs                          0.210 
_refine.ls_R_factor_R_free                       0.269 
_refine.ls_R_factor_R_free_error                 ? 
_refine.ls_R_factor_R_free_error_details         ? 
_refine.ls_R_factor_R_work                       0.206 
_refine.ls_R_Fsqd_factor_obs                     ? 
_refine.ls_R_I_factor_obs                        ? 
_refine.ls_redundancy_reflns_all                 ? 
_refine.ls_redundancy_reflns_obs                 ? 
_refine.ls_restrained_S_all                      ? 
_refine.ls_restrained_S_obs                      ? 
_refine.ls_shift_over_esd_max                    ? 
_refine.ls_shift_over_esd_mean                   ? 
_refine.ls_structure_factor_coef                 ? 
_refine.ls_weighting_details                     ? 
_refine.ls_weighting_scheme                      ? 
_refine.ls_wR_factor_all                         ? 
_refine.ls_wR_factor_obs                         ? 
_refine.ls_wR_factor_R_free                      ? 
_refine.ls_wR_factor_R_work                      ? 
_refine.occupancy_max                            ? 
_refine.occupancy_min                            ? 
_refine.solvent_model_details                    'FLAT BULK SOLVENT MODEL' 
_refine.solvent_model_param_bsol                 41.06 
_refine.solvent_model_param_ksol                 0.33 
_refine.ls_R_factor_gt                           ? 
_refine.ls_goodness_of_fit_gt                    ? 
_refine.ls_goodness_of_fit_ref                   ? 
_refine.ls_shift_over_su_max                     ? 
_refine.ls_shift_over_su_max_lt                  ? 
_refine.ls_shift_over_su_mean                    ? 
_refine.ls_shift_over_su_mean_lt                 ? 
_refine.pdbx_ls_sigma_I                          ? 
_refine.pdbx_ls_sigma_F                          1.360 
_refine.pdbx_ls_sigma_Fsqd                       ? 
_refine.pdbx_data_cutoff_high_absF               ? 
_refine.pdbx_data_cutoff_high_rms_absF           ? 
_refine.pdbx_data_cutoff_low_absF                ? 
_refine.pdbx_isotropic_thermal_model             ? 
_refine.pdbx_ls_cross_valid_method               'FREE R-VALUE' 
_refine.pdbx_method_to_determine_struct          'MOLECULAR REPLACEMENT' 
_refine.pdbx_starting_model                      ? 
_refine.pdbx_stereochemistry_target_values       ML 
_refine.pdbx_R_Free_selection_details            'Random selection' 
_refine.pdbx_stereochem_target_val_spec_case     ? 
_refine.pdbx_overall_ESU_R                       ? 
_refine.pdbx_overall_ESU_R_Free                  ? 
_refine.pdbx_solvent_vdw_probe_radii             1.00 
_refine.pdbx_solvent_ion_probe_radii             ? 
_refine.pdbx_solvent_shrinkage_radii             0.72 
_refine.pdbx_real_space_R                        ? 
_refine.pdbx_density_correlation                 ? 
_refine.pdbx_pd_number_of_powder_patterns        ? 
_refine.pdbx_pd_number_of_points                 ? 
_refine.pdbx_pd_meas_number_of_points            ? 
_refine.pdbx_pd_proc_ls_prof_R_factor            ? 
_refine.pdbx_pd_proc_ls_prof_wR_factor           ? 
_refine.pdbx_pd_Marquardt_correlation_coeff      ? 
_refine.pdbx_pd_Fsqrd_R_factor                   ? 
_refine.pdbx_pd_ls_matrix_band_width             ? 
_refine.pdbx_overall_phase_error                 29.480 
_refine.pdbx_overall_SU_R_free_Cruickshank_DPI   ? 
_refine.pdbx_overall_SU_R_free_Blow_DPI          ? 
_refine.pdbx_overall_SU_R_Blow_DPI               ? 
_refine.pdbx_TLS_residual_ADP_flag               ? 
_refine.pdbx_diffrn_id                           1 
_refine.overall_SU_B                             ? 
_refine.overall_SU_ML                            0.470 
_refine.overall_SU_R_Cruickshank_DPI             ? 
_refine.overall_SU_R_free                        ? 
_refine.overall_FOM_free_R_set                   ? 
_refine.overall_FOM_work_R_set                   ? 
_refine.pdbx_average_fsc_overall                 ? 
_refine.pdbx_average_fsc_work                    ? 
_refine.pdbx_average_fsc_free                    ? 
# 
_refine_hist.pdbx_refine_id                   'X-RAY DIFFRACTION' 
_refine_hist.cycle_id                         LAST 
_refine_hist.pdbx_number_atoms_protein        809 
_refine_hist.pdbx_number_atoms_nucleic_acid   0 
_refine_hist.pdbx_number_atoms_ligand         27 
_refine_hist.number_atoms_solvent             15 
_refine_hist.number_atoms_total               851 
_refine_hist.d_res_high                       2.351 
_refine_hist.d_res_low                        30.36 
# 
loop_
_refine_ls_restr.pdbx_refine_id 
_refine_ls_restr.criterion 
_refine_ls_restr.dev_ideal 
_refine_ls_restr.dev_ideal_target 
_refine_ls_restr.number 
_refine_ls_restr.rejects 
_refine_ls_restr.type 
_refine_ls_restr.weight 
_refine_ls_restr.pdbx_restraint_function 
'X-RAY DIFFRACTION' ? 0.008  ? 879  ? f_bond_d           ? ? 
'X-RAY DIFFRACTION' ? 1.013  ? 1187 ? f_angle_d          ? ? 
'X-RAY DIFFRACTION' ? 19.505 ? 324  ? f_dihedral_angle_d ? ? 
'X-RAY DIFFRACTION' ? 0.073  ? 126  ? f_chiral_restr     ? ? 
'X-RAY DIFFRACTION' ? 0.003  ? 140  ? f_plane_restr      ? ? 
# 
loop_
_refine_ls_shell.pdbx_refine_id 
_refine_ls_shell.d_res_high 
_refine_ls_shell.d_res_low 
_refine_ls_shell.number_reflns_all 
_refine_ls_shell.number_reflns_obs 
_refine_ls_shell.number_reflns_R_free 
_refine_ls_shell.number_reflns_R_work 
_refine_ls_shell.percent_reflns_obs 
_refine_ls_shell.percent_reflns_R_free 
_refine_ls_shell.R_factor_all 
_refine_ls_shell.R_factor_obs 
_refine_ls_shell.R_factor_R_free 
_refine_ls_shell.R_factor_R_free_error 
_refine_ls_shell.R_factor_R_work 
_refine_ls_shell.redundancy_reflns_all 
_refine_ls_shell.redundancy_reflns_obs 
_refine_ls_shell.wR_factor_all 
_refine_ls_shell.wR_factor_obs 
_refine_ls_shell.wR_factor_R_free 
_refine_ls_shell.wR_factor_R_work 
_refine_ls_shell.pdbx_total_number_of_bins_used 
_refine_ls_shell.pdbx_phase_error 
_refine_ls_shell.pdbx_fsc_work 
_refine_ls_shell.pdbx_fsc_free 
'X-RAY DIFFRACTION' 2.3510 2.9610  . . 115 2361 98.00 . . . 0.3657 . 0.2273 . . . . . . . . . . 
'X-RAY DIFFRACTION' 2.9610 30.3638 . . 122 2546 98.00 . . . 0.2386 . 0.1988 . . . . . . . . . . 
# 
_struct.entry_id                     4ZZD 
_struct.title                        'CRYSTAL STRUCTURE OF MULTIDRUG RESISTANCE REGULATOR LMRR BOUND TO RIBOFLAVIN' 
_struct.pdbx_model_details           ? 
_struct.pdbx_formula_weight          ? 
_struct.pdbx_formula_weight_method   ? 
_struct.pdbx_model_type_details      ? 
_struct.pdbx_CASP_flag               ? 
# 
_struct_keywords.entry_id        4ZZD 
_struct_keywords.text            
'WINGED HELIX TURN HELIX, TRANSCRIPTION REGULATOR, MULTIDRUG BINDING, INTRACELLULAR, TRANSCRIPTION' 
_struct_keywords.pdbx_keywords   TRANSCRIPTION 
# 
loop_
_struct_asym.id 
_struct_asym.pdbx_blank_PDB_chainid_flag 
_struct_asym.pdbx_modified 
_struct_asym.entity_id 
_struct_asym.details 
A N N 1 ? 
B N N 2 ? 
C N N 3 ? 
# 
_struct_ref.id                         1 
_struct_ref.db_name                    UNP 
_struct_ref.db_code                    A2RI36_LACLM 
_struct_ref.pdbx_db_accession          A2RI36 
_struct_ref.pdbx_db_isoform            ? 
_struct_ref.entity_id                  1 
_struct_ref.pdbx_seq_one_letter_code   
;MAEIPKEMLRAQTNVILLNVLKQGDNYVYGIIKQVKEASNGEMELNEATLYTIFKRLEKDGIISSYWGDESQGGRRKYYR
LTEIGHENMRLAFESWSRVDKIIENLEANKKSEAIK
;
_struct_ref.pdbx_align_begin           1 
# 
_struct_ref_seq.align_id                      1 
_struct_ref_seq.ref_id                        1 
_struct_ref_seq.pdbx_PDB_id_code              4ZZD 
_struct_ref_seq.pdbx_strand_id                A 
_struct_ref_seq.seq_align_beg                 1 
_struct_ref_seq.pdbx_seq_align_beg_ins_code   ? 
_struct_ref_seq.seq_align_end                 116 
_struct_ref_seq.pdbx_seq_align_end_ins_code   ? 
_struct_ref_seq.pdbx_db_accession             A2RI36 
_struct_ref_seq.db_align_beg                  1 
_struct_ref_seq.pdbx_db_align_beg_ins_code    ? 
_struct_ref_seq.db_align_end                  116 
_struct_ref_seq.pdbx_db_align_end_ins_code    ? 
_struct_ref_seq.pdbx_auth_seq_align_beg       1 
_struct_ref_seq.pdbx_auth_seq_align_end       116 
# 
_pdbx_struct_assembly.id                   1 
_pdbx_struct_assembly.details              author_and_software_defined_assembly 
_pdbx_struct_assembly.method_details       PISA 
_pdbx_struct_assembly.oligomeric_details   dimeric 
_pdbx_struct_assembly.oligomeric_count     2 
# 
loop_
_pdbx_struct_assembly_prop.biol_id 
_pdbx_struct_assembly_prop.type 
_pdbx_struct_assembly_prop.value 
_pdbx_struct_assembly_prop.details 
1 'ABSA (A^2)' 3960  ? 
1 MORE         -25   ? 
1 'SSA (A^2)'  11800 ? 
# 
_pdbx_struct_assembly_gen.assembly_id       1 
_pdbx_struct_assembly_gen.oper_expression   1,2 
_pdbx_struct_assembly_gen.asym_id_list      A,B,C 
# 
loop_
_pdbx_struct_oper_list.id 
_pdbx_struct_oper_list.type 
_pdbx_struct_oper_list.name 
_pdbx_struct_oper_list.symmetry_operation 
_pdbx_struct_oper_list.matrix[1][1] 
_pdbx_struct_oper_list.matrix[1][2] 
_pdbx_struct_oper_list.matrix[1][3] 
_pdbx_struct_oper_list.vector[1] 
_pdbx_struct_oper_list.matrix[2][1] 
_pdbx_struct_oper_list.matrix[2][2] 
_pdbx_struct_oper_list.matrix[2][3] 
_pdbx_struct_oper_list.vector[2] 
_pdbx_struct_oper_list.matrix[3][1] 
_pdbx_struct_oper_list.matrix[3][2] 
_pdbx_struct_oper_list.matrix[3][3] 
_pdbx_struct_oper_list.vector[3] 
1 'identity operation'         1_555 x,y,z    1.0000000000  0.0000000000 0.0000000000  0.0000000000   0.0000000000 1.0000000000  0.0000000000  0.0000000000  0.0000000000  0.0000000000  1.0000000000 0.0000000000  
2 'crystal symmetry operation' 7_556 y,x,-z+1 -0.4559394455 0.3182644797 -0.8311599984 -13.6242129182 0.3182644797 -0.8138216818 -0.4862118789 19.9365304401 -0.8311599984 -0.4862118789 0.2697611273 -1.2841177981 
# 
loop_
_struct_conf.conf_type_id 
_struct_conf.id 
_struct_conf.pdbx_PDB_helix_id 
_struct_conf.beg_label_comp_id 
_struct_conf.beg_label_asym_id 
_struct_conf.beg_label_seq_id 
_struct_conf.pdbx_beg_PDB_ins_code 
_struct_conf.end_label_comp_id 
_struct_conf.end_label_asym_id 
_struct_conf.end_label_seq_id 
_struct_conf.pdbx_end_PDB_ins_code 
_struct_conf.beg_auth_comp_id 
_struct_conf.beg_auth_asym_id 
_struct_conf.beg_auth_seq_id 
_struct_conf.end_auth_comp_id 
_struct_conf.end_auth_asym_id 
_struct_conf.end_auth_seq_id 
_struct_conf.pdbx_PDB_helix_class 
_struct_conf.details 
_struct_conf.pdbx_PDB_helix_length 
HELX_P HELX_P1 AA1 PRO A 5  ? GLY A 24  ? PRO A 5  GLY A 24  1 ? 20 
HELX_P HELX_P2 AA2 VAL A 28 ? SER A 39  ? VAL A 28 SER A 39  1 ? 12 
HELX_P HELX_P3 AA3 ASN A 46 ? ASP A 60  ? ASN A 46 ASP A 60  1 ? 15 
HELX_P HELX_P4 AA4 THR A 82 ? ALA A 108 ? THR A 82 ALA A 108 1 ? 27 
# 
_struct_conf_type.id          HELX_P 
_struct_conf_type.criteria    ? 
_struct_conf_type.reference   ? 
# 
_struct_sheet.id               AA1 
_struct_sheet.type             ? 
_struct_sheet.number_strands   3 
_struct_sheet.details          ? 
# 
loop_
_struct_sheet_order.sheet_id 
_struct_sheet_order.range_id_1 
_struct_sheet_order.range_id_2 
_struct_sheet_order.offset 
_struct_sheet_order.sense 
AA1 1 2 ? anti-parallel 
AA1 2 3 ? anti-parallel 
# 
loop_
_struct_sheet_range.sheet_id 
_struct_sheet_range.id 
_struct_sheet_range.beg_label_comp_id 
_struct_sheet_range.beg_label_asym_id 
_struct_sheet_range.beg_label_seq_id 
_struct_sheet_range.pdbx_beg_PDB_ins_code 
_struct_sheet_range.end_label_comp_id 
_struct_sheet_range.end_label_asym_id 
_struct_sheet_range.end_label_seq_id 
_struct_sheet_range.pdbx_end_PDB_ins_code 
_struct_sheet_range.beg_auth_comp_id 
_struct_sheet_range.beg_auth_asym_id 
_struct_sheet_range.beg_auth_seq_id 
_struct_sheet_range.end_auth_comp_id 
_struct_sheet_range.end_auth_asym_id 
_struct_sheet_range.end_auth_seq_id 
AA1 1 ASN A 26 ? TYR A 27 ? ASN A 26 TYR A 27 
AA1 2 LYS A 77 ? LEU A 81 ? LYS A 77 LEU A 81 
AA1 3 ILE A 63 ? TRP A 67 ? ILE A 63 TRP A 67 
# 
loop_
_pdbx_struct_sheet_hbond.sheet_id 
_pdbx_struct_sheet_hbond.range_id_1 
_pdbx_struct_sheet_hbond.range_id_2 
_pdbx_struct_sheet_hbond.range_1_label_atom_id 
_pdbx_struct_sheet_hbond.range_1_label_comp_id 
_pdbx_struct_sheet_hbond.range_1_label_asym_id 
_pdbx_struct_sheet_hbond.range_1_label_seq_id 
_pdbx_struct_sheet_hbond.range_1_PDB_ins_code 
_pdbx_struct_sheet_hbond.range_1_auth_atom_id 
_pdbx_struct_sheet_hbond.range_1_auth_comp_id 
_pdbx_struct_sheet_hbond.range_1_auth_asym_id 
_pdbx_struct_sheet_hbond.range_1_auth_seq_id 
_pdbx_struct_sheet_hbond.range_2_label_atom_id 
_pdbx_struct_sheet_hbond.range_2_label_comp_id 
_pdbx_struct_sheet_hbond.range_2_label_asym_id 
_pdbx_struct_sheet_hbond.range_2_label_seq_id 
_pdbx_struct_sheet_hbond.range_2_PDB_ins_code 
_pdbx_struct_sheet_hbond.range_2_auth_atom_id 
_pdbx_struct_sheet_hbond.range_2_auth_comp_id 
_pdbx_struct_sheet_hbond.range_2_auth_asym_id 
_pdbx_struct_sheet_hbond.range_2_auth_seq_id 
AA1 1 2 N ASN A 26 ? N ASN A 26 O TYR A 79 ? O TYR A 79 
AA1 2 3 O TYR A 78 ? O TYR A 78 N TYR A 66 ? N TYR A 66 
# 
_struct_site.id                   AC1 
_struct_site.pdbx_evidence_code   Software 
_struct_site.pdbx_auth_asym_id    A 
_struct_site.pdbx_auth_comp_id    RBF 
_struct_site.pdbx_auth_seq_id     201 
_struct_site.pdbx_auth_ins_code   ? 
_struct_site.pdbx_num_residues    7 
_struct_site.details              'binding site for residue RBF A 201' 
# 
loop_
_struct_site_gen.id 
_struct_site_gen.site_id 
_struct_site_gen.pdbx_num_res 
_struct_site_gen.label_comp_id 
_struct_site_gen.label_asym_id 
_struct_site_gen.label_seq_id 
_struct_site_gen.pdbx_auth_ins_code 
_struct_site_gen.auth_comp_id 
_struct_site_gen.auth_asym_id 
_struct_site_gen.auth_seq_id 
_struct_site_gen.label_atom_id 
_struct_site_gen.label_alt_id 
_struct_site_gen.symmetry 
_struct_site_gen.details 
1 AC1 7 ALA A 11  ? ALA A 11  . ? 1_555 ? 
2 AC1 7 VAL A 15  ? VAL A 15  . ? 7_556 ? 
3 AC1 7 VAL A 15  ? VAL A 15  . ? 1_555 ? 
4 AC1 7 TRP A 96  ? TRP A 96  . ? 7_556 ? 
5 AC1 7 TRP A 96  ? TRP A 96  . ? 1_555 ? 
6 AC1 7 ASP A 100 ? ASP A 100 . ? 7_556 ? 
7 AC1 7 ASP A 100 ? ASP A 100 . ? 1_555 ? 
# 
_pdbx_point_symmetry.entry_id             4ZZD 
_pdbx_point_symmetry.Schoenflies_symbol   C 
_pdbx_point_symmetry.circular_symmetry    2 
_pdbx_point_symmetry.H-M_notation         ? 
# 
loop_
_pdbx_struct_special_symmetry.id 
_pdbx_struct_special_symmetry.PDB_model_num 
_pdbx_struct_special_symmetry.auth_asym_id 
_pdbx_struct_special_symmetry.auth_comp_id 
_pdbx_struct_special_symmetry.auth_seq_id 
_pdbx_struct_special_symmetry.PDB_ins_code 
_pdbx_struct_special_symmetry.label_asym_id 
_pdbx_struct_special_symmetry.label_comp_id 
_pdbx_struct_special_symmetry.label_seq_id 
1 1 A RBF 201 ? B RBF . 
2 1 A RBF 201 ? B RBF . 
# 
loop_
_pdbx_refine_tls.id 
_pdbx_refine_tls.pdbx_refine_id 
_pdbx_refine_tls.details 
_pdbx_refine_tls.method 
_pdbx_refine_tls.origin_x 
_pdbx_refine_tls.origin_y 
_pdbx_refine_tls.origin_z 
_pdbx_refine_tls.T[1][1] 
_pdbx_refine_tls.T[1][1]_esd 
_pdbx_refine_tls.T[1][2] 
_pdbx_refine_tls.T[1][2]_esd 
_pdbx_refine_tls.T[1][3] 
_pdbx_refine_tls.T[1][3]_esd 
_pdbx_refine_tls.T[2][2] 
_pdbx_refine_tls.T[2][2]_esd 
_pdbx_refine_tls.T[2][3] 
_pdbx_refine_tls.T[2][3]_esd 
_pdbx_refine_tls.T[3][3] 
_pdbx_refine_tls.T[3][3]_esd 
_pdbx_refine_tls.L[1][1] 
_pdbx_refine_tls.L[1][1]_esd 
_pdbx_refine_tls.L[1][2] 
_pdbx_refine_tls.L[1][2]_esd 
_pdbx_refine_tls.L[1][3] 
_pdbx_refine_tls.L[1][3]_esd 
_pdbx_refine_tls.L[2][2] 
_pdbx_refine_tls.L[2][2]_esd 
_pdbx_refine_tls.L[2][3] 
_pdbx_refine_tls.L[2][3]_esd 
_pdbx_refine_tls.L[3][3] 
_pdbx_refine_tls.L[3][3]_esd 
_pdbx_refine_tls.S[1][1] 
_pdbx_refine_tls.S[1][1]_esd 
_pdbx_refine_tls.S[1][2] 
_pdbx_refine_tls.S[1][2]_esd 
_pdbx_refine_tls.S[1][3] 
_pdbx_refine_tls.S[1][3]_esd 
_pdbx_refine_tls.S[2][1] 
_pdbx_refine_tls.S[2][1]_esd 
_pdbx_refine_tls.S[2][2] 
_pdbx_refine_tls.S[2][2]_esd 
_pdbx_refine_tls.S[2][3] 
_pdbx_refine_tls.S[2][3]_esd 
_pdbx_refine_tls.S[3][1] 
_pdbx_refine_tls.S[3][1]_esd 
_pdbx_refine_tls.S[3][2] 
_pdbx_refine_tls.S[3][2]_esd 
_pdbx_refine_tls.S[3][3] 
_pdbx_refine_tls.S[3][3]_esd 
1 'X-RAY DIFFRACTION' ? refined -0.6222 3.5847   2.3298  0.2919 ? 0.0486  ? 0.0588 ? 0.1823  ? 0.0765  ? 0.3372 ? 1.9206 ? 1.1737  ? -0.3147 ? 10.7553 ? 3.0521  ? 1.6445 ? -0.0119 ? -0.1682 ? 0.0465  ? 0.1519  ? -0.0430 ? 0.8279  ? -0.4181 ? 0.0272  ? -0.0398 ? 
2 'X-RAY DIFFRACTION' ? refined 10.7305 0.2655   3.2000  0.2454 ? -0.0646 ? 0.0480 ? 0.1856  ? -0.0509 ? 0.3362 ? 2.3262 ? 0.5694  ? 1.4751  ? 6.2262  ? 0.5564  ? 4.5740 ? 0.3496  ? -0.1845 ? 0.4594  ? 0.6943  ? -0.0510 ? -0.8576 ? -0.3587 ? 0.5816  ? 0.0029  ? 
3 'X-RAY DIFFRACTION' ? refined -1.5415 -5.4055  9.0749  0.2496 ? -0.0376 ? 0.0731 ? 0.0862  ? 0.0335  ? 0.1983 ? 4.3468 ? -0.7617 ? 3.2066  ? 4.1144  ? 0.4716  ? 4.1751 ? 0.0613  ? -0.3367 ? 0.2767  ? 0.6709  ? -0.1222 ? -0.1618 ? -0.0641 ? -0.2220 ? 0.0449  ? 
4 'X-RAY DIFFRACTION' ? refined 1.6942  -13.2319 1.9860  0.4665 ? 0.0083  ? 0.0009 ? -0.0729 ? 0.0318  ? 0.1580 ? 2.4117 ? 0.9510  ? 0.0848  ? 2.9234  ? -0.6987 ? 1.2155 ? 0.2401  ? -0.2221 ? -0.1430 ? 0.0393  ? 0.1301  ? -0.2681 ? 0.2825  ? 0.0215  ? 0.0338  ? 
5 'X-RAY DIFFRACTION' ? refined -8.6276 7.7446   -9.9067 0.3814 ? 0.0952  ? 0.0800 ? 0.3460  ? -0.0078 ? 0.2027 ? 0.7978 ? -0.8255 ? 0.4918  ? 7.7066  ? -1.2042 ? 1.2354 ? -0.0720 ? 0.3821  ? 0.0391  ? -1.0693 ? 0.0962  ? -0.4032 ? 0.1465  ? 0.1384  ? -0.5171 ? 
# 
loop_
_pdbx_refine_tls_group.id 
_pdbx_refine_tls_group.pdbx_refine_id 
_pdbx_refine_tls_group.refine_tls_id 
_pdbx_refine_tls_group.beg_label_asym_id 
_pdbx_refine_tls_group.beg_label_seq_id 
_pdbx_refine_tls_group.beg_auth_asym_id 
_pdbx_refine_tls_group.beg_auth_seq_id 
_pdbx_refine_tls_group.end_label_asym_id 
_pdbx_refine_tls_group.end_label_seq_id 
_pdbx_refine_tls_group.end_auth_asym_id 
_pdbx_refine_tls_group.end_auth_seq_id 
_pdbx_refine_tls_group.selection 
_pdbx_refine_tls_group.selection_details 
1 'X-RAY DIFFRACTION' 1 ? ? ? ? ? ? ? ? ? 
;chain 'A' and (resseq 5:23)
;
2 'X-RAY DIFFRACTION' 2 ? ? ? ? ? ? ? ? ? 
;chain 'A' and (resseq 24:46)
;
3 'X-RAY DIFFRACTION' 3 ? ? ? ? ? ? ? ? ? 
;chain 'A' and (resseq 47:59)
;
4 'X-RAY DIFFRACTION' 4 ? ? ? ? ? ? ? ? ? 
;chain 'A' and (resseq 60:82)
;
5 'X-RAY DIFFRACTION' 5 ? ? ? ? ? ? ? ? ? 
;chain 'A' and (resseq 83:108)
;
# 
loop_
_pdbx_unobs_or_zero_occ_residues.id 
_pdbx_unobs_or_zero_occ_residues.PDB_model_num 
_pdbx_unobs_or_zero_occ_residues.polymer_flag 
_pdbx_unobs_or_zero_occ_residues.occupancy_flag 
_pdbx_unobs_or_zero_occ_residues.auth_asym_id 
_pdbx_unobs_or_zero_occ_residues.auth_comp_id 
_pdbx_unobs_or_zero_occ_residues.auth_seq_id 
_pdbx_unobs_or_zero_occ_residues.PDB_ins_code 
_pdbx_unobs_or_zero_occ_residues.label_asym_id 
_pdbx_unobs_or_zero_occ_residues.label_comp_id 
_pdbx_unobs_or_zero_occ_residues.label_seq_id 
1  1 Y 1 A MET 1   ? A MET 1   
2  1 Y 1 A ALA 2   ? A ALA 2   
3  1 Y 1 A GLU 3   ? A GLU 3   
4  1 Y 1 A ILE 4   ? A ILE 4   
5  1 Y 1 A GLU 70  ? A GLU 70  
6  1 Y 1 A SER 71  ? A SER 71  
7  1 Y 1 A GLN 72  ? A GLN 72  
8  1 Y 1 A GLY 73  ? A GLY 73  
9  1 Y 1 A GLY 74  ? A GLY 74  
10 1 Y 1 A ARG 75  ? A ARG 75  
11 1 Y 1 A ASN 109 ? A ASN 109 
12 1 Y 1 A LYS 110 ? A LYS 110 
13 1 Y 1 A LYS 111 ? A LYS 111 
14 1 Y 1 A SER 112 ? A SER 112 
15 1 Y 1 A GLU 113 ? A GLU 113 
16 1 Y 1 A ALA 114 ? A ALA 114 
17 1 Y 1 A ILE 115 ? A ILE 115 
18 1 Y 1 A LYS 116 ? A LYS 116 
# 
loop_
_chem_comp_atom.comp_id 
_chem_comp_atom.atom_id 
_chem_comp_atom.type_symbol 
_chem_comp_atom.pdbx_aromatic_flag 
_chem_comp_atom.pdbx_stereo_config 
_chem_comp_atom.pdbx_ordinal 
ALA N      N N N 1   
ALA CA     C N S 2   
ALA C      C N N 3   
ALA O      O N N 4   
ALA CB     C N N 5   
ALA OXT    O N N 6   
ALA H      H N N 7   
ALA H2     H N N 8   
ALA HA     H N N 9   
ALA HB1    H N N 10  
ALA HB2    H N N 11  
ALA HB3    H N N 12  
ALA HXT    H N N 13  
ARG N      N N N 14  
ARG CA     C N S 15  
ARG C      C N N 16  
ARG O      O N N 17  
ARG CB     C N N 18  
ARG CG     C N N 19  
ARG CD     C N N 20  
ARG NE     N N N 21  
ARG CZ     C N N 22  
ARG NH1    N N N 23  
ARG NH2    N N N 24  
ARG OXT    O N N 25  
ARG H      H N N 26  
ARG H2     H N N 27  
ARG HA     H N N 28  
ARG HB2    H N N 29  
ARG HB3    H N N 30  
ARG HG2    H N N 31  
ARG HG3    H N N 32  
ARG HD2    H N N 33  
ARG HD3    H N N 34  
ARG HE     H N N 35  
ARG HH11   H N N 36  
ARG HH12   H N N 37  
ARG HH21   H N N 38  
ARG HH22   H N N 39  
ARG HXT    H N N 40  
ASN N      N N N 41  
ASN CA     C N S 42  
ASN C      C N N 43  
ASN O      O N N 44  
ASN CB     C N N 45  
ASN CG     C N N 46  
ASN OD1    O N N 47  
ASN ND2    N N N 48  
ASN OXT    O N N 49  
ASN H      H N N 50  
ASN H2     H N N 51  
ASN HA     H N N 52  
ASN HB2    H N N 53  
ASN HB3    H N N 54  
ASN HD21   H N N 55  
ASN HD22   H N N 56  
ASN HXT    H N N 57  
ASP N      N N N 58  
ASP CA     C N S 59  
ASP C      C N N 60  
ASP O      O N N 61  
ASP CB     C N N 62  
ASP CG     C N N 63  
ASP OD1    O N N 64  
ASP OD2    O N N 65  
ASP OXT    O N N 66  
ASP H      H N N 67  
ASP H2     H N N 68  
ASP HA     H N N 69  
ASP HB2    H N N 70  
ASP HB3    H N N 71  
ASP HD2    H N N 72  
ASP HXT    H N N 73  
GLN N      N N N 74  
GLN CA     C N S 75  
GLN C      C N N 76  
GLN O      O N N 77  
GLN CB     C N N 78  
GLN CG     C N N 79  
GLN CD     C N N 80  
GLN OE1    O N N 81  
GLN NE2    N N N 82  
GLN OXT    O N N 83  
GLN H      H N N 84  
GLN H2     H N N 85  
GLN HA     H N N 86  
GLN HB2    H N N 87  
GLN HB3    H N N 88  
GLN HG2    H N N 89  
GLN HG3    H N N 90  
GLN HE21   H N N 91  
GLN HE22   H N N 92  
GLN HXT    H N N 93  
GLU N      N N N 94  
GLU CA     C N S 95  
GLU C      C N N 96  
GLU O      O N N 97  
GLU CB     C N N 98  
GLU CG     C N N 99  
GLU CD     C N N 100 
GLU OE1    O N N 101 
GLU OE2    O N N 102 
GLU OXT    O N N 103 
GLU H      H N N 104 
GLU H2     H N N 105 
GLU HA     H N N 106 
GLU HB2    H N N 107 
GLU HB3    H N N 108 
GLU HG2    H N N 109 
GLU HG3    H N N 110 
GLU HE2    H N N 111 
GLU HXT    H N N 112 
GLY N      N N N 113 
GLY CA     C N N 114 
GLY C      C N N 115 
GLY O      O N N 116 
GLY OXT    O N N 117 
GLY H      H N N 118 
GLY H2     H N N 119 
GLY HA2    H N N 120 
GLY HA3    H N N 121 
GLY HXT    H N N 122 
HIS N      N N N 123 
HIS CA     C N S 124 
HIS C      C N N 125 
HIS O      O N N 126 
HIS CB     C N N 127 
HIS CG     C Y N 128 
HIS ND1    N Y N 129 
HIS CD2    C Y N 130 
HIS CE1    C Y N 131 
HIS NE2    N Y N 132 
HIS OXT    O N N 133 
HIS H      H N N 134 
HIS H2     H N N 135 
HIS HA     H N N 136 
HIS HB2    H N N 137 
HIS HB3    H N N 138 
HIS HD1    H N N 139 
HIS HD2    H N N 140 
HIS HE1    H N N 141 
HIS HE2    H N N 142 
HIS HXT    H N N 143 
HOH O      O N N 144 
HOH H1     H N N 145 
HOH H2     H N N 146 
ILE N      N N N 147 
ILE CA     C N S 148 
ILE C      C N N 149 
ILE O      O N N 150 
ILE CB     C N S 151 
ILE CG1    C N N 152 
ILE CG2    C N N 153 
ILE CD1    C N N 154 
ILE OXT    O N N 155 
ILE H      H N N 156 
ILE H2     H N N 157 
ILE HA     H N N 158 
ILE HB     H N N 159 
ILE HG12   H N N 160 
ILE HG13   H N N 161 
ILE HG21   H N N 162 
ILE HG22   H N N 163 
ILE HG23   H N N 164 
ILE HD11   H N N 165 
ILE HD12   H N N 166 
ILE HD13   H N N 167 
ILE HXT    H N N 168 
LEU N      N N N 169 
LEU CA     C N S 170 
LEU C      C N N 171 
LEU O      O N N 172 
LEU CB     C N N 173 
LEU CG     C N N 174 
LEU CD1    C N N 175 
LEU CD2    C N N 176 
LEU OXT    O N N 177 
LEU H      H N N 178 
LEU H2     H N N 179 
LEU HA     H N N 180 
LEU HB2    H N N 181 
LEU HB3    H N N 182 
LEU HG     H N N 183 
LEU HD11   H N N 184 
LEU HD12   H N N 185 
LEU HD13   H N N 186 
LEU HD21   H N N 187 
LEU HD22   H N N 188 
LEU HD23   H N N 189 
LEU HXT    H N N 190 
LYS N      N N N 191 
LYS CA     C N S 192 
LYS C      C N N 193 
LYS O      O N N 194 
LYS CB     C N N 195 
LYS CG     C N N 196 
LYS CD     C N N 197 
LYS CE     C N N 198 
LYS NZ     N N N 199 
LYS OXT    O N N 200 
LYS H      H N N 201 
LYS H2     H N N 202 
LYS HA     H N N 203 
LYS HB2    H N N 204 
LYS HB3    H N N 205 
LYS HG2    H N N 206 
LYS HG3    H N N 207 
LYS HD2    H N N 208 
LYS HD3    H N N 209 
LYS HE2    H N N 210 
LYS HE3    H N N 211 
LYS HZ1    H N N 212 
LYS HZ2    H N N 213 
LYS HZ3    H N N 214 
LYS HXT    H N N 215 
MET N      N N N 216 
MET CA     C N S 217 
MET C      C N N 218 
MET O      O N N 219 
MET CB     C N N 220 
MET CG     C N N 221 
MET SD     S N N 222 
MET CE     C N N 223 
MET OXT    O N N 224 
MET H      H N N 225 
MET H2     H N N 226 
MET HA     H N N 227 
MET HB2    H N N 228 
MET HB3    H N N 229 
MET HG2    H N N 230 
MET HG3    H N N 231 
MET HE1    H N N 232 
MET HE2    H N N 233 
MET HE3    H N N 234 
MET HXT    H N N 235 
PHE N      N N N 236 
PHE CA     C N S 237 
PHE C      C N N 238 
PHE O      O N N 239 
PHE CB     C N N 240 
PHE CG     C Y N 241 
PHE CD1    C Y N 242 
PHE CD2    C Y N 243 
PHE CE1    C Y N 244 
PHE CE2    C Y N 245 
PHE CZ     C Y N 246 
PHE OXT    O N N 247 
PHE H      H N N 248 
PHE H2     H N N 249 
PHE HA     H N N 250 
PHE HB2    H N N 251 
PHE HB3    H N N 252 
PHE HD1    H N N 253 
PHE HD2    H N N 254 
PHE HE1    H N N 255 
PHE HE2    H N N 256 
PHE HZ     H N N 257 
PHE HXT    H N N 258 
PRO N      N N N 259 
PRO CA     C N S 260 
PRO C      C N N 261 
PRO O      O N N 262 
PRO CB     C N N 263 
PRO CG     C N N 264 
PRO CD     C N N 265 
PRO OXT    O N N 266 
PRO H      H N N 267 
PRO HA     H N N 268 
PRO HB2    H N N 269 
PRO HB3    H N N 270 
PRO HG2    H N N 271 
PRO HG3    H N N 272 
PRO HD2    H N N 273 
PRO HD3    H N N 274 
PRO HXT    H N N 275 
RBF N1     N N N 276 
RBF C2     C N N 277 
RBF O2     O N N 278 
RBF N3     N N N 279 
RBF C4     C N N 280 
RBF O4     O N N 281 
RBF C4A    C N N 282 
RBF N5     N N N 283 
RBF C5A    C Y N 284 
RBF C6     C Y N 285 
RBF C7     C Y N 286 
RBF C7M    C N N 287 
RBF C8     C Y N 288 
RBF C8M    C N N 289 
RBF C9     C Y N 290 
RBF C9A    C Y N 291 
RBF N10    N N N 292 
RBF C10    C N N 293 
RBF "C1'"  C N N 294 
RBF "C2'"  C N S 295 
RBF "O2'"  O N N 296 
RBF "C3'"  C N S 297 
RBF "O3'"  O N N 298 
RBF "C4'"  C N R 299 
RBF "O4'"  O N N 300 
RBF "C5'"  C N N 301 
RBF "O5'"  O N N 302 
RBF HN3    H N N 303 
RBF HC6    H N N 304 
RBF HC71   H N N 305 
RBF HC72   H N N 306 
RBF HC73   H N N 307 
RBF HC81   H N N 308 
RBF HC82   H N N 309 
RBF HC83   H N N 310 
RBF HC9    H N N 311 
RBF HC11   H N N 312 
RBF HC12   H N N 313 
RBF "HC2'" H N N 314 
RBF "HO2'" H N N 315 
RBF "HC3'" H N N 316 
RBF "HO3'" H N N 317 
RBF "HC4'" H N N 318 
RBF "HO4'" H N N 319 
RBF HC51   H N N 320 
RBF HC52   H N N 321 
RBF "HO5'" H N N 322 
SER N      N N N 323 
SER CA     C N S 324 
SER C      C N N 325 
SER O      O N N 326 
SER CB     C N N 327 
SER OG     O N N 328 
SER OXT    O N N 329 
SER H      H N N 330 
SER H2     H N N 331 
SER HA     H N N 332 
SER HB2    H N N 333 
SER HB3    H N N 334 
SER HG     H N N 335 
SER HXT    H N N 336 
THR N      N N N 337 
THR CA     C N S 338 
THR C      C N N 339 
THR O      O N N 340 
THR CB     C N R 341 
THR OG1    O N N 342 
THR CG2    C N N 343 
THR OXT    O N N 344 
THR H      H N N 345 
THR H2     H N N 346 
THR HA     H N N 347 
THR HB     H N N 348 
THR HG1    H N N 349 
THR HG21   H N N 350 
THR HG22   H N N 351 
THR HG23   H N N 352 
THR HXT    H N N 353 
TRP N      N N N 354 
TRP CA     C N S 355 
TRP C      C N N 356 
TRP O      O N N 357 
TRP CB     C N N 358 
TRP CG     C Y N 359 
TRP CD1    C Y N 360 
TRP CD2    C Y N 361 
TRP NE1    N Y N 362 
TRP CE2    C Y N 363 
TRP CE3    C Y N 364 
TRP CZ2    C Y N 365 
TRP CZ3    C Y N 366 
TRP CH2    C Y N 367 
TRP OXT    O N N 368 
TRP H      H N N 369 
TRP H2     H N N 370 
TRP HA     H N N 371 
TRP HB2    H N N 372 
TRP HB3    H N N 373 
TRP HD1    H N N 374 
TRP HE1    H N N 375 
TRP HE3    H N N 376 
TRP HZ2    H N N 377 
TRP HZ3    H N N 378 
TRP HH2    H N N 379 
TRP HXT    H N N 380 
TYR N      N N N 381 
TYR CA     C N S 382 
TYR C      C N N 383 
TYR O      O N N 384 
TYR CB     C N N 385 
TYR CG     C Y N 386 
TYR CD1    C Y N 387 
TYR CD2    C Y N 388 
TYR CE1    C Y N 389 
TYR CE2    C Y N 390 
TYR CZ     C Y N 391 
TYR OH     O N N 392 
TYR OXT    O N N 393 
TYR H      H N N 394 
TYR H2     H N N 395 
TYR HA     H N N 396 
TYR HB2    H N N 397 
TYR HB3    H N N 398 
TYR HD1    H N N 399 
TYR HD2    H N N 400 
TYR HE1    H N N 401 
TYR HE2    H N N 402 
TYR HH     H N N 403 
TYR HXT    H N N 404 
VAL N      N N N 405 
VAL CA     C N S 406 
VAL C      C N N 407 
VAL O      O N N 408 
VAL CB     C N N 409 
VAL CG1    C N N 410 
VAL CG2    C N N 411 
VAL OXT    O N N 412 
VAL H      H N N 413 
VAL H2     H N N 414 
VAL HA     H N N 415 
VAL HB     H N N 416 
VAL HG11   H N N 417 
VAL HG12   H N N 418 
VAL HG13   H N N 419 
VAL HG21   H N N 420 
VAL HG22   H N N 421 
VAL HG23   H N N 422 
VAL HXT    H N N 423 
# 
loop_
_chem_comp_bond.comp_id 
_chem_comp_bond.atom_id_1 
_chem_comp_bond.atom_id_2 
_chem_comp_bond.value_order 
_chem_comp_bond.pdbx_aromatic_flag 
_chem_comp_bond.pdbx_stereo_config 
_chem_comp_bond.pdbx_ordinal 
ALA N     CA     sing N N 1   
ALA N     H      sing N N 2   
ALA N     H2     sing N N 3   
ALA CA    C      sing N N 4   
ALA CA    CB     sing N N 5   
ALA CA    HA     sing N N 6   
ALA C     O      doub N N 7   
ALA C     OXT    sing N N 8   
ALA CB    HB1    sing N N 9   
ALA CB    HB2    sing N N 10  
ALA CB    HB3    sing N N 11  
ALA OXT   HXT    sing N N 12  
ARG N     CA     sing N N 13  
ARG N     H      sing N N 14  
ARG N     H2     sing N N 15  
ARG CA    C      sing N N 16  
ARG CA    CB     sing N N 17  
ARG CA    HA     sing N N 18  
ARG C     O      doub N N 19  
ARG C     OXT    sing N N 20  
ARG CB    CG     sing N N 21  
ARG CB    HB2    sing N N 22  
ARG CB    HB3    sing N N 23  
ARG CG    CD     sing N N 24  
ARG CG    HG2    sing N N 25  
ARG CG    HG3    sing N N 26  
ARG CD    NE     sing N N 27  
ARG CD    HD2    sing N N 28  
ARG CD    HD3    sing N N 29  
ARG NE    CZ     sing N N 30  
ARG NE    HE     sing N N 31  
ARG CZ    NH1    sing N N 32  
ARG CZ    NH2    doub N N 33  
ARG NH1   HH11   sing N N 34  
ARG NH1   HH12   sing N N 35  
ARG NH2   HH21   sing N N 36  
ARG NH2   HH22   sing N N 37  
ARG OXT   HXT    sing N N 38  
ASN N     CA     sing N N 39  
ASN N     H      sing N N 40  
ASN N     H2     sing N N 41  
ASN CA    C      sing N N 42  
ASN CA    CB     sing N N 43  
ASN CA    HA     sing N N 44  
ASN C     O      doub N N 45  
ASN C     OXT    sing N N 46  
ASN CB    CG     sing N N 47  
ASN CB    HB2    sing N N 48  
ASN CB    HB3    sing N N 49  
ASN CG    OD1    doub N N 50  
ASN CG    ND2    sing N N 51  
ASN ND2   HD21   sing N N 52  
ASN ND2   HD22   sing N N 53  
ASN OXT   HXT    sing N N 54  
ASP N     CA     sing N N 55  
ASP N     H      sing N N 56  
ASP N     H2     sing N N 57  
ASP CA    C      sing N N 58  
ASP CA    CB     sing N N 59  
ASP CA    HA     sing N N 60  
ASP C     O      doub N N 61  
ASP C     OXT    sing N N 62  
ASP CB    CG     sing N N 63  
ASP CB    HB2    sing N N 64  
ASP CB    HB3    sing N N 65  
ASP CG    OD1    doub N N 66  
ASP CG    OD2    sing N N 67  
ASP OD2   HD2    sing N N 68  
ASP OXT   HXT    sing N N 69  
GLN N     CA     sing N N 70  
GLN N     H      sing N N 71  
GLN N     H2     sing N N 72  
GLN CA    C      sing N N 73  
GLN CA    CB     sing N N 74  
GLN CA    HA     sing N N 75  
GLN C     O      doub N N 76  
GLN C     OXT    sing N N 77  
GLN CB    CG     sing N N 78  
GLN CB    HB2    sing N N 79  
GLN CB    HB3    sing N N 80  
GLN CG    CD     sing N N 81  
GLN CG    HG2    sing N N 82  
GLN CG    HG3    sing N N 83  
GLN CD    OE1    doub N N 84  
GLN CD    NE2    sing N N 85  
GLN NE2   HE21   sing N N 86  
GLN NE2   HE22   sing N N 87  
GLN OXT   HXT    sing N N 88  
GLU N     CA     sing N N 89  
GLU N     H      sing N N 90  
GLU N     H2     sing N N 91  
GLU CA    C      sing N N 92  
GLU CA    CB     sing N N 93  
GLU CA    HA     sing N N 94  
GLU C     O      doub N N 95  
GLU C     OXT    sing N N 96  
GLU CB    CG     sing N N 97  
GLU CB    HB2    sing N N 98  
GLU CB    HB3    sing N N 99  
GLU CG    CD     sing N N 100 
GLU CG    HG2    sing N N 101 
GLU CG    HG3    sing N N 102 
GLU CD    OE1    doub N N 103 
GLU CD    OE2    sing N N 104 
GLU OE2   HE2    sing N N 105 
GLU OXT   HXT    sing N N 106 
GLY N     CA     sing N N 107 
GLY N     H      sing N N 108 
GLY N     H2     sing N N 109 
GLY CA    C      sing N N 110 
GLY CA    HA2    sing N N 111 
GLY CA    HA3    sing N N 112 
GLY C     O      doub N N 113 
GLY C     OXT    sing N N 114 
GLY OXT   HXT    sing N N 115 
HIS N     CA     sing N N 116 
HIS N     H      sing N N 117 
HIS N     H2     sing N N 118 
HIS CA    C      sing N N 119 
HIS CA    CB     sing N N 120 
HIS CA    HA     sing N N 121 
HIS C     O      doub N N 122 
HIS C     OXT    sing N N 123 
HIS CB    CG     sing N N 124 
HIS CB    HB2    sing N N 125 
HIS CB    HB3    sing N N 126 
HIS CG    ND1    sing Y N 127 
HIS CG    CD2    doub Y N 128 
HIS ND1   CE1    doub Y N 129 
HIS ND1   HD1    sing N N 130 
HIS CD2   NE2    sing Y N 131 
HIS CD2   HD2    sing N N 132 
HIS CE1   NE2    sing Y N 133 
HIS CE1   HE1    sing N N 134 
HIS NE2   HE2    sing N N 135 
HIS OXT   HXT    sing N N 136 
HOH O     H1     sing N N 137 
HOH O     H2     sing N N 138 
ILE N     CA     sing N N 139 
ILE N     H      sing N N 140 
ILE N     H2     sing N N 141 
ILE CA    C      sing N N 142 
ILE CA    CB     sing N N 143 
ILE CA    HA     sing N N 144 
ILE C     O      doub N N 145 
ILE C     OXT    sing N N 146 
ILE CB    CG1    sing N N 147 
ILE CB    CG2    sing N N 148 
ILE CB    HB     sing N N 149 
ILE CG1   CD1    sing N N 150 
ILE CG1   HG12   sing N N 151 
ILE CG1   HG13   sing N N 152 
ILE CG2   HG21   sing N N 153 
ILE CG2   HG22   sing N N 154 
ILE CG2   HG23   sing N N 155 
ILE CD1   HD11   sing N N 156 
ILE CD1   HD12   sing N N 157 
ILE CD1   HD13   sing N N 158 
ILE OXT   HXT    sing N N 159 
LEU N     CA     sing N N 160 
LEU N     H      sing N N 161 
LEU N     H2     sing N N 162 
LEU CA    C      sing N N 163 
LEU CA    CB     sing N N 164 
LEU CA    HA     sing N N 165 
LEU C     O      doub N N 166 
LEU C     OXT    sing N N 167 
LEU CB    CG     sing N N 168 
LEU CB    HB2    sing N N 169 
LEU CB    HB3    sing N N 170 
LEU CG    CD1    sing N N 171 
LEU CG    CD2    sing N N 172 
LEU CG    HG     sing N N 173 
LEU CD1   HD11   sing N N 174 
LEU CD1   HD12   sing N N 175 
LEU CD1   HD13   sing N N 176 
LEU CD2   HD21   sing N N 177 
LEU CD2   HD22   sing N N 178 
LEU CD2   HD23   sing N N 179 
LEU OXT   HXT    sing N N 180 
LYS N     CA     sing N N 181 
LYS N     H      sing N N 182 
LYS N     H2     sing N N 183 
LYS CA    C      sing N N 184 
LYS CA    CB     sing N N 185 
LYS CA    HA     sing N N 186 
LYS C     O      doub N N 187 
LYS C     OXT    sing N N 188 
LYS CB    CG     sing N N 189 
LYS CB    HB2    sing N N 190 
LYS CB    HB3    sing N N 191 
LYS CG    CD     sing N N 192 
LYS CG    HG2    sing N N 193 
LYS CG    HG3    sing N N 194 
LYS CD    CE     sing N N 195 
LYS CD    HD2    sing N N 196 
LYS CD    HD3    sing N N 197 
LYS CE    NZ     sing N N 198 
LYS CE    HE2    sing N N 199 
LYS CE    HE3    sing N N 200 
LYS NZ    HZ1    sing N N 201 
LYS NZ    HZ2    sing N N 202 
LYS NZ    HZ3    sing N N 203 
LYS OXT   HXT    sing N N 204 
MET N     CA     sing N N 205 
MET N     H      sing N N 206 
MET N     H2     sing N N 207 
MET CA    C      sing N N 208 
MET CA    CB     sing N N 209 
MET CA    HA     sing N N 210 
MET C     O      doub N N 211 
MET C     OXT    sing N N 212 
MET CB    CG     sing N N 213 
MET CB    HB2    sing N N 214 
MET CB    HB3    sing N N 215 
MET CG    SD     sing N N 216 
MET CG    HG2    sing N N 217 
MET CG    HG3    sing N N 218 
MET SD    CE     sing N N 219 
MET CE    HE1    sing N N 220 
MET CE    HE2    sing N N 221 
MET CE    HE3    sing N N 222 
MET OXT   HXT    sing N N 223 
PHE N     CA     sing N N 224 
PHE N     H      sing N N 225 
PHE N     H2     sing N N 226 
PHE CA    C      sing N N 227 
PHE CA    CB     sing N N 228 
PHE CA    HA     sing N N 229 
PHE C     O      doub N N 230 
PHE C     OXT    sing N N 231 
PHE CB    CG     sing N N 232 
PHE CB    HB2    sing N N 233 
PHE CB    HB3    sing N N 234 
PHE CG    CD1    doub Y N 235 
PHE CG    CD2    sing Y N 236 
PHE CD1   CE1    sing Y N 237 
PHE CD1   HD1    sing N N 238 
PHE CD2   CE2    doub Y N 239 
PHE CD2   HD2    sing N N 240 
PHE CE1   CZ     doub Y N 241 
PHE CE1   HE1    sing N N 242 
PHE CE2   CZ     sing Y N 243 
PHE CE2   HE2    sing N N 244 
PHE CZ    HZ     sing N N 245 
PHE OXT   HXT    sing N N 246 
PRO N     CA     sing N N 247 
PRO N     CD     sing N N 248 
PRO N     H      sing N N 249 
PRO CA    C      sing N N 250 
PRO CA    CB     sing N N 251 
PRO CA    HA     sing N N 252 
PRO C     O      doub N N 253 
PRO C     OXT    sing N N 254 
PRO CB    CG     sing N N 255 
PRO CB    HB2    sing N N 256 
PRO CB    HB3    sing N N 257 
PRO CG    CD     sing N N 258 
PRO CG    HG2    sing N N 259 
PRO CG    HG3    sing N N 260 
PRO CD    HD2    sing N N 261 
PRO CD    HD3    sing N N 262 
PRO OXT   HXT    sing N N 263 
RBF N1    C2     sing N N 264 
RBF N1    C10    doub N N 265 
RBF C2    O2     doub N N 266 
RBF C2    N3     sing N N 267 
RBF N3    C4     sing N N 268 
RBF N3    HN3    sing N N 269 
RBF C4    O4     doub N N 270 
RBF C4    C4A    sing N N 271 
RBF C4A   N5     doub N N 272 
RBF C4A   C10    sing N N 273 
RBF N5    C5A    sing N N 274 
RBF C5A   C6     doub Y N 275 
RBF C5A   C9A    sing Y N 276 
RBF C6    C7     sing Y N 277 
RBF C6    HC6    sing N N 278 
RBF C7    C7M    sing N N 279 
RBF C7    C8     doub Y N 280 
RBF C7M   HC71   sing N N 281 
RBF C7M   HC72   sing N N 282 
RBF C7M   HC73   sing N N 283 
RBF C8    C8M    sing N N 284 
RBF C8    C9     sing Y N 285 
RBF C8M   HC81   sing N N 286 
RBF C8M   HC82   sing N N 287 
RBF C8M   HC83   sing N N 288 
RBF C9    C9A    doub Y N 289 
RBF C9    HC9    sing N N 290 
RBF C9A   N10    sing N N 291 
RBF N10   C10    sing N N 292 
RBF N10   "C1'"  sing N N 293 
RBF "C1'" "C2'"  sing N N 294 
RBF "C1'" HC11   sing N N 295 
RBF "C1'" HC12   sing N N 296 
RBF "C2'" "O2'"  sing N N 297 
RBF "C2'" "C3'"  sing N N 298 
RBF "C2'" "HC2'" sing N N 299 
RBF "O2'" "HO2'" sing N N 300 
RBF "C3'" "O3'"  sing N N 301 
RBF "C3'" "C4'"  sing N N 302 
RBF "C3'" "HC3'" sing N N 303 
RBF "O3'" "HO3'" sing N N 304 
RBF "C4'" "O4'"  sing N N 305 
RBF "C4'" "C5'"  sing N N 306 
RBF "C4'" "HC4'" sing N N 307 
RBF "O4'" "HO4'" sing N N 308 
RBF "C5'" "O5'"  sing N N 309 
RBF "C5'" HC51   sing N N 310 
RBF "C5'" HC52   sing N N 311 
RBF "O5'" "HO5'" sing N N 312 
SER N     CA     sing N N 313 
SER N     H      sing N N 314 
SER N     H2     sing N N 315 
SER CA    C      sing N N 316 
SER CA    CB     sing N N 317 
SER CA    HA     sing N N 318 
SER C     O      doub N N 319 
SER C     OXT    sing N N 320 
SER CB    OG     sing N N 321 
SER CB    HB2    sing N N 322 
SER CB    HB3    sing N N 323 
SER OG    HG     sing N N 324 
SER OXT   HXT    sing N N 325 
THR N     CA     sing N N 326 
THR N     H      sing N N 327 
THR N     H2     sing N N 328 
THR CA    C      sing N N 329 
THR CA    CB     sing N N 330 
THR CA    HA     sing N N 331 
THR C     O      doub N N 332 
THR C     OXT    sing N N 333 
THR CB    OG1    sing N N 334 
THR CB    CG2    sing N N 335 
THR CB    HB     sing N N 336 
THR OG1   HG1    sing N N 337 
THR CG2   HG21   sing N N 338 
THR CG2   HG22   sing N N 339 
THR CG2   HG23   sing N N 340 
THR OXT   HXT    sing N N 341 
TRP N     CA     sing N N 342 
TRP N     H      sing N N 343 
TRP N     H2     sing N N 344 
TRP CA    C      sing N N 345 
TRP CA    CB     sing N N 346 
TRP CA    HA     sing N N 347 
TRP C     O      doub N N 348 
TRP C     OXT    sing N N 349 
TRP CB    CG     sing N N 350 
TRP CB    HB2    sing N N 351 
TRP CB    HB3    sing N N 352 
TRP CG    CD1    doub Y N 353 
TRP CG    CD2    sing Y N 354 
TRP CD1   NE1    sing Y N 355 
TRP CD1   HD1    sing N N 356 
TRP CD2   CE2    doub Y N 357 
TRP CD2   CE3    sing Y N 358 
TRP NE1   CE2    sing Y N 359 
TRP NE1   HE1    sing N N 360 
TRP CE2   CZ2    sing Y N 361 
TRP CE3   CZ3    doub Y N 362 
TRP CE3   HE3    sing N N 363 
TRP CZ2   CH2    doub Y N 364 
TRP CZ2   HZ2    sing N N 365 
TRP CZ3   CH2    sing Y N 366 
TRP CZ3   HZ3    sing N N 367 
TRP CH2   HH2    sing N N 368 
TRP OXT   HXT    sing N N 369 
TYR N     CA     sing N N 370 
TYR N     H      sing N N 371 
TYR N     H2     sing N N 372 
TYR CA    C      sing N N 373 
TYR CA    CB     sing N N 374 
TYR CA    HA     sing N N 375 
TYR C     O      doub N N 376 
TYR C     OXT    sing N N 377 
TYR CB    CG     sing N N 378 
TYR CB    HB2    sing N N 379 
TYR CB    HB3    sing N N 380 
TYR CG    CD1    doub Y N 381 
TYR CG    CD2    sing Y N 382 
TYR CD1   CE1    sing Y N 383 
TYR CD1   HD1    sing N N 384 
TYR CD2   CE2    doub Y N 385 
TYR CD2   HD2    sing N N 386 
TYR CE1   CZ     doub Y N 387 
TYR CE1   HE1    sing N N 388 
TYR CE2   CZ     sing Y N 389 
TYR CE2   HE2    sing N N 390 
TYR CZ    OH     sing N N 391 
TYR OH    HH     sing N N 392 
TYR OXT   HXT    sing N N 393 
VAL N     CA     sing N N 394 
VAL N     H      sing N N 395 
VAL N     H2     sing N N 396 
VAL CA    C      sing N N 397 
VAL CA    CB     sing N N 398 
VAL CA    HA     sing N N 399 
VAL C     O      doub N N 400 
VAL C     OXT    sing N N 401 
VAL CB    CG1    sing N N 402 
VAL CB    CG2    sing N N 403 
VAL CB    HB     sing N N 404 
VAL CG1   HG11   sing N N 405 
VAL CG1   HG12   sing N N 406 
VAL CG1   HG13   sing N N 407 
VAL CG2   HG21   sing N N 408 
VAL CG2   HG22   sing N N 409 
VAL CG2   HG23   sing N N 410 
VAL OXT   HXT    sing N N 411 
# 
_atom_sites.entry_id                    4ZZD 
_atom_sites.fract_transf_matrix[1][1]   0.00116249 
_atom_sites.fract_transf_matrix[1][2]   -0.00757962 
_atom_sites.fract_transf_matrix[1][3]   -0.02734205 
_atom_sites.fract_transf_matrix[2][1]   0.01978327 
_atom_sites.fract_transf_matrix[2][2]   0.01983247 
_atom_sites.fract_transf_matrix[2][3]   -0.00465674 
_atom_sites.fract_transf_matrix[3][1]   0.00398364 
_atom_sites.fract_transf_matrix[3][2]   -0.00369358 
_atom_sites.fract_transf_matrix[3][3]   0.00119328 
_atom_sites.fract_transf_vector[1]      0.113531 
_atom_sites.fract_transf_vector[2]      -0.018308 
_atom_sites.fract_transf_vector[3]      0.564709 
# 
loop_
_atom_type.symbol 
C 
N 
O 
S 
# 
loop_
_atom_site.group_PDB 
_atom_site.id 
_atom_site.type_symbol 
_atom_site.label_atom_id 
_atom_site.label_alt_id 
_atom_site.label_comp_id 
_atom_site.label_asym_id 
_atom_site.label_entity_id 
_atom_site.label_seq_id 
_atom_site.pdbx_PDB_ins_code 
_atom_site.Cartn_x 
_atom_site.Cartn_y 
_atom_site.Cartn_z 
_atom_site.occupancy 
_atom_site.B_iso_or_equiv 
_atom_site.pdbx_formal_charge 
_atom_site.auth_seq_id 
_atom_site.auth_comp_id 
_atom_site.auth_asym_id 
_atom_site.auth_atom_id 
_atom_site.pdbx_PDB_model_num 
ATOM   1   N N     . PRO A 1 5   ? -2.770  14.578  11.744  1.00 80.37  ? 5   PRO A N     1 
ATOM   2   C CA    . PRO A 1 5   ? -3.954  13.972  11.118  1.00 75.13  ? 5   PRO A CA    1 
ATOM   3   C C     . PRO A 1 5   ? -3.785  12.459  10.962  1.00 74.92  ? 5   PRO A C     1 
ATOM   4   O O     . PRO A 1 5   ? -3.382  11.978  9.900   1.00 74.98  ? 5   PRO A O     1 
ATOM   5   C CB    . PRO A 1 5   ? -3.988  14.647  9.747   1.00 65.91  ? 5   PRO A CB    1 
ATOM   6   C CG    . PRO A 1 5   ? -2.516  14.873  9.429   1.00 73.18  ? 5   PRO A CG    1 
ATOM   7   C CD    . PRO A 1 5   ? -1.789  15.048  10.745  1.00 71.26  ? 5   PRO A CD    1 
ATOM   8   N N     . LYS A 1 6   ? -4.119  11.728  12.018  1.00 77.91  ? 6   LYS A N     1 
ATOM   9   C CA    . LYS A 1 6   ? -3.822  10.308  12.134  1.00 80.97  ? 6   LYS A CA    1 
ATOM   10  C C     . LYS A 1 6   ? -4.342  9.457   10.986  1.00 70.95  ? 6   LYS A C     1 
ATOM   11  O O     . LYS A 1 6   ? -3.634  8.569   10.492  1.00 58.97  ? 6   LYS A O     1 
ATOM   12  C CB    . LYS A 1 6   ? -4.391  9.764   13.450  1.00 100.92 ? 6   LYS A CB    1 
ATOM   13  C CG    . LYS A 1 6   ? -4.149  10.668  14.644  1.00 117.30 ? 6   LYS A CG    1 
ATOM   14  C CD    . LYS A 1 6   ? -2.663  10.910  14.859  1.00 123.84 ? 6   LYS A CD    1 
ATOM   15  C CE    . LYS A 1 6   ? -2.431  12.096  15.787  1.00 126.42 ? 6   LYS A CE    1 
ATOM   16  N NZ    . LYS A 1 6   ? -1.072  12.061  16.394  1.00 125.91 ? 6   LYS A NZ    1 
ATOM   17  N N     . GLU A 1 7   ? -5.578  9.705   10.566  1.00 64.12  ? 7   GLU A N     1 
ATOM   18  C CA    . GLU A 1 7   ? -6.195  8.799   9.607   1.00 67.38  ? 7   GLU A CA    1 
ATOM   19  C C     . GLU A 1 7   ? -5.896  9.141   8.141   1.00 64.29  ? 7   GLU A C     1 
ATOM   20  O O     . GLU A 1 7   ? -6.199  8.346   7.241   1.00 47.91  ? 7   GLU A O     1 
ATOM   21  C CB    . GLU A 1 7   ? -7.691  8.620   9.888   1.00 80.19  ? 7   GLU A CB    1 
ATOM   22  C CG    . GLU A 1 7   ? -7.965  7.757   11.132  1.00 98.70  ? 7   GLU A CG    1 
ATOM   23  C CD    . GLU A 1 7   ? -7.535  6.294   10.956  1.00 109.61 ? 7   GLU A CD    1 
ATOM   24  O OE1   . GLU A 1 7   ? -7.745  5.737   9.856   1.00 120.09 ? 7   GLU A OE1   1 
ATOM   25  O OE2   . GLU A 1 7   ? -6.994  5.698   11.915  1.00 102.08 ? 7   GLU A OE2   1 
ATOM   26  N N     . MET A 1 8   ? -5.285  10.307  7.907   1.00 57.50  ? 8   MET A N     1 
ATOM   27  C CA    . MET A 1 8   ? -4.715  10.612  6.592   1.00 40.18  ? 8   MET A CA    1 
ATOM   28  C C     . MET A 1 8   ? -3.357  9.934   6.399   1.00 36.50  ? 8   MET A C     1 
ATOM   29  O O     . MET A 1 8   ? -3.075  9.385   5.331   1.00 50.28  ? 8   MET A O     1 
ATOM   30  C CB    . MET A 1 8   ? -4.590  12.113  6.366   1.00 40.22  ? 8   MET A CB    1 
ATOM   31  C CG    . MET A 1 8   ? -4.287  12.461  4.921   1.00 51.09  ? 8   MET A CG    1 
ATOM   32  S SD    . MET A 1 8   ? -3.997  14.217  4.619   1.00 80.63  ? 8   MET A SD    1 
ATOM   33  C CE    . MET A 1 8   ? -2.504  14.493  5.575   1.00 53.94  ? 8   MET A CE    1 
ATOM   34  N N     . LEU A 1 9   ? -2.517  9.970   7.428   1.00 38.94  ? 9   LEU A N     1 
ATOM   35  C CA    . LEU A 1 9   ? -1.260  9.215   7.412   1.00 49.40  ? 9   LEU A CA    1 
ATOM   36  C C     . LEU A 1 9   ? -1.524  7.722   7.227   1.00 31.72  ? 9   LEU A C     1 
ATOM   37  O O     . LEU A 1 9   ? -0.823  7.035   6.479   1.00 31.22  ? 9   LEU A O     1 
ATOM   38  C CB    . LEU A 1 9   ? -0.485  9.441   8.711   1.00 68.02  ? 9   LEU A CB    1 
ATOM   39  C CG    . LEU A 1 9   ? 0.863   8.720   8.807   1.00 62.00  ? 9   LEU A CG    1 
ATOM   40  C CD1   . LEU A 1 9   ? 1.856   9.340   7.824   1.00 51.00  ? 9   LEU A CD1   1 
ATOM   41  C CD2   . LEU A 1 9   ? 1.398   8.759   10.237  1.00 44.64  ? 9   LEU A CD2   1 
ATOM   42  N N     . ARG A 1 10  ? -2.550  7.232   7.911   1.00 33.78  ? 10  ARG A N     1 
ATOM   43  C CA    . ARG A 1 10  ? -2.990  5.847   7.776   1.00 33.56  ? 10  ARG A CA    1 
ATOM   44  C C     . ARG A 1 10  ? -3.352  5.538   6.313   1.00 37.26  ? 10  ARG A C     1 
ATOM   45  O O     . ARG A 1 10  ? -2.887  4.554   5.751   1.00 32.59  ? 10  ARG A O     1 
ATOM   46  C CB    . ARG A 1 10  ? -4.177  5.581   8.720   1.00 38.45  ? 10  ARG A CB    1 
ATOM   47  C CG    . ARG A 1 10  ? -4.985  4.303   8.446   1.00 51.26  ? 10  ARG A CG    1 
ATOM   48  C CD    . ARG A 1 10  ? -4.286  3.059   8.981   1.00 69.96  ? 10  ARG A CD    1 
ATOM   49  N NE    . ARG A 1 10  ? -5.086  1.840   8.825   1.00 88.09  ? 10  ARG A NE    1 
ATOM   50  C CZ    . ARG A 1 10  ? -5.190  1.150   7.688   1.00 91.06  ? 10  ARG A CZ    1 
ATOM   51  N NH1   . ARG A 1 10  ? -4.555  1.569   6.597   1.00 91.92  ? 10  ARG A NH1   1 
ATOM   52  N NH2   . ARG A 1 10  ? -5.933  0.048   7.639   1.00 79.98  ? 10  ARG A NH2   1 
ATOM   53  N N     . ALA A 1 11  ? -4.171  6.392   5.702   1.00 32.79  ? 11  ALA A N     1 
ATOM   54  C CA    . ALA A 1 11  ? -4.548  6.228   4.301   1.00 31.40  ? 11  ALA A CA    1 
ATOM   55  C C     . ALA A 1 11  ? -3.331  6.246   3.376   1.00 30.89  ? 11  ALA A C     1 
ATOM   56  O O     . ALA A 1 11  ? -3.204  5.413   2.465   1.00 32.49  ? 11  ALA A O     1 
ATOM   57  C CB    . ALA A 1 11  ? -5.533  7.317   3.897   1.00 31.20  ? 11  ALA A CB    1 
ATOM   58  N N     . GLN A 1 12  ? -2.435  7.198   3.621   1.00 28.16  ? 12  GLN A N     1 
ATOM   59  C CA    . GLN A 1 12  ? -1.207  7.328   2.837   1.00 30.16  ? 12  GLN A CA    1 
ATOM   60  C C     . GLN A 1 12  ? -0.343  6.074   2.916   1.00 24.97  ? 12  GLN A C     1 
ATOM   61  O O     . GLN A 1 12  ? 0.167   5.594   1.908   1.00 21.90  ? 12  GLN A O     1 
ATOM   62  C CB    . GLN A 1 12  ? -0.445  8.579   3.273   1.00 32.45  ? 12  GLN A CB    1 
ATOM   63  C CG    . GLN A 1 12  ? -1.238  9.860   2.927   1.00 25.93  ? 12  GLN A CG    1 
ATOM   64  C CD    . GLN A 1 12  ? -0.588  11.144  3.415   1.00 38.11  ? 12  GLN A CD    1 
ATOM   65  O OE1   . GLN A 1 12  ? 0.404   11.118  4.149   1.00 39.66  ? 12  GLN A OE1   1 
ATOM   66  N NE2   . GLN A 1 12  ? -1.154  12.283  3.006   1.00 38.06  ? 12  GLN A NE2   1 
ATOM   67  N N     . THR A 1 13  ? -0.225  5.522   4.113   1.00 23.01  ? 13  THR A N     1 
ATOM   68  C CA    . THR A 1 13  ? 0.617   4.363   4.330   1.00 23.67  ? 13  THR A CA    1 
ATOM   69  C C     . THR A 1 13  ? 0.027   3.148   3.622   1.00 32.46  ? 13  THR A C     1 
ATOM   70  O O     . THR A 1 13  ? 0.753   2.308   3.085   1.00 33.67  ? 13  THR A O     1 
ATOM   71  C CB    . THR A 1 13  ? 0.755   4.077   5.838   1.00 23.14  ? 13  THR A CB    1 
ATOM   72  O OG1   . THR A 1 13  ? 1.222   5.263   6.503   1.00 31.83  ? 13  THR A OG1   1 
ATOM   73  C CG2   . THR A 1 13  ? 1.730   2.908   6.076   1.00 22.81  ? 13  THR A CG2   1 
ATOM   74  N N     . ASN A 1 14  ? -1.298  3.061   3.643   1.00 29.32  ? 14  ASN A N     1 
ATOM   75  C CA    . ASN A 1 14  ? -2.050  1.992   2.979   1.00 23.27  ? 14  ASN A CA    1 
ATOM   76  C C     . ASN A 1 14  ? -1.763  1.940   1.464   1.00 29.29  ? 14  ASN A C     1 
ATOM   77  O O     . ASN A 1 14  ? -1.427  0.892   0.902   1.00 28.35  ? 14  ASN A O     1 
ATOM   78  C CB    . ASN A 1 14  ? -3.539  2.236   3.221   1.00 46.64  ? 14  ASN A CB    1 
ATOM   79  C CG    . ASN A 1 14  ? -4.346  0.966   3.239   1.00 58.03  ? 14  ASN A CG    1 
ATOM   80  O OD1   . ASN A 1 14  ? -4.418  0.278   4.258   1.00 48.71  ? 14  ASN A OD1   1 
ATOM   81  N ND2   . ASN A 1 14  ? -4.984  0.655   2.110   1.00 66.41  ? 14  ASN A ND2   1 
ATOM   82  N N     . VAL A 1 15  ? -1.895  3.097   0.822   1.00 22.19  ? 15  VAL A N     1 
ATOM   83  C CA    . VAL A 1 15  ? -1.661  3.260   -0.604  1.00 32.43  ? 15  VAL A CA    1 
ATOM   84  C C     . VAL A 1 15  ? -0.246  2.862   -0.984  1.00 27.20  ? 15  VAL A C     1 
ATOM   85  O O     . VAL A 1 15  ? -0.010  2.227   -2.018  1.00 31.28  ? 15  VAL A O     1 
ATOM   86  C CB    . VAL A 1 15  ? -1.862  4.740   -0.995  1.00 34.81  ? 15  VAL A CB    1 
ATOM   87  C CG1   . VAL A 1 15  ? -1.435  4.980   -2.436  1.00 36.91  ? 15  VAL A CG1   1 
ATOM   88  C CG2   . VAL A 1 15  ? -3.306  5.136   -0.769  1.00 31.25  ? 15  VAL A CG2   1 
ATOM   89  N N     . ILE A 1 16  ? 0.697   3.272   -0.144  1.00 21.17  ? 16  ILE A N     1 
ATOM   90  C CA    . ILE A 1 16  ? 2.110   2.996   -0.362  1.00 25.32  ? 16  ILE A CA    1 
ATOM   91  C C     . ILE A 1 16  ? 2.394   1.497   -0.262  1.00 24.62  ? 16  ILE A C     1 
ATOM   92  O O     . ILE A 1 16  ? 3.025   0.925   -1.154  1.00 29.58  ? 16  ILE A O     1 
ATOM   93  C CB    . ILE A 1 16  ? 2.976   3.794   0.634   1.00 21.37  ? 16  ILE A CB    1 
ATOM   94  C CG1   . ILE A 1 16  ? 2.995   5.275   0.226   1.00 20.83  ? 16  ILE A CG1   1 
ATOM   95  C CG2   . ILE A 1 16  ? 4.396   3.243   0.675   1.00 20.48  ? 16  ILE A CG2   1 
ATOM   96  C CD1   . ILE A 1 16  ? 3.661   6.192   1.253   1.00 24.96  ? 16  ILE A CD1   1 
ATOM   97  N N     . LEU A 1 17  ? 1.915   0.880   0.820   1.00 19.07  ? 17  LEU A N     1 
ATOM   98  C CA    . LEU A 1 17  ? 2.051   -0.559  1.052   1.00 21.16  ? 17  LEU A CA    1 
ATOM   99  C C     . LEU A 1 17  ? 1.434   -1.374  -0.075  1.00 21.10  ? 17  LEU A C     1 
ATOM   100 O O     . LEU A 1 17  ? 2.028   -2.340  -0.546  1.00 22.65  ? 17  LEU A O     1 
ATOM   101 C CB    . LEU A 1 17  ? 1.420   -0.951  2.397   1.00 20.27  ? 17  LEU A CB    1 
ATOM   102 C CG    . LEU A 1 17  ? 2.112   -0.277  3.594   1.00 27.07  ? 17  LEU A CG    1 
ATOM   103 C CD1   . LEU A 1 17  ? 1.545   -0.715  4.943   1.00 24.25  ? 17  LEU A CD1   1 
ATOM   104 C CD2   . LEU A 1 17  ? 3.617   -0.550  3.534   1.00 20.03  ? 17  LEU A CD2   1 
ATOM   105 N N     . LEU A 1 18  ? 0.244   -0.984  -0.518  1.00 24.73  ? 18  LEU A N     1 
ATOM   106 C CA    . LEU A 1 18  ? -0.381  -1.679  -1.631  1.00 28.28  ? 18  LEU A CA    1 
ATOM   107 C C     . LEU A 1 18  ? 0.444   -1.543  -2.912  1.00 26.47  ? 18  LEU A C     1 
ATOM   108 O O     . LEU A 1 18  ? 0.589   -2.497  -3.677  1.00 28.81  ? 18  LEU A O     1 
ATOM   109 C CB    . LEU A 1 18  ? -1.799  -1.171  -1.841  1.00 31.31  ? 18  LEU A CB    1 
ATOM   110 C CG    . LEU A 1 18  ? -2.688  -1.638  -0.687  1.00 32.76  ? 18  LEU A CG    1 
ATOM   111 C CD1   . LEU A 1 18  ? -4.062  -0.931  -0.694  1.00 31.67  ? 18  LEU A CD1   1 
ATOM   112 C CD2   . LEU A 1 18  ? -2.824  -3.160  -0.712  1.00 20.86  ? 18  LEU A CD2   1 
ATOM   113 N N     . ASN A 1 19  ? 0.987   -0.359  -3.143  1.00 19.83  ? 19  ASN A N     1 
ATOM   114 C CA    . ASN A 1 19  ? 1.837   -0.151  -4.312  1.00 26.72  ? 19  ASN A CA    1 
ATOM   115 C C     . ASN A 1 19  ? 3.162   -0.921  -4.287  1.00 27.57  ? 19  ASN A C     1 
ATOM   116 O O     . ASN A 1 19  ? 3.614   -1.383  -5.333  1.00 32.68  ? 19  ASN A O     1 
ATOM   117 C CB    . ASN A 1 19  ? 2.069   1.336   -4.562  1.00 22.50  ? 19  ASN A CB    1 
ATOM   118 C CG    . ASN A 1 19  ? 1.032   1.917   -5.496  1.00 35.12  ? 19  ASN A CG    1 
ATOM   119 O OD1   . ASN A 1 19  ? 1.059   1.663   -6.708  1.00 39.27  ? 19  ASN A OD1   1 
ATOM   120 N ND2   . ASN A 1 19  ? 0.094   2.681   -4.938  1.00 29.20  ? 19  ASN A ND2   1 
ATOM   121 N N     . VAL A 1 20  ? 3.771   -1.067  -3.106  1.00 24.40  ? 20  VAL A N     1 
ATOM   122 C CA    . VAL A 1 20  ? 4.939   -1.932  -2.958  1.00 28.41  ? 20  VAL A CA    1 
ATOM   123 C C     . VAL A 1 20  ? 4.587   -3.355  -3.371  1.00 28.17  ? 20  VAL A C     1 
ATOM   124 O O     . VAL A 1 20  ? 5.299   -3.984  -4.161  1.00 25.88  ? 20  VAL A O     1 
ATOM   125 C CB    . VAL A 1 20  ? 5.439   -1.994  -1.496  1.00 28.83  ? 20  VAL A CB    1 
ATOM   126 C CG1   . VAL A 1 20  ? 6.452   -3.109  -1.345  1.00 19.58  ? 20  VAL A CG1   1 
ATOM   127 C CG2   . VAL A 1 20  ? 6.024   -0.665  -1.058  1.00 29.29  ? 20  VAL A CG2   1 
ATOM   128 N N     . LEU A 1 21  ? 3.483   -3.858  -2.822  1.00 23.79  ? 21  LEU A N     1 
ATOM   129 C CA    . LEU A 1 21  ? 3.019   -5.206  -3.114  1.00 26.75  ? 21  LEU A CA    1 
ATOM   130 C C     . LEU A 1 21  ? 2.660   -5.359  -4.583  1.00 40.50  ? 21  LEU A C     1 
ATOM   131 O O     . LEU A 1 21  ? 2.814   -6.436  -5.161  1.00 31.23  ? 21  LEU A O     1 
ATOM   132 C CB    . LEU A 1 21  ? 1.788   -5.560  -2.276  1.00 23.00  ? 21  LEU A CB    1 
ATOM   133 C CG    . LEU A 1 21  ? 2.005   -5.716  -0.773  1.00 29.26  ? 21  LEU A CG    1 
ATOM   134 C CD1   . LEU A 1 21  ? 0.774   -6.374  -0.168  1.00 23.24  ? 21  LEU A CD1   1 
ATOM   135 C CD2   . LEU A 1 21  ? 3.265   -6.533  -0.486  1.00 18.36  ? 21  LEU A CD2   1 
ATOM   136 N N     . LYS A 1 22  ? 2.162   -4.284  -5.185  1.00 42.49  ? 22  LYS A N     1 
ATOM   137 C CA    . LYS A 1 22  ? 1.869   -4.314  -6.603  1.00 28.72  ? 22  LYS A CA    1 
ATOM   138 C C     . LYS A 1 22  ? 3.144   -4.572  -7.417  1.00 31.00  ? 22  LYS A C     1 
ATOM   139 O O     . LYS A 1 22  ? 3.105   -5.278  -8.420  1.00 24.61  ? 22  LYS A O     1 
ATOM   140 C CB    . LYS A 1 22  ? 1.179   -3.033  -7.063  1.00 31.48  ? 22  LYS A CB    1 
ATOM   141 C CG    . LYS A 1 22  ? 0.738   -3.115  -8.527  1.00 38.88  ? 22  LYS A CG    1 
ATOM   142 C CD    . LYS A 1 22  ? 0.101   -1.829  -9.009  1.00 37.05  ? 22  LYS A CD    1 
ATOM   143 C CE    . LYS A 1 22  ? 0.560   -1.524  -10.434 1.00 46.01  ? 22  LYS A CE    1 
ATOM   144 N NZ    . LYS A 1 22  ? 0.050   -0.201  -10.908 1.00 50.80  ? 22  LYS A NZ    1 
ATOM   145 N N     . GLN A 1 23  ? 4.275   -4.016  -6.980  1.00 37.49  ? 23  GLN A N     1 
ATOM   146 C CA    . GLN A 1 23  ? 5.551   -4.268  -7.663  1.00 43.59  ? 23  GLN A CA    1 
ATOM   147 C C     . GLN A 1 23  ? 6.008   -5.735  -7.557  1.00 43.99  ? 23  GLN A C     1 
ATOM   148 O O     . GLN A 1 23  ? 6.675   -6.234  -8.454  1.00 42.37  ? 23  GLN A O     1 
ATOM   149 C CB    . GLN A 1 23  ? 6.669   -3.313  -7.194  1.00 26.18  ? 23  GLN A CB    1 
ATOM   150 C CG    . GLN A 1 23  ? 6.318   -1.826  -7.291  1.00 45.06  ? 23  GLN A CG    1 
ATOM   151 C CD    . GLN A 1 23  ? 5.454   -1.480  -8.507  1.00 62.30  ? 23  GLN A CD    1 
ATOM   152 O OE1   . GLN A 1 23  ? 5.734   -1.910  -9.645  1.00 53.84  ? 23  GLN A OE1   1 
ATOM   153 N NE2   . GLN A 1 23  ? 4.390   -0.695  -8.267  1.00 43.53  ? 23  GLN A NE2   1 
ATOM   154 N N     . GLY A 1 24  ? 5.648   -6.409  -6.463  1.00 40.46  ? 24  GLY A N     1 
ATOM   155 C CA    . GLY A 1 24  ? 5.988   -7.815  -6.246  1.00 35.86  ? 24  GLY A CA    1 
ATOM   156 C C     . GLY A 1 24  ? 5.678   -8.296  -4.821  1.00 33.43  ? 24  GLY A C     1 
ATOM   157 O O     . GLY A 1 24  ? 5.585   -7.470  -3.899  1.00 29.86  ? 24  GLY A O     1 
ATOM   158 N N     . ASP A 1 25  ? 5.500   -9.610  -4.631  1.00 32.80  ? 25  ASP A N     1 
ATOM   159 C CA    . ASP A 1 25  ? 5.346   -10.184 -3.276  1.00 31.72  ? 25  ASP A CA    1 
ATOM   160 C C     . ASP A 1 25  ? 6.557   -9.766  -2.448  1.00 30.35  ? 25  ASP A C     1 
ATOM   161 O O     . ASP A 1 25  ? 7.662   -9.696  -2.979  1.00 29.72  ? 25  ASP A O     1 
ATOM   162 C CB    . ASP A 1 25  ? 5.311   -11.720 -3.309  1.00 29.54  ? 25  ASP A CB    1 
ATOM   163 C CG    . ASP A 1 25  ? 4.110   -12.274 -4.044  1.00 22.23  ? 25  ASP A CG    1 
ATOM   164 O OD1   . ASP A 1 25  ? 3.347   -11.494 -4.662  1.00 22.46  ? 25  ASP A OD1   1 
ATOM   165 O OD2   . ASP A 1 25  ? 3.944   -13.509 -4.011  1.00 34.86  ? 25  ASP A OD2   1 
ATOM   166 N N     . ASN A 1 26  ? 6.359   -9.495  -1.157  1.00 28.26  ? 26  ASN A N     1 
ATOM   167 C CA    . ASN A 1 26  ? 7.448   -8.989  -0.321  1.00 20.41  ? 26  ASN A CA    1 
ATOM   168 C C     . ASN A 1 26  ? 7.207   -9.319  1.142   1.00 18.86  ? 26  ASN A C     1 
ATOM   169 O O     . ASN A 1 26  ? 6.099   -9.684  1.519   1.00 28.57  ? 26  ASN A O     1 
ATOM   170 C CB    . ASN A 1 26  ? 7.588   -7.460  -0.483  1.00 17.92  ? 26  ASN A CB    1 
ATOM   171 C CG    . ASN A 1 26  ? 9.041   -7.009  -0.609  1.00 31.15  ? 26  ASN A CG    1 
ATOM   172 O OD1   . ASN A 1 26  ? 9.912   -7.427  0.166   1.00 30.19  ? 26  ASN A OD1   1 
ATOM   173 N ND2   . ASN A 1 26  ? 9.308   -6.143  -1.594  1.00 30.36  ? 26  ASN A ND2   1 
ATOM   174 N N     . TYR A 1 27  ? 8.246   -9.173  1.961   1.00 34.78  ? 27  TYR A N     1 
ATOM   175 C CA    . TYR A 1 27  ? 8.137   -9.393  3.400   1.00 26.26  ? 27  TYR A CA    1 
ATOM   176 C C     . TYR A 1 27  ? 8.405   -8.081  4.138   1.00 26.86  ? 27  TYR A C     1 
ATOM   177 O O     . TYR A 1 27  ? 9.011   -7.150  3.580   1.00 26.83  ? 27  TYR A O     1 
ATOM   178 C CB    . TYR A 1 27  ? 9.112   -10.482 3.858   1.00 26.68  ? 27  TYR A CB    1 
ATOM   179 C CG    . TYR A 1 27  ? 10.568  -10.119 3.665   1.00 33.40  ? 27  TYR A CG    1 
ATOM   180 C CD1   . TYR A 1 27  ? 11.153  -10.153 2.403   1.00 32.96  ? 27  TYR A CD1   1 
ATOM   181 C CD2   . TYR A 1 27  ? 11.363  -9.743  4.747   1.00 43.56  ? 27  TYR A CD2   1 
ATOM   182 C CE1   . TYR A 1 27  ? 12.502  -9.818  2.219   1.00 41.33  ? 27  TYR A CE1   1 
ATOM   183 C CE2   . TYR A 1 27  ? 12.708  -9.410  4.576   1.00 49.12  ? 27  TYR A CE2   1 
ATOM   184 C CZ    . TYR A 1 27  ? 13.270  -9.450  3.311   1.00 50.36  ? 27  TYR A CZ    1 
ATOM   185 O OH    . TYR A 1 27  ? 14.595  -9.118  3.131   1.00 56.16  ? 27  TYR A OH    1 
ATOM   186 N N     . VAL A 1 28  ? 7.963   -8.013  5.394   1.00 26.43  ? 28  VAL A N     1 
ATOM   187 C CA    . VAL A 1 28  ? 7.881   -6.752  6.122   1.00 24.73  ? 28  VAL A CA    1 
ATOM   188 C C     . VAL A 1 28  ? 9.155   -5.911  6.047   1.00 38.41  ? 28  VAL A C     1 
ATOM   189 O O     . VAL A 1 28  ? 9.102   -4.712  5.741   1.00 35.95  ? 28  VAL A O     1 
ATOM   190 C CB    . VAL A 1 28  ? 7.484   -6.984  7.587   1.00 31.63  ? 28  VAL A CB    1 
ATOM   191 C CG1   . VAL A 1 28  ? 7.582   -5.695  8.376   1.00 27.71  ? 28  VAL A CG1   1 
ATOM   192 C CG2   . VAL A 1 28  ? 6.057   -7.553  7.648   1.00 34.19  ? 28  VAL A CG2   1 
ATOM   193 N N     . TYR A 1 29  ? 10.294  -6.536  6.320   1.00 20.64  ? 29  TYR A N     1 
ATOM   194 C CA    . TYR A 1 29  ? 11.563  -5.818  6.325   1.00 39.91  ? 29  TYR A CA    1 
ATOM   195 C C     . TYR A 1 29  ? 11.910  -5.339  4.922   1.00 35.21  ? 29  TYR A C     1 
ATOM   196 O O     . TYR A 1 29  ? 12.417  -4.231  4.756   1.00 37.78  ? 29  TYR A O     1 
ATOM   197 C CB    . TYR A 1 29  ? 12.690  -6.703  6.871   1.00 53.61  ? 29  TYR A CB    1 
ATOM   198 C CG    . TYR A 1 29  ? 12.559  -7.074  8.333   1.00 68.51  ? 29  TYR A CG    1 
ATOM   199 C CD1   . TYR A 1 29  ? 12.314  -6.103  9.302   1.00 54.77  ? 29  TYR A CD1   1 
ATOM   200 C CD2   . TYR A 1 29  ? 12.675  -8.402  8.743   1.00 77.35  ? 29  TYR A CD2   1 
ATOM   201 C CE1   . TYR A 1 29  ? 12.198  -6.444  10.640  1.00 74.49  ? 29  TYR A CE1   1 
ATOM   202 C CE2   . TYR A 1 29  ? 12.557  -8.754  10.081  1.00 80.23  ? 29  TYR A CE2   1 
ATOM   203 C CZ    . TYR A 1 29  ? 12.319  -7.771  11.025  1.00 87.51  ? 29  TYR A CZ    1 
ATOM   204 O OH    . TYR A 1 29  ? 12.202  -8.116  12.354  1.00 89.57  ? 29  TYR A OH    1 
ATOM   205 N N     . GLY A 1 30  ? 11.643  -6.175  3.917   1.00 28.82  ? 30  GLY A N     1 
ATOM   206 C CA    . GLY A 1 30  ? 11.915  -5.804  2.535   1.00 33.03  ? 30  GLY A CA    1 
ATOM   207 C C     . GLY A 1 30  ? 11.114  -4.580  2.109   1.00 30.63  ? 30  GLY A C     1 
ATOM   208 O O     . GLY A 1 30  ? 11.634  -3.678  1.451   1.00 37.29  ? 30  GLY A O     1 
ATOM   209 N N     . ILE A 1 31  ? 9.846   -4.560  2.505   1.00 28.86  ? 31  ILE A N     1 
ATOM   210 C CA    . ILE A 1 31  ? 8.922   -3.469  2.224   1.00 23.36  ? 31  ILE A CA    1 
ATOM   211 C C     . ILE A 1 31  ? 9.406   -2.164  2.863   1.00 30.77  ? 31  ILE A C     1 
ATOM   212 O O     . ILE A 1 31  ? 9.431   -1.110  2.227   1.00 40.36  ? 31  ILE A O     1 
ATOM   213 C CB    . ILE A 1 31  ? 7.513   -3.851  2.754   1.00 22.26  ? 31  ILE A CB    1 
ATOM   214 C CG1   . ILE A 1 31  ? 6.959   -5.034  1.945   1.00 23.57  ? 31  ILE A CG1   1 
ATOM   215 C CG2   . ILE A 1 31  ? 6.561   -2.673  2.723   1.00 17.87  ? 31  ILE A CG2   1 
ATOM   216 C CD1   . ILE A 1 31  ? 5.667   -5.644  2.518   1.00 26.04  ? 31  ILE A CD1   1 
ATOM   217 N N     . ILE A 1 32  ? 9.799   -2.251  4.126   1.00 28.67  ? 32  ILE A N     1 
ATOM   218 C CA    . ILE A 1 32  ? 10.290  -1.109  4.881   1.00 29.39  ? 32  ILE A CA    1 
ATOM   219 C C     . ILE A 1 32  ? 11.546  -0.513  4.254   1.00 30.80  ? 32  ILE A C     1 
ATOM   220 O O     . ILE A 1 32  ? 11.714  0.703   4.234   1.00 35.59  ? 32  ILE A O     1 
ATOM   221 C CB    . ILE A 1 32  ? 10.579  -1.519  6.335   1.00 34.84  ? 32  ILE A CB    1 
ATOM   222 C CG1   . ILE A 1 32  ? 9.261   -1.830  7.052   1.00 28.61  ? 32  ILE A CG1   1 
ATOM   223 C CG2   . ILE A 1 32  ? 11.392  -0.431  7.062   1.00 25.41  ? 32  ILE A CG2   1 
ATOM   224 C CD1   . ILE A 1 32  ? 9.462   -2.402  8.445   1.00 34.91  ? 32  ILE A CD1   1 
ATOM   225 N N     . LYS A 1 33  ? 12.425  -1.369  3.738   1.00 30.16  ? 33  LYS A N     1 
ATOM   226 C CA    . LYS A 1 33  ? 13.623  -0.904  3.037   1.00 34.64  ? 33  LYS A CA    1 
ATOM   227 C C     . LYS A 1 33  ? 13.271  -0.170  1.736   1.00 38.60  ? 33  LYS A C     1 
ATOM   228 O O     . LYS A 1 33  ? 13.781  0.916   1.457   1.00 32.12  ? 33  LYS A O     1 
ATOM   229 C CB    . LYS A 1 33  ? 14.565  -2.073  2.723   1.00 35.60  ? 33  LYS A CB    1 
ATOM   230 C CG    . LYS A 1 33  ? 15.571  -1.751  1.609   1.00 56.13  ? 33  LYS A CG    1 
ATOM   231 C CD    . LYS A 1 33  ? 16.934  -2.408  1.853   1.00 78.81  ? 33  LYS A CD    1 
ATOM   232 C CE    . LYS A 1 33  ? 18.072  -1.693  1.097   1.00 86.68  ? 33  LYS A CE    1 
ATOM   233 N NZ    . LYS A 1 33  ? 18.247  -2.159  -0.310  1.00 87.12  ? 33  LYS A NZ    1 
ATOM   234 N N     . GLN A 1 34  ? 12.402  -0.786  0.944   1.00 30.29  ? 34  GLN A N     1 
ATOM   235 C CA    . GLN A 1 34  ? 11.972  -0.222  -0.322  1.00 30.36  ? 34  GLN A CA    1 
ATOM   236 C C     . GLN A 1 34  ? 11.264  1.117   -0.112  1.00 33.22  ? 34  GLN A C     1 
ATOM   237 O O     . GLN A 1 34  ? 11.469  2.058   -0.886  1.00 29.42  ? 34  GLN A O     1 
ATOM   238 C CB    . GLN A 1 34  ? 11.043  -1.212  -1.034  1.00 34.96  ? 34  GLN A CB    1 
ATOM   239 C CG    . GLN A 1 34  ? 11.218  -1.263  -2.528  1.00 53.27  ? 34  GLN A CG    1 
ATOM   240 C CD    . GLN A 1 34  ? 10.874  -2.626  -3.079  1.00 68.69  ? 34  GLN A CD    1 
ATOM   241 O OE1   . GLN A 1 34  ? 11.491  -3.628  -2.703  1.00 78.72  ? 34  GLN A OE1   1 
ATOM   242 N NE2   . GLN A 1 34  ? 9.873   -2.679  -3.968  1.00 52.02  ? 34  GLN A NE2   1 
ATOM   243 N N     . VAL A 1 35  ? 10.438  1.214   0.929   1.00 23.09  ? 35  VAL A N     1 
ATOM   244 C CA    . VAL A 1 35  ? 9.731   2.465   1.165   1.00 29.45  ? 35  VAL A CA    1 
ATOM   245 C C     . VAL A 1 35  ? 10.697  3.557   1.638   1.00 35.82  ? 35  VAL A C     1 
ATOM   246 O O     . VAL A 1 35  ? 10.569  4.722   1.244   1.00 33.63  ? 35  VAL A O     1 
ATOM   247 C CB    . VAL A 1 35  ? 8.512   2.316   2.115   1.00 18.85  ? 35  VAL A CB    1 
ATOM   248 C CG1   . VAL A 1 35  ? 7.972   3.677   2.506   1.00 20.13  ? 35  VAL A CG1   1 
ATOM   249 C CG2   . VAL A 1 35  ? 7.409   1.476   1.450   1.00 16.64  ? 35  VAL A CG2   1 
ATOM   250 N N     . LYS A 1 36  ? 11.679  3.186   2.457   1.00 36.43  ? 36  LYS A N     1 
ATOM   251 C CA    . LYS A 1 36  ? 12.663  4.163   2.924   1.00 42.00  ? 36  LYS A CA    1 
ATOM   252 C C     . LYS A 1 36  ? 13.530  4.698   1.774   1.00 41.89  ? 36  LYS A C     1 
ATOM   253 O O     . LYS A 1 36  ? 13.866  5.884   1.729   1.00 35.43  ? 36  LYS A O     1 
ATOM   254 C CB    . LYS A 1 36  ? 13.548  3.584   4.034   1.00 37.60  ? 36  LYS A CB    1 
ATOM   255 C CG    . LYS A 1 36  ? 14.589  4.571   4.546   1.00 41.08  ? 36  LYS A CG    1 
ATOM   256 C CD    . LYS A 1 36  ? 15.289  4.058   5.803   1.00 65.52  ? 36  LYS A CD    1 
ATOM   257 C CE    . LYS A 1 36  ? 16.547  4.871   6.131   1.00 74.09  ? 36  LYS A CE    1 
ATOM   258 N NZ    . LYS A 1 36  ? 17.704  4.494   5.268   1.00 75.76  ? 36  LYS A NZ    1 
ATOM   259 N N     . GLU A 1 37  ? 13.874  3.823   0.839   1.00 39.73  ? 37  GLU A N     1 
ATOM   260 C CA    . GLU A 1 37  ? 14.690  4.197   -0.316  1.00 43.65  ? 37  GLU A CA    1 
ATOM   261 C C     . GLU A 1 37  ? 13.896  5.102   -1.272  1.00 40.28  ? 37  GLU A C     1 
ATOM   262 O O     . GLU A 1 37  ? 14.368  6.164   -1.675  1.00 45.42  ? 37  GLU A O     1 
ATOM   263 C CB    . GLU A 1 37  ? 15.187  2.916   -1.009  1.00 40.60  ? 37  GLU A CB    1 
ATOM   264 C CG    . GLU A 1 37  ? 15.495  3.031   -2.485  1.00 70.12  ? 37  GLU A CG    1 
ATOM   265 C CD    . GLU A 1 37  ? 16.920  3.474   -2.754  1.00 85.35  ? 37  GLU A CD    1 
ATOM   266 O OE1   . GLU A 1 37  ? 17.619  3.848   -1.786  1.00 95.66  ? 37  GLU A OE1   1 
ATOM   267 O OE2   . GLU A 1 37  ? 17.340  3.450   -3.933  1.00 84.84  ? 37  GLU A OE2   1 
ATOM   268 N N     . ALA A 1 38  ? 12.679  4.675   -1.608  1.00 36.09  ? 38  ALA A N     1 
ATOM   269 C CA    . ALA A 1 38  ? 11.805  5.407   -2.522  1.00 27.52  ? 38  ALA A CA    1 
ATOM   270 C C     . ALA A 1 38  ? 11.355  6.749   -1.951  1.00 40.88  ? 38  ALA A C     1 
ATOM   271 O O     . ALA A 1 38  ? 10.869  7.610   -2.689  1.00 35.08  ? 38  ALA A O     1 
ATOM   272 C CB    . ALA A 1 38  ? 10.583  4.558   -2.886  1.00 29.16  ? 38  ALA A CB    1 
ATOM   273 N N     . SER A 1 39  ? 11.507  6.920   -0.638  1.00 35.24  ? 39  SER A N     1 
ATOM   274 C CA    . SER A 1 39  ? 11.096  8.149   0.026   1.00 28.59  ? 39  SER A CA    1 
ATOM   275 C C     . SER A 1 39  ? 12.304  9.026   0.342   1.00 38.56  ? 39  SER A C     1 
ATOM   276 O O     . SER A 1 39  ? 12.212  9.951   1.158   1.00 35.50  ? 39  SER A O     1 
ATOM   277 C CB    . SER A 1 39  ? 10.327  7.843   1.318   1.00 36.87  ? 39  SER A CB    1 
ATOM   278 O OG    . SER A 1 39  ? 11.199  7.369   2.330   1.00 41.49  ? 39  SER A OG    1 
ATOM   279 N N     . ASN A 1 40  ? 13.434  8.733   -0.302  1.00 36.66  ? 40  ASN A N     1 
ATOM   280 C CA    . ASN A 1 40  ? 14.682  9.439   -0.025  1.00 48.46  ? 40  ASN A CA    1 
ATOM   281 C C     . ASN A 1 40  ? 14.941  9.570   1.477   1.00 55.47  ? 40  ASN A C     1 
ATOM   282 O O     . ASN A 1 40  ? 15.539  10.553  1.922   1.00 70.65  ? 40  ASN A O     1 
ATOM   283 C CB    . ASN A 1 40  ? 14.696  10.829  -0.681  1.00 41.88  ? 40  ASN A CB    1 
ATOM   284 C CG    . ASN A 1 40  ? 14.303  10.789  -2.149  1.00 52.91  ? 40  ASN A CG    1 
ATOM   285 O OD1   . ASN A 1 40  ? 13.572  11.661  -2.644  1.00 49.78  ? 40  ASN A OD1   1 
ATOM   286 N ND2   . ASN A 1 40  ? 14.777  9.766   -2.854  1.00 57.38  ? 40  ASN A ND2   1 
ATOM   287 N N     . GLY A 1 41  ? 14.482  8.588   2.253   1.00 35.81  ? 41  GLY A N     1 
ATOM   288 C CA    . GLY A 1 41  ? 14.767  8.541   3.678   1.00 41.13  ? 41  GLY A CA    1 
ATOM   289 C C     . GLY A 1 41  ? 13.714  9.165   4.573   1.00 47.57  ? 41  GLY A C     1 
ATOM   290 O O     . GLY A 1 41  ? 13.708  8.935   5.786   1.00 49.90  ? 41  GLY A O     1 
ATOM   291 N N     . GLU A 1 42  ? 12.815  9.953   3.986   1.00 44.19  ? 42  GLU A N     1 
ATOM   292 C CA    . GLU A 1 42  ? 11.829  10.685  4.784   1.00 46.08  ? 42  GLU A CA    1 
ATOM   293 C C     . GLU A 1 42  ? 10.776  9.796   5.431   1.00 46.60  ? 42  GLU A C     1 
ATOM   294 O O     . GLU A 1 42  ? 10.102  10.232  6.368   1.00 53.56  ? 42  GLU A O     1 
ATOM   295 C CB    . GLU A 1 42  ? 11.144  11.800  3.978   1.00 43.23  ? 42  GLU A CB    1 
ATOM   296 C CG    . GLU A 1 42  ? 11.972  13.070  3.887   1.00 68.36  ? 42  GLU A CG    1 
ATOM   297 C CD    . GLU A 1 42  ? 12.824  13.313  5.137   1.00 88.32  ? 42  GLU A CD    1 
ATOM   298 O OE1   . GLU A 1 42  ? 12.269  13.729  6.177   1.00 84.96  ? 42  GLU A OE1   1 
ATOM   299 O OE2   . GLU A 1 42  ? 14.055  13.088  5.081   1.00 96.41  ? 42  GLU A OE2   1 
ATOM   300 N N     . MET A 1 43  ? 10.629  8.566   4.945   1.00 37.22  ? 43  MET A N     1 
ATOM   301 C CA    . MET A 1 43  ? 9.591   7.683   5.480   1.00 45.10  ? 43  MET A CA    1 
ATOM   302 C C     . MET A 1 43  ? 10.117  6.314   5.924   1.00 39.07  ? 43  MET A C     1 
ATOM   303 O O     . MET A 1 43  ? 10.373  5.434   5.097   1.00 38.87  ? 43  MET A O     1 
ATOM   304 C CB    . MET A 1 43  ? 8.446   7.498   4.477   1.00 34.75  ? 43  MET A CB    1 
ATOM   305 C CG    . MET A 1 43  ? 7.139   7.117   5.160   1.00 26.61  ? 43  MET A CG    1 
ATOM   306 S SD    . MET A 1 43  ? 5.873   6.555   4.019   1.00 47.21  ? 43  MET A SD    1 
ATOM   307 C CE    . MET A 1 43  ? 4.397   7.306   4.726   1.00 93.49  ? 43  MET A CE    1 
ATOM   308 N N     . GLU A 1 44  ? 10.270  6.154   7.237   1.00 34.78  ? 44  GLU A N     1 
ATOM   309 C CA    . GLU A 1 44  ? 10.737  4.906   7.836   1.00 36.46  ? 44  GLU A CA    1 
ATOM   310 C C     . GLU A 1 44  ? 9.616   4.213   8.611   1.00 32.87  ? 44  GLU A C     1 
ATOM   311 O O     . GLU A 1 44  ? 9.323   4.565   9.758   1.00 39.79  ? 44  GLU A O     1 
ATOM   312 C CB    . GLU A 1 44  ? 11.885  5.198   8.798   1.00 43.84  ? 44  GLU A CB    1 
ATOM   313 C CG    . GLU A 1 44  ? 12.923  6.107   8.223   1.00 74.54  ? 44  GLU A CG    1 
ATOM   314 C CD    . GLU A 1 44  ? 13.814  6.697   9.287   1.00 89.65  ? 44  GLU A CD    1 
ATOM   315 O OE1   . GLU A 1 44  ? 13.481  7.788   9.803   1.00 80.92  ? 44  GLU A OE1   1 
ATOM   316 O OE2   . GLU A 1 44  ? 14.832  6.054   9.618   1.00 101.04 ? 44  GLU A OE2   1 
ATOM   317 N N     . LEU A 1 45  ? 9.002   3.218   7.996   1.00 33.46  ? 45  LEU A N     1 
ATOM   318 C CA    . LEU A 1 45  ? 7.894   2.541   8.638   1.00 28.95  ? 45  LEU A CA    1 
ATOM   319 C C     . LEU A 1 45  ? 8.359   1.632   9.764   1.00 29.44  ? 45  LEU A C     1 
ATOM   320 O O     . LEU A 1 45  ? 9.407   0.974   9.683   1.00 39.25  ? 45  LEU A O     1 
ATOM   321 C CB    . LEU A 1 45  ? 7.072   1.765   7.609   1.00 24.58  ? 45  LEU A CB    1 
ATOM   322 C CG    . LEU A 1 45  ? 6.587   2.708   6.503   1.00 28.61  ? 45  LEU A CG    1 
ATOM   323 C CD1   . LEU A 1 45  ? 5.963   1.942   5.346   1.00 36.62  ? 45  LEU A CD1   1 
ATOM   324 C CD2   . LEU A 1 45  ? 5.596   3.726   7.076   1.00 34.79  ? 45  LEU A CD2   1 
ATOM   325 N N     . ASN A 1 46  ? 7.565   1.635   10.826  1.00 33.61  ? 46  ASN A N     1 
ATOM   326 C CA    . ASN A 1 46  ? 7.714   0.726   11.950  1.00 34.10  ? 46  ASN A CA    1 
ATOM   327 C C     . ASN A 1 46  ? 7.180   -0.670  11.586  1.00 43.44  ? 46  ASN A C     1 
ATOM   328 O O     . ASN A 1 46  ? 6.125   -0.806  10.951  1.00 32.12  ? 46  ASN A O     1 
ATOM   329 C CB    . ASN A 1 46  ? 6.933   1.293   13.143  1.00 49.99  ? 46  ASN A CB    1 
ATOM   330 C CG    . ASN A 1 46  ? 7.647   1.092   14.451  1.00 74.82  ? 46  ASN A CG    1 
ATOM   331 O OD1   . ASN A 1 46  ? 8.536   0.244   14.560  1.00 81.88  ? 46  ASN A OD1   1 
ATOM   332 N ND2   . ASN A 1 46  ? 7.262   1.868   15.463  1.00 88.31  ? 46  ASN A ND2   1 
ATOM   333 N N     . GLU A 1 47  ? 7.926   -1.701  11.970  1.00 41.51  ? 47  GLU A N     1 
ATOM   334 C CA    . GLU A 1 47  ? 7.508   -3.076  11.768  1.00 26.51  ? 47  GLU A CA    1 
ATOM   335 C C     . GLU A 1 47  ? 6.061   -3.301  12.217  1.00 32.86  ? 47  GLU A C     1 
ATOM   336 O O     . GLU A 1 47  ? 5.282   -3.996  11.543  1.00 27.29  ? 47  GLU A O     1 
ATOM   337 C CB    . GLU A 1 47  ? 8.454   -4.009  12.539  1.00 27.09  ? 47  GLU A CB    1 
ATOM   338 C CG    . GLU A 1 47  ? 8.267   -5.479  12.265  1.00 49.29  ? 47  GLU A CG    1 
ATOM   339 C CD    . GLU A 1 47  ? 9.013   -6.337  13.266  1.00 62.93  ? 47  GLU A CD    1 
ATOM   340 O OE1   . GLU A 1 47  ? 9.467   -5.779  14.290  1.00 68.33  ? 47  GLU A OE1   1 
ATOM   341 O OE2   . GLU A 1 47  ? 9.147   -7.558  13.037  1.00 66.06  ? 47  GLU A OE2   1 
ATOM   342 N N     . ALA A 1 48  ? 5.712   -2.705  13.358  1.00 31.03  ? 48  ALA A N     1 
ATOM   343 C CA    . ALA A 1 48  ? 4.425   -2.942  14.002  1.00 22.24  ? 48  ALA A CA    1 
ATOM   344 C C     . ALA A 1 48  ? 3.298   -2.276  13.229  1.00 28.49  ? 48  ALA A C     1 
ATOM   345 O O     . ALA A 1 48  ? 2.196   -2.820  13.146  1.00 33.50  ? 48  ALA A O     1 
ATOM   346 C CB    . ALA A 1 48  ? 4.439   -2.463  15.451  1.00 24.57  ? 48  ALA A CB    1 
ATOM   347 N N     . THR A 1 49  ? 3.568   -1.101  12.666  1.00 31.01  ? 49  THR A N     1 
ATOM   348 C CA    . THR A 1 49  ? 2.590   -0.429  11.824  1.00 33.24  ? 49  THR A CA    1 
ATOM   349 C C     . THR A 1 49  ? 2.198   -1.361  10.690  1.00 28.81  ? 49  THR A C     1 
ATOM   350 O O     . THR A 1 49  ? 1.018   -1.467  10.353  1.00 27.54  ? 49  THR A O     1 
ATOM   351 C CB    . THR A 1 49  ? 3.151   0.879   11.238  1.00 38.48  ? 49  THR A CB    1 
ATOM   352 O OG1   . THR A 1 49  ? 3.590   1.723   12.304  1.00 37.44  ? 49  THR A OG1   1 
ATOM   353 C CG2   . THR A 1 49  ? 2.071   1.618   10.446  1.00 38.86  ? 49  THR A CG2   1 
ATOM   354 N N     . LEU A 1 50  ? 3.179   -2.062  10.118  1.00 28.17  ? 50  LEU A N     1 
ATOM   355 C CA    . LEU A 1 50  ? 2.883   -2.963  9.008   1.00 24.61  ? 50  LEU A CA    1 
ATOM   356 C C     . LEU A 1 50  ? 1.979   -4.126  9.438   1.00 25.53  ? 50  LEU A C     1 
ATOM   357 O O     . LEU A 1 50  ? 1.056   -4.505  8.712   1.00 22.69  ? 50  LEU A O     1 
ATOM   358 C CB    . LEU A 1 50  ? 4.159   -3.440  8.302   1.00 21.31  ? 50  LEU A CB    1 
ATOM   359 C CG    . LEU A 1 50  ? 4.551   -2.568  7.100   1.00 27.63  ? 50  LEU A CG    1 
ATOM   360 C CD1   . LEU A 1 50  ? 4.690   -1.127  7.518   1.00 35.67  ? 50  LEU A CD1   1 
ATOM   361 C CD2   . LEU A 1 50  ? 5.824   -3.045  6.415   1.00 40.77  ? 50  LEU A CD2   1 
ATOM   362 N N     . TYR A 1 51  ? 2.208   -4.659  10.633  1.00 16.57  ? 51  TYR A N     1 
ATOM   363 C CA    . TYR A 1 51  ? 1.394   -5.769  11.116  1.00 23.83  ? 51  TYR A CA    1 
ATOM   364 C C     . TYR A 1 51  ? -0.034  -5.337  11.344  1.00 24.64  ? 51  TYR A C     1 
ATOM   365 O O     . TYR A 1 51  ? -0.963  -6.079  11.040  1.00 24.90  ? 51  TYR A O     1 
ATOM   366 C CB    . TYR A 1 51  ? 1.996   -6.397  12.380  1.00 24.94  ? 51  TYR A CB    1 
ATOM   367 C CG    . TYR A 1 51  ? 3.291   -7.098  12.071  1.00 33.95  ? 51  TYR A CG    1 
ATOM   368 C CD1   . TYR A 1 51  ? 3.369   -7.998  11.010  1.00 27.92  ? 51  TYR A CD1   1 
ATOM   369 C CD2   . TYR A 1 51  ? 4.446   -6.829  12.796  1.00 26.78  ? 51  TYR A CD2   1 
ATOM   370 C CE1   . TYR A 1 51  ? 4.559   -8.633  10.695  1.00 32.60  ? 51  TYR A CE1   1 
ATOM   371 C CE2   . TYR A 1 51  ? 5.647   -7.464  12.486  1.00 33.63  ? 51  TYR A CE2   1 
ATOM   372 C CZ    . TYR A 1 51  ? 5.695   -8.361  11.433  1.00 40.45  ? 51  TYR A CZ    1 
ATOM   373 O OH    . TYR A 1 51  ? 6.876   -9.000  11.118  1.00 69.90  ? 51  TYR A OH    1 
ATOM   374 N N     . THR A 1 52  ? -0.215  -4.130  11.869  1.00 26.99  ? 52  THR A N     1 
ATOM   375 C CA    . THR A 1 52  ? -1.561  -3.608  12.062  1.00 27.27  ? 52  THR A CA    1 
ATOM   376 C C     . THR A 1 52  ? -2.274  -3.510  10.706  1.00 21.91  ? 52  THR A C     1 
ATOM   377 O O     . THR A 1 52  ? -3.380  -3.999  10.547  1.00 26.03  ? 52  THR A O     1 
ATOM   378 C CB    . THR A 1 52  ? -1.540  -2.240  12.761  1.00 28.32  ? 52  THR A CB    1 
ATOM   379 O OG1   . THR A 1 52  ? -1.016  -2.392  14.088  1.00 34.37  ? 52  THR A OG1   1 
ATOM   380 C CG2   . THR A 1 52  ? -2.947  -1.650  12.843  1.00 21.14  ? 52  THR A CG2   1 
ATOM   381 N N     . ILE A 1 53  ? -1.617  -2.912  9.721   1.00 28.30  ? 53  ILE A N     1 
ATOM   382 C CA    . ILE A 1 53  ? -2.240  -2.685  8.415   1.00 22.75  ? 53  ILE A CA    1 
ATOM   383 C C     . ILE A 1 53  ? -2.474  -3.991  7.670   1.00 25.48  ? 53  ILE A C     1 
ATOM   384 O O     . ILE A 1 53  ? -3.531  -4.183  7.058   1.00 23.72  ? 53  ILE A O     1 
ATOM   385 C CB    . ILE A 1 53  ? -1.403  -1.692  7.572   1.00 24.32  ? 53  ILE A CB    1 
ATOM   386 C CG1   . ILE A 1 53  ? -1.379  -0.323  8.273   1.00 23.86  ? 53  ILE A CG1   1 
ATOM   387 C CG2   . ILE A 1 53  ? -1.962  -1.552  6.160   1.00 25.13  ? 53  ILE A CG2   1 
ATOM   388 C CD1   . ILE A 1 53  ? -0.476  0.691   7.610   1.00 27.82  ? 53  ILE A CD1   1 
ATOM   389 N N     . PHE A 1 54  ? -1.496  -4.892  7.733   1.00 20.00  ? 54  PHE A N     1 
ATOM   390 C CA    . PHE A 1 54  ? -1.613  -6.197  7.077   1.00 25.27  ? 54  PHE A CA    1 
ATOM   391 C C     . PHE A 1 54  ? -2.661  -7.120  7.721   1.00 25.07  ? 54  PHE A C     1 
ATOM   392 O O     . PHE A 1 54  ? -3.305  -7.922  7.036   1.00 36.77  ? 54  PHE A O     1 
ATOM   393 C CB    . PHE A 1 54  ? -0.248  -6.894  6.992   1.00 29.01  ? 54  PHE A CB    1 
ATOM   394 C CG    . PHE A 1 54  ? 0.702   -6.244  6.016   1.00 23.56  ? 54  PHE A CG    1 
ATOM   395 C CD1   . PHE A 1 54  ? 0.266   -5.225  5.183   1.00 26.84  ? 54  PHE A CD1   1 
ATOM   396 C CD2   . PHE A 1 54  ? 2.027   -6.673  5.910   1.00 29.63  ? 54  PHE A CD2   1 
ATOM   397 C CE1   . PHE A 1 54  ? 1.135   -4.627  4.261   1.00 35.85  ? 54  PHE A CE1   1 
ATOM   398 C CE2   . PHE A 1 54  ? 2.900   -6.082  4.992   1.00 31.11  ? 54  PHE A CE2   1 
ATOM   399 C CZ    . PHE A 1 54  ? 2.450   -5.056  4.161   1.00 30.38  ? 54  PHE A CZ    1 
ATOM   400 N N     . LYS A 1 55  ? -2.849  -7.017  9.029   1.00 30.74  ? 55  LYS A N     1 
ATOM   401 C CA    . LYS A 1 55  ? -3.920  -7.787  9.654   1.00 29.96  ? 55  LYS A CA    1 
ATOM   402 C C     . LYS A 1 55  ? -5.284  -7.398  9.078   1.00 26.64  ? 55  LYS A C     1 
ATOM   403 O O     . LYS A 1 55  ? -6.129  -8.250  8.807   1.00 31.81  ? 55  LYS A O     1 
ATOM   404 C CB    . LYS A 1 55  ? -3.931  -7.593  11.163  1.00 30.43  ? 55  LYS A CB    1 
ATOM   405 C CG    . LYS A 1 55  ? -5.111  -8.291  11.809  1.00 27.56  ? 55  LYS A CG    1 
ATOM   406 C CD    . LYS A 1 55  ? -4.776  -8.807  13.205  1.00 50.11  ? 55  LYS A CD    1 
ATOM   407 C CE    . LYS A 1 55  ? -5.954  -9.578  13.768  1.00 52.85  ? 55  LYS A CE    1 
ATOM   408 N NZ    . LYS A 1 55  ? -7.216  -8.793  13.593  1.00 55.81  ? 55  LYS A NZ    1 
ATOM   409 N N     . ARG A 1 56  ? -5.484  -6.098  8.889   1.00 26.71  ? 56  ARG A N     1 
ATOM   410 C CA    . ARG A 1 56  ? -6.733  -5.572  8.346   1.00 28.23  ? 56  ARG A CA    1 
ATOM   411 C C     . ARG A 1 56  ? -6.924  -5.901  6.851   1.00 33.94  ? 56  ARG A C     1 
ATOM   412 O O     . ARG A 1 56  ? -8.021  -6.277  6.420   1.00 32.40  ? 56  ARG A O     1 
ATOM   413 C CB    . ARG A 1 56  ? -6.790  -4.068  8.599   1.00 30.71  ? 56  ARG A CB    1 
ATOM   414 C CG    . ARG A 1 56  ? -7.882  -3.334  7.861   1.00 51.11  ? 56  ARG A CG    1 
ATOM   415 C CD    . ARG A 1 56  ? -9.251  -3.615  8.432   1.00 62.51  ? 56  ARG A CD    1 
ATOM   416 N NE    . ARG A 1 56  ? -10.251 -2.811  7.734   1.00 88.84  ? 56  ARG A NE    1 
ATOM   417 C CZ    . ARG A 1 56  ? -11.544 -2.779  8.039   1.00 107.06 ? 56  ARG A CZ    1 
ATOM   418 N NH1   . ARG A 1 56  ? -12.010 -3.507  9.044   1.00 114.42 ? 56  ARG A NH1   1 
ATOM   419 N NH2   . ARG A 1 56  ? -12.370 -2.013  7.334   1.00 105.78 ? 56  ARG A NH2   1 
ATOM   420 N N     . LEU A 1 57  ? -5.855  -5.781  6.067   1.00 18.50  ? 57  LEU A N     1 
ATOM   421 C CA    . LEU A 1 57  ? -5.939  -6.080  4.633   1.00 22.17  ? 57  LEU A CA    1 
ATOM   422 C C     . LEU A 1 57  ? -6.206  -7.554  4.361   1.00 23.62  ? 57  LEU A C     1 
ATOM   423 O O     . LEU A 1 57  ? -6.879  -7.889  3.388   1.00 23.22  ? 57  LEU A O     1 
ATOM   424 C CB    . LEU A 1 57  ? -4.674  -5.644  3.892   1.00 16.82  ? 57  LEU A CB    1 
ATOM   425 C CG    . LEU A 1 57  ? -4.411  -4.137  3.806   1.00 22.75  ? 57  LEU A CG    1 
ATOM   426 C CD1   . LEU A 1 57  ? -3.076  -3.858  3.118   1.00 28.26  ? 57  LEU A CD1   1 
ATOM   427 C CD2   . LEU A 1 57  ? -5.557  -3.432  3.074   1.00 18.60  ? 57  LEU A CD2   1 
ATOM   428 N N     . GLU A 1 58  ? -5.665  -8.429  5.207   1.00 26.73  ? 58  GLU A N     1 
ATOM   429 C CA    . GLU A 1 58  ? -5.828  -9.872  5.031   1.00 30.85  ? 58  GLU A CA    1 
ATOM   430 C C     . GLU A 1 58  ? -7.276  -10.245 5.306   1.00 26.55  ? 58  GLU A C     1 
ATOM   431 O O     . GLU A 1 58  ? -7.920  -10.946 4.525   1.00 29.92  ? 58  GLU A O     1 
ATOM   432 C CB    . GLU A 1 58  ? -4.904  -10.653 5.988   1.00 22.03  ? 58  GLU A CB    1 
ATOM   433 C CG    . GLU A 1 58  ? -3.511  -10.926 5.441   1.00 40.71  ? 58  GLU A CG    1 
ATOM   434 C CD    . GLU A 1 58  ? -2.723  -11.925 6.291   1.00 56.25  ? 58  GLU A CD    1 
ATOM   435 O OE1   . GLU A 1 58  ? -2.097  -11.494 7.293   1.00 58.56  ? 58  GLU A OE1   1 
ATOM   436 O OE2   . GLU A 1 58  ? -2.732  -13.136 5.956   1.00 46.61  ? 58  GLU A OE2   1 
ATOM   437 N N     . LYS A 1 59  ? -7.771  -9.763  6.438   1.00 21.07  ? 59  LYS A N     1 
ATOM   438 C CA    . LYS A 1 59  ? -9.156  -9.957  6.841   1.00 37.38  ? 59  LYS A CA    1 
ATOM   439 C C     . LYS A 1 59  ? -10.135 -9.558  5.722   1.00 30.13  ? 59  LYS A C     1 
ATOM   440 O O     . LYS A 1 59  ? -11.118 -10.254 5.470   1.00 34.41  ? 59  LYS A O     1 
ATOM   441 C CB    . LYS A 1 59  ? -9.414  -9.155  8.117   1.00 34.90  ? 59  LYS A CB    1 
ATOM   442 C CG    . LYS A 1 59  ? -10.809 -8.577  8.249   1.00 58.50  ? 59  LYS A CG    1 
ATOM   443 C CD    . LYS A 1 59  ? -11.052 -8.133  9.695   1.00 69.56  ? 59  LYS A CD    1 
ATOM   444 C CE    . LYS A 1 59  ? -12.162 -7.103  9.790   1.00 76.10  ? 59  LYS A CE    1 
ATOM   445 N NZ    . LYS A 1 59  ? -11.659 -5.832  10.401  1.00 74.17  ? 59  LYS A NZ    1 
ATOM   446 N N     . ASP A 1 60  ? -9.837  -8.454  5.040   1.00 27.79  ? 60  ASP A N     1 
ATOM   447 C CA    . ASP A 1 60  ? -10.701 -7.929  3.989   1.00 24.95  ? 60  ASP A CA    1 
ATOM   448 C C     . ASP A 1 60  ? -10.416 -8.543  2.629   1.00 27.40  ? 60  ASP A C     1 
ATOM   449 O O     . ASP A 1 60  ? -11.003 -8.133  1.635   1.00 33.29  ? 60  ASP A O     1 
ATOM   450 C CB    . ASP A 1 60  ? -10.591 -6.398  3.912   1.00 26.09  ? 60  ASP A CB    1 
ATOM   451 C CG    . ASP A 1 60  ? -11.211 -5.696  5.135   1.00 41.58  ? 60  ASP A CG    1 
ATOM   452 O OD1   . ASP A 1 60  ? -11.971 -6.337  5.906   1.00 44.83  ? 60  ASP A OD1   1 
ATOM   453 O OD2   . ASP A 1 60  ? -10.940 -4.488  5.318   1.00 41.75  ? 60  ASP A OD2   1 
ATOM   454 N N     . GLY A 1 61  ? -9.504  -9.512  2.586   1.00 25.62  ? 61  GLY A N     1 
ATOM   455 C CA    . GLY A 1 61  ? -9.238  -10.251 1.368   1.00 26.95  ? 61  GLY A CA    1 
ATOM   456 C C     . GLY A 1 61  ? -8.376  -9.512  0.360   1.00 33.81  ? 61  GLY A C     1 
ATOM   457 O O     . GLY A 1 61  ? -8.148  -10.005 -0.743  1.00 31.92  ? 61  GLY A O     1 
ATOM   458 N N     . ILE A 1 62  ? -7.888  -8.332  0.734   1.00 30.03  ? 62  ILE A N     1 
ATOM   459 C CA    . ILE A 1 62  ? -7.093  -7.513  -0.183  1.00 17.03  ? 62  ILE A CA    1 
ATOM   460 C C     . ILE A 1 62  ? -5.677  -8.065  -0.350  1.00 18.10  ? 62  ILE A C     1 
ATOM   461 O O     . ILE A 1 62  ? -5.092  -7.960  -1.431  1.00 25.03  ? 62  ILE A O     1 
ATOM   462 C CB    . ILE A 1 62  ? -6.998  -6.052  0.268   1.00 18.62  ? 62  ILE A CB    1 
ATOM   463 C CG1   . ILE A 1 62  ? -8.393  -5.423  0.401   1.00 34.33  ? 62  ILE A CG1   1 
ATOM   464 C CG2   . ILE A 1 62  ? -6.147  -5.268  -0.690  1.00 24.50  ? 62  ILE A CG2   1 
ATOM   465 C CD1   . ILE A 1 62  ? -9.317  -5.734  -0.759  1.00 43.08  ? 62  ILE A CD1   1 
ATOM   466 N N     . ILE A 1 63  ? -5.130  -8.673  0.704   1.00 25.16  ? 63  ILE A N     1 
ATOM   467 C CA    . ILE A 1 63  ? -3.855  -9.372  0.569   1.00 17.56  ? 63  ILE A CA    1 
ATOM   468 C C     . ILE A 1 63  ? -3.958  -10.753 1.177   1.00 23.73  ? 63  ILE A C     1 
ATOM   469 O O     . ILE A 1 63  ? -4.925  -11.038 1.873   1.00 26.96  ? 63  ILE A O     1 
ATOM   470 C CB    . ILE A 1 63  ? -2.659  -8.591  1.194   1.00 20.12  ? 63  ILE A CB    1 
ATOM   471 C CG1   . ILE A 1 63  ? -2.712  -8.619  2.723   1.00 21.65  ? 63  ILE A CG1   1 
ATOM   472 C CG2   . ILE A 1 63  ? -2.603  -7.152  0.646   1.00 16.55  ? 63  ILE A CG2   1 
ATOM   473 C CD1   . ILE A 1 63  ? -1.616  -7.768  3.403   1.00 20.94  ? 63  ILE A CD1   1 
ATOM   474 N N     . SER A 1 64  ? -2.968  -11.610 0.900   1.00 24.94  ? 64  SER A N     1 
ATOM   475 C CA    . SER A 1 64  ? -2.807  -12.883 1.612   1.00 24.00  ? 64  SER A CA    1 
ATOM   476 C C     . SER A 1 64  ? -1.325  -13.108 1.950   1.00 26.41  ? 64  SER A C     1 
ATOM   477 O O     . SER A 1 64  ? -0.467  -12.378 1.461   1.00 24.08  ? 64  SER A O     1 
ATOM   478 C CB    . SER A 1 64  ? -3.369  -14.065 0.804   1.00 22.38  ? 64  SER A CB    1 
ATOM   479 O OG    . SER A 1 64  ? -2.435  -14.524 -0.156  1.00 40.28  ? 64  SER A OG    1 
ATOM   480 N N     . SER A 1 65  ? -1.024  -14.120 2.768   1.00 27.27  ? 65  SER A N     1 
ATOM   481 C CA    . SER A 1 65  ? 0.353   -14.356 3.193   1.00 17.97  ? 65  SER A CA    1 
ATOM   482 C C     . SER A 1 65  ? 0.791   -15.804 3.067   1.00 27.23  ? 65  SER A C     1 
ATOM   483 O O     . SER A 1 65  ? -0.025  -16.728 3.027   1.00 25.62  ? 65  SER A O     1 
ATOM   484 C CB    . SER A 1 65  ? 0.566   -13.884 4.631   1.00 26.71  ? 65  SER A CB    1 
ATOM   485 O OG    . SER A 1 65  ? -0.242  -14.617 5.535   1.00 25.42  ? 65  SER A OG    1 
ATOM   486 N N     . TYR A 1 66  ? 2.099   -16.003 3.002   1.00 18.40  ? 66  TYR A N     1 
ATOM   487 C CA    . TYR A 1 66  ? 2.641   -17.358 2.978   1.00 22.79  ? 66  TYR A CA    1 
ATOM   488 C C     . TYR A 1 66  ? 4.114   -17.337 3.373   1.00 24.34  ? 66  TYR A C     1 
ATOM   489 O O     . TYR A 1 66  ? 4.748   -16.275 3.384   1.00 22.62  ? 66  TYR A O     1 
ATOM   490 C CB    . TYR A 1 66  ? 2.469   -17.989 1.580   1.00 21.06  ? 66  TYR A CB    1 
ATOM   491 C CG    . TYR A 1 66  ? 3.175   -17.203 0.504   1.00 23.47  ? 66  TYR A CG    1 
ATOM   492 C CD1   . TYR A 1 66  ? 2.583   -16.071 -0.048  1.00 20.67  ? 66  TYR A CD1   1 
ATOM   493 C CD2   . TYR A 1 66  ? 4.446   -17.561 0.070   1.00 21.87  ? 66  TYR A CD2   1 
ATOM   494 C CE1   . TYR A 1 66  ? 3.231   -15.323 -1.026  1.00 22.32  ? 66  TYR A CE1   1 
ATOM   495 C CE2   . TYR A 1 66  ? 5.105   -16.826 -0.919  1.00 19.30  ? 66  TYR A CE2   1 
ATOM   496 C CZ    . TYR A 1 66  ? 4.494   -15.712 -1.463  1.00 37.28  ? 66  TYR A CZ    1 
ATOM   497 O OH    . TYR A 1 66  ? 5.143   -14.969 -2.440  1.00 18.09  ? 66  TYR A OH    1 
ATOM   498 N N     . TRP A 1 67  ? 4.647   -18.517 3.680   1.00 27.89  ? 67  TRP A N     1 
ATOM   499 C CA    . TRP A 1 67  ? 6.023   -18.673 4.145   1.00 25.32  ? 67  TRP A CA    1 
ATOM   500 C C     . TRP A 1 67  ? 7.017   -18.910 2.996   1.00 32.10  ? 67  TRP A C     1 
ATOM   501 O O     . TRP A 1 67  ? 6.706   -19.634 2.040   1.00 29.66  ? 67  TRP A O     1 
ATOM   502 C CB    . TRP A 1 67  ? 6.106   -19.866 5.124   1.00 25.24  ? 67  TRP A CB    1 
ATOM   503 C CG    . TRP A 1 67  ? 5.180   -19.731 6.317   1.00 52.73  ? 67  TRP A CG    1 
ATOM   504 C CD1   . TRP A 1 67  ? 4.061   -20.479 6.579   1.00 55.20  ? 67  TRP A CD1   1 
ATOM   505 C CD2   . TRP A 1 67  ? 5.290   -18.786 7.402   1.00 47.91  ? 67  TRP A CD2   1 
ATOM   506 N NE1   . TRP A 1 67  ? 3.478   -20.065 7.757   1.00 56.67  ? 67  TRP A NE1   1 
ATOM   507 C CE2   . TRP A 1 67  ? 4.206   -19.026 8.279   1.00 50.52  ? 67  TRP A CE2   1 
ATOM   508 C CE3   . TRP A 1 67  ? 6.201   -17.769 7.719   1.00 36.30  ? 67  TRP A CE3   1 
ATOM   509 C CZ2   . TRP A 1 67  ? 4.010   -18.282 9.451   1.00 44.83  ? 67  TRP A CZ2   1 
ATOM   510 C CZ3   . TRP A 1 67  ? 6.004   -17.030 8.880   1.00 35.34  ? 67  TRP A CZ3   1 
ATOM   511 C CH2   . TRP A 1 67  ? 4.918   -17.292 9.730   1.00 42.01  ? 67  TRP A CH2   1 
ATOM   512 N N     . GLY A 1 68  ? 8.214   -18.324 3.106   1.00 36.15  ? 68  GLY A N     1 
ATOM   513 C CA    . GLY A 1 68  ? 9.339   -18.665 2.236   1.00 50.15  ? 68  GLY A CA    1 
ATOM   514 C C     . GLY A 1 68  ? 9.987   -20.003 2.608   1.00 66.56  ? 68  GLY A C     1 
ATOM   515 O O     . GLY A 1 68  ? 9.561   -20.670 3.560   1.00 62.91  ? 68  GLY A O     1 
ATOM   516 N N     . ASP A 1 69  ? 11.019  -20.404 1.866   1.00 81.74  ? 69  ASP A N     1 
ATOM   517 C CA    . ASP A 1 69  ? 11.660  -21.702 2.084   1.00 88.10  ? 69  ASP A CA    1 
ATOM   518 C C     . ASP A 1 69  ? 12.990  -21.575 2.814   1.00 85.68  ? 69  ASP A C     1 
ATOM   519 O O     . ASP A 1 69  ? 13.288  -22.357 3.721   1.00 87.35  ? 69  ASP A O     1 
ATOM   520 C CB    . ASP A 1 69  ? 11.848  -22.455 0.759   1.00 95.34  ? 69  ASP A CB    1 
ATOM   521 C CG    . ASP A 1 69  ? 10.818  -23.562 0.562   1.00 101.27 ? 69  ASP A CG    1 
ATOM   522 O OD1   . ASP A 1 69  ? 10.147  -23.938 1.548   1.00 103.71 ? 69  ASP A OD1   1 
ATOM   523 O OD2   . ASP A 1 69  ? 10.689  -24.066 -0.574  1.00 100.21 ? 69  ASP A OD2   1 
ATOM   524 N N     . ARG A 1 76  ? 10.015  -17.055 7.389   1.00 43.30  ? 76  ARG A N     1 
ATOM   525 C CA    . ARG A 1 76  ? 9.834   -15.697 6.858   1.00 52.24  ? 76  ARG A CA    1 
ATOM   526 C C     . ARG A 1 76  ? 8.530   -15.488 6.067   1.00 49.72  ? 76  ARG A C     1 
ATOM   527 O O     . ARG A 1 76  ? 8.253   -16.209 5.101   1.00 44.51  ? 76  ARG A O     1 
ATOM   528 C CB    . ARG A 1 76  ? 11.010  -15.297 5.983   1.00 47.23  ? 76  ARG A CB    1 
ATOM   529 C CG    . ARG A 1 76  ? 10.761  -13.991 5.272   1.00 39.83  ? 76  ARG A CG    1 
ATOM   530 C CD    . ARG A 1 76  ? 12.036  -13.411 4.729   1.00 51.55  ? 76  ARG A CD    1 
ATOM   531 N NE    . ARG A 1 76  ? 13.017  -13.168 5.781   1.00 67.88  ? 76  ARG A NE    1 
ATOM   532 C CZ    . ARG A 1 76  ? 14.183  -12.561 5.584   1.00 83.54  ? 76  ARG A CZ    1 
ATOM   533 N NH1   . ARG A 1 76  ? 14.502  -12.133 4.368   1.00 80.38  ? 76  ARG A NH1   1 
ATOM   534 N NH2   . ARG A 1 76  ? 15.028  -12.383 6.595   1.00 90.58  ? 76  ARG A NH2   1 
ATOM   535 N N     . LYS A 1 77  ? 7.749   -14.480 6.456   1.00 36.23  ? 77  LYS A N     1 
ATOM   536 C CA    . LYS A 1 77  ? 6.377   -14.333 5.954   1.00 33.05  ? 77  LYS A CA    1 
ATOM   537 C C     . LYS A 1 77  ? 6.277   -13.398 4.739   1.00 30.99  ? 77  LYS A C     1 
ATOM   538 O O     . LYS A 1 77  ? 6.616   -12.205 4.818   1.00 23.55  ? 77  LYS A O     1 
ATOM   539 C CB    . LYS A 1 77  ? 5.441   -13.855 7.082   1.00 36.35  ? 77  LYS A CB    1 
ATOM   540 C CG    . LYS A 1 77  ? 3.945   -13.862 6.735   1.00 36.03  ? 77  LYS A CG    1 
ATOM   541 C CD    . LYS A 1 77  ? 3.109   -14.505 7.863   1.00 39.99  ? 77  LYS A CD    1 
ATOM   542 C CE    . LYS A 1 77  ? 1.954   -13.608 8.320   1.00 42.36  ? 77  LYS A CE    1 
ATOM   543 N NZ    . LYS A 1 77  ? 0.999   -14.311 9.248   1.00 56.19  ? 77  LYS A NZ    1 
ATOM   544 N N     . TYR A 1 78  ? 5.809   -13.945 3.618   1.00 29.72  ? 78  TYR A N     1 
ATOM   545 C CA    . TYR A 1 78  ? 5.581   -13.143 2.414   1.00 31.99  ? 78  TYR A CA    1 
ATOM   546 C C     . TYR A 1 78  ? 4.130   -12.727 2.251   1.00 23.29  ? 78  TYR A C     1 
ATOM   547 O O     . TYR A 1 78  ? 3.200   -13.487 2.568   1.00 27.03  ? 78  TYR A O     1 
ATOM   548 C CB    . TYR A 1 78  ? 6.074   -13.867 1.155   1.00 27.46  ? 78  TYR A CB    1 
ATOM   549 C CG    . TYR A 1 78  ? 7.564   -13.755 1.009   1.00 33.21  ? 78  TYR A CG    1 
ATOM   550 C CD1   . TYR A 1 78  ? 8.132   -12.768 0.214   1.00 22.03  ? 78  TYR A CD1   1 
ATOM   551 C CD2   . TYR A 1 78  ? 8.408   -14.604 1.712   1.00 44.49  ? 78  TYR A CD2   1 
ATOM   552 C CE1   . TYR A 1 78  ? 9.519   -12.655 0.105   1.00 45.59  ? 78  TYR A CE1   1 
ATOM   553 C CE2   . TYR A 1 78  ? 9.782   -14.501 1.613   1.00 42.46  ? 78  TYR A CE2   1 
ATOM   554 C CZ    . TYR A 1 78  ? 10.336  -13.533 0.817   1.00 50.73  ? 78  TYR A CZ    1 
ATOM   555 O OH    . TYR A 1 78  ? 11.713  -13.462 0.738   1.00 66.26  ? 78  TYR A OH    1 
ATOM   556 N N     . TYR A 1 79  ? 3.951   -11.519 1.733   1.00 22.22  ? 79  TYR A N     1 
ATOM   557 C CA    . TYR A 1 79  ? 2.628   -10.980 1.480   1.00 22.14  ? 79  TYR A CA    1 
ATOM   558 C C     . TYR A 1 79  ? 2.399   -10.799 -0.027  1.00 31.13  ? 79  TYR A C     1 
ATOM   559 O O     . TYR A 1 79  ? 3.341   -10.576 -0.812  1.00 25.00  ? 79  TYR A O     1 
ATOM   560 C CB    . TYR A 1 79  ? 2.433   -9.668  2.250   1.00 23.85  ? 79  TYR A CB    1 
ATOM   561 C CG    . TYR A 1 79  ? 2.371   -9.865  3.751   1.00 25.14  ? 79  TYR A CG    1 
ATOM   562 C CD1   . TYR A 1 79  ? 1.169   -10.170 4.372   1.00 21.11  ? 79  TYR A CD1   1 
ATOM   563 C CD2   . TYR A 1 79  ? 3.514   -9.759  4.546   1.00 33.47  ? 79  TYR A CD2   1 
ATOM   564 C CE1   . TYR A 1 79  ? 1.091   -10.359 5.748   1.00 21.97  ? 79  TYR A CE1   1 
ATOM   565 C CE2   . TYR A 1 79  ? 3.447   -9.952  5.937   1.00 41.70  ? 79  TYR A CE2   1 
ATOM   566 C CZ    . TYR A 1 79  ? 2.230   -10.247 6.526   1.00 34.50  ? 79  TYR A CZ    1 
ATOM   567 O OH    . TYR A 1 79  ? 2.135   -10.433 7.890   1.00 43.71  ? 79  TYR A OH    1 
ATOM   568 N N     . ARG A 1 80  ? 1.132   -10.874 -0.411  1.00 28.63  ? 80  ARG A N     1 
ATOM   569 C CA    . ARG A 1 80  ? 0.735   -10.981 -1.799  1.00 30.39  ? 80  ARG A CA    1 
ATOM   570 C C     . ARG A 1 80  ? -0.530  -10.159 -2.001  1.00 23.42  ? 80  ARG A C     1 
ATOM   571 O O     . ARG A 1 80  ? -1.437  -10.212 -1.171  1.00 27.02  ? 80  ARG A O     1 
ATOM   572 C CB    . ARG A 1 80  ? 0.411   -12.445 -2.072  1.00 23.45  ? 80  ARG A CB    1 
ATOM   573 C CG    . ARG A 1 80  ? 0.406   -12.840 -3.515  1.00 43.91  ? 80  ARG A CG    1 
ATOM   574 C CD    . ARG A 1 80  ? -0.013  -14.291 -3.587  1.00 40.29  ? 80  ARG A CD    1 
ATOM   575 N NE    . ARG A 1 80  ? -1.331  -14.419 -3.001  1.00 43.68  ? 80  ARG A NE    1 
ATOM   576 C CZ    . ARG A 1 80  ? -2.464  -14.376 -3.698  1.00 40.20  ? 80  ARG A CZ    1 
ATOM   577 N NH1   . ARG A 1 80  ? -2.425  -14.239 -5.018  1.00 18.57  ? 80  ARG A NH1   1 
ATOM   578 N NH2   . ARG A 1 80  ? -3.633  -14.486 -3.070  1.00 32.93  ? 80  ARG A NH2   1 
ATOM   579 N N     . LEU A 1 81  ? -0.598  -9.409  -3.093  1.00 27.04  ? 81  LEU A N     1 
ATOM   580 C CA    . LEU A 1 81  ? -1.841  -8.739  -3.472  1.00 33.97  ? 81  LEU A CA    1 
ATOM   581 C C     . LEU A 1 81  ? -2.800  -9.800  -4.049  1.00 27.99  ? 81  LEU A C     1 
ATOM   582 O O     . LEU A 1 81  ? -2.422  -10.549 -4.962  1.00 37.02  ? 81  LEU A O     1 
ATOM   583 C CB    . LEU A 1 81  ? -1.534  -7.672  -4.517  1.00 25.30  ? 81  LEU A CB    1 
ATOM   584 C CG    . LEU A 1 81  ? -2.265  -6.334  -4.553  1.00 34.84  ? 81  LEU A CG    1 
ATOM   585 C CD1   . LEU A 1 81  ? -2.560  -5.782  -3.179  1.00 30.96  ? 81  LEU A CD1   1 
ATOM   586 C CD2   . LEU A 1 81  ? -1.441  -5.339  -5.342  1.00 32.65  ? 81  LEU A CD2   1 
ATOM   587 N N     . THR A 1 82  ? -4.019  -9.907  -3.515  1.00 25.98  ? 82  THR A N     1 
ATOM   588 C CA    . THR A 1 82  ? -5.005  -10.839 -4.098  1.00 34.39  ? 82  THR A CA    1 
ATOM   589 C C     . THR A 1 82  ? -5.625  -10.309 -5.399  1.00 30.73  ? 82  THR A C     1 
ATOM   590 O O     . THR A 1 82  ? -5.391  -9.163  -5.799  1.00 33.33  ? 82  THR A O     1 
ATOM   591 C CB    . THR A 1 82  ? -6.131  -11.214 -3.104  1.00 25.98  ? 82  THR A CB    1 
ATOM   592 O OG1   . THR A 1 82  ? -6.872  -10.040 -2.763  1.00 28.55  ? 82  THR A OG1   1 
ATOM   593 C CG2   . THR A 1 82  ? -5.551  -11.824 -1.845  1.00 18.00  ? 82  THR A CG2   1 
ATOM   594 N N     . GLU A 1 83  ? -6.430  -11.147 -6.041  1.00 27.62  ? 83  GLU A N     1 
ATOM   595 C CA    . GLU A 1 83  ? -7.172  -10.745 -7.231  1.00 43.30  ? 83  GLU A CA    1 
ATOM   596 C C     . GLU A 1 83  ? -8.064  -9.550  -6.925  1.00 44.20  ? 83  GLU A C     1 
ATOM   597 O O     . GLU A 1 83  ? -8.107  -8.571  -7.679  1.00 41.06  ? 83  GLU A O     1 
ATOM   598 C CB    . GLU A 1 83  ? -8.044  -11.901 -7.714  1.00 72.12  ? 83  GLU A CB    1 
ATOM   599 C CG    . GLU A 1 83  ? -7.608  -12.522 -9.025  1.00 90.17  ? 83  GLU A CG    1 
ATOM   600 C CD    . GLU A 1 83  ? -8.517  -13.662 -9.449  1.00 101.29 ? 83  GLU A CD    1 
ATOM   601 O OE1   . GLU A 1 83  ? -9.499  -13.941 -8.726  1.00 106.96 ? 83  GLU A OE1   1 
ATOM   602 O OE2   . GLU A 1 83  ? -8.248  -14.279 -10.500 1.00 103.06 ? 83  GLU A OE2   1 
ATOM   603 N N     . ILE A 1 84  ? -8.797  -9.652  -5.824  1.00 40.91  ? 84  ILE A N     1 
ATOM   604 C CA    . ILE A 1 84  ? -9.644  -8.562  -5.367  1.00 39.01  ? 84  ILE A CA    1 
ATOM   605 C C     . ILE A 1 84  ? -8.775  -7.334  -5.177  1.00 39.41  ? 84  ILE A C     1 
ATOM   606 O O     . ILE A 1 84  ? -9.115  -6.241  -5.648  1.00 35.11  ? 84  ILE A O     1 
ATOM   607 C CB    . ILE A 1 84  ? -10.313 -8.925  -4.024  1.00 55.20  ? 84  ILE A CB    1 
ATOM   608 C CG1   . ILE A 1 84  ? -11.453 -9.921  -4.259  1.00 66.21  ? 84  ILE A CG1   1 
ATOM   609 C CG2   . ILE A 1 84  ? -10.834 -7.683  -3.321  1.00 62.15  ? 84  ILE A CG2   1 
ATOM   610 C CD1   . ILE A 1 84  ? -11.698 -10.853 -3.086  1.00 62.64  ? 84  ILE A CD1   1 
ATOM   611 N N     . GLY A 1 85  ? -7.657  -7.532  -4.472  1.00 29.27  ? 85  GLY A N     1 
ATOM   612 C CA    . GLY A 1 85  ? -6.693  -6.481  -4.192  1.00 28.21  ? 85  GLY A CA    1 
ATOM   613 C C     . GLY A 1 85  ? -6.247  -5.709  -5.427  1.00 32.85  ? 85  GLY A C     1 
ATOM   614 O O     . GLY A 1 85  ? -6.252  -4.477  -5.427  1.00 34.56  ? 85  GLY A O     1 
ATOM   615 N N     . HIS A 1 86  ? -5.854  -6.418  -6.480  1.00 32.31  ? 86  HIS A N     1 
ATOM   616 C CA    . HIS A 1 86  ? -5.488  -5.754  -7.735  1.00 31.08  ? 86  HIS A CA    1 
ATOM   617 C C     . HIS A 1 86  ? -6.626  -4.920  -8.326  1.00 36.61  ? 86  HIS A C     1 
ATOM   618 O O     . HIS A 1 86  ? -6.406  -3.804  -8.802  1.00 35.32  ? 86  HIS A O     1 
ATOM   619 C CB    . HIS A 1 86  ? -5.013  -6.765  -8.773  1.00 29.79  ? 86  HIS A CB    1 
ATOM   620 C CG    . HIS A 1 86  ? -3.644  -7.297  -8.505  1.00 40.79  ? 86  HIS A CG    1 
ATOM   621 N ND1   . HIS A 1 86  ? -2.500  -6.552  -8.709  1.00 46.41  ? 86  HIS A ND1   1 
ATOM   622 C CD2   . HIS A 1 86  ? -3.226  -8.501  -8.040  1.00 37.29  ? 86  HIS A CD2   1 
ATOM   623 C CE1   . HIS A 1 86  ? -1.442  -7.272  -8.380  1.00 46.08  ? 86  HIS A CE1   1 
ATOM   624 N NE2   . HIS A 1 86  ? -1.855  -8.457  -7.974  1.00 46.75  ? 86  HIS A NE2   1 
ATOM   625 N N     . GLU A 1 87  ? -7.837  -5.471  -8.324  1.00 32.44  ? 87  GLU A N     1 
ATOM   626 C CA    . GLU A 1 87  ? -8.956  -4.801  -8.969  1.00 39.41  ? 87  GLU A CA    1 
ATOM   627 C C     . GLU A 1 87  ? -9.364  -3.587  -8.156  1.00 42.73  ? 87  GLU A C     1 
ATOM   628 O O     . GLU A 1 87  ? -9.676  -2.534  -8.712  1.00 48.76  ? 87  GLU A O     1 
ATOM   629 C CB    . GLU A 1 87  ? -10.139 -5.751  -9.183  1.00 45.87  ? 87  GLU A CB    1 
ATOM   630 C CG    . GLU A 1 87  ? -11.190 -5.225  -10.167 1.00 47.86  ? 87  GLU A CG    1 
ATOM   631 C CD    . GLU A 1 87  ? -10.595 -4.734  -11.481 1.00 65.19  ? 87  GLU A CD    1 
ATOM   632 O OE1   . GLU A 1 87  ? -9.623  -5.342  -11.981 1.00 77.74  ? 87  GLU A OE1   1 
ATOM   633 O OE2   . GLU A 1 87  ? -11.108 -3.729  -12.018 1.00 75.00  ? 87  GLU A OE2   1 
ATOM   634 N N     . ASN A 1 88  ? -9.347  -3.725  -6.837  1.00 39.15  ? 88  ASN A N     1 
ATOM   635 C CA    . ASN A 1 88  ? -9.610  -2.584  -5.978  1.00 40.77  ? 88  ASN A CA    1 
ATOM   636 C C     . ASN A 1 88  ? -8.596  -1.462  -6.185  1.00 42.50  ? 88  ASN A C     1 
ATOM   637 O O     . ASN A 1 88  ? -8.955  -0.285  -6.177  1.00 39.49  ? 88  ASN A O     1 
ATOM   638 C CB    . ASN A 1 88  ? -9.681  -3.011  -4.510  1.00 46.10  ? 88  ASN A CB    1 
ATOM   639 C CG    . ASN A 1 88  ? -11.038 -3.580  -4.142  1.00 59.17  ? 88  ASN A CG    1 
ATOM   640 O OD1   . ASN A 1 88  ? -11.810 -3.994  -5.015  1.00 58.77  ? 88  ASN A OD1   1 
ATOM   641 N ND2   . ASN A 1 88  ? -11.342 -3.597  -2.848  1.00 65.24  ? 88  ASN A ND2   1 
ATOM   642 N N     . MET A 1 89  ? -7.335  -1.824  -6.381  1.00 37.53  ? 89  MET A N     1 
ATOM   643 C CA    . MET A 1 89  ? -6.313  -0.818  -6.629  1.00 47.07  ? 89  MET A CA    1 
ATOM   644 C C     . MET A 1 89  ? -6.595  -0.088  -7.933  1.00 45.02  ? 89  MET A C     1 
ATOM   645 O O     . MET A 1 89  ? -6.451  1.135   -8.001  1.00 38.75  ? 89  MET A O     1 
ATOM   646 C CB    . MET A 1 89  ? -4.905  -1.438  -6.669  1.00 38.53  ? 89  MET A CB    1 
ATOM   647 C CG    . MET A 1 89  ? -4.286  -1.690  -5.319  1.00 39.64  ? 89  MET A CG    1 
ATOM   648 S SD    . MET A 1 89  ? -2.497  -1.920  -5.461  1.00 43.67  ? 89  MET A SD    1 
ATOM   649 C CE    . MET A 1 89  ? -1.911  -0.220  -5.361  1.00 43.30  ? 89  MET A CE    1 
ATOM   650 N N     . ARG A 1 90  ? -6.977  -0.844  -8.965  1.00 37.70  ? 90  ARG A N     1 
ATOM   651 C CA    . ARG A 1 90  ? -7.221  -0.281  -10.302 1.00 39.11  ? 90  ARG A CA    1 
ATOM   652 C C     . ARG A 1 90  ? -8.385  0.724   -10.259 1.00 45.86  ? 90  ARG A C     1 
ATOM   653 O O     . ARG A 1 90  ? -8.269  1.852   -10.757 1.00 43.41  ? 90  ARG A O     1 
ATOM   654 C CB    . ARG A 1 90  ? -7.494  -1.398  -11.317 1.00 38.66  ? 90  ARG A CB    1 
ATOM   655 C CG    . ARG A 1 90  ? -7.480  -0.980  -12.787 1.00 48.52  ? 90  ARG A CG    1 
ATOM   656 C CD    . ARG A 1 90  ? -8.234  -1.995  -13.637 1.00 64.22  ? 90  ARG A CD    1 
ATOM   657 N NE    . ARG A 1 90  ? -9.621  -2.134  -13.196 1.00 69.61  ? 90  ARG A NE    1 
ATOM   658 C CZ    . ARG A 1 90  ? -10.642 -1.455  -13.710 1.00 67.74  ? 90  ARG A CZ    1 
ATOM   659 N NH1   . ARG A 1 90  ? -10.441 -0.593  -14.698 1.00 69.40  ? 90  ARG A NH1   1 
ATOM   660 N NH2   . ARG A 1 90  ? -11.867 -1.646  -13.237 1.00 58.61  ? 90  ARG A NH2   1 
ATOM   661 N N     . LEU A 1 91  ? -9.493  0.305   -9.645  1.00 35.27  ? 91  LEU A N     1 
ATOM   662 C CA    . LEU A 1 91  ? -10.666 1.153   -9.440  1.00 41.52  ? 91  LEU A CA    1 
ATOM   663 C C     . LEU A 1 91  ? -10.322 2.447   -8.683  1.00 46.62  ? 91  LEU A C     1 
ATOM   664 O O     . LEU A 1 91  ? -10.824 3.527   -9.016  1.00 43.40  ? 91  LEU A O     1 
ATOM   665 C CB    . LEU A 1 91  ? -11.750 0.372   -8.669  1.00 42.03  ? 91  LEU A CB    1 
ATOM   666 C CG    . LEU A 1 91  ? -12.726 -0.505  -9.459  1.00 60.94  ? 91  LEU A CG    1 
ATOM   667 C CD1   . LEU A 1 91  ? -13.384 -1.533  -8.546  1.00 62.27  ? 91  LEU A CD1   1 
ATOM   668 C CD2   . LEU A 1 91  ? -13.785 0.356   -10.148 1.00 76.10  ? 91  LEU A CD2   1 
ATOM   669 N N     . ALA A 1 92  ? -9.465  2.323   -7.668  1.00 42.72  ? 92  ALA A N     1 
ATOM   670 C CA    . ALA A 1 92  ? -9.045  3.451   -6.832  1.00 37.28  ? 92  ALA A CA    1 
ATOM   671 C C     . ALA A 1 92  ? -8.190  4.446   -7.610  1.00 36.38  ? 92  ALA A C     1 
ATOM   672 O O     . ALA A 1 92  ? -8.363  5.660   -7.476  1.00 35.68  ? 92  ALA A O     1 
ATOM   673 C CB    . ALA A 1 92  ? -8.280  2.952   -5.612  1.00 34.26  ? 92  ALA A CB    1 
ATOM   674 N N     . PHE A 1 93  ? -7.272  3.916   -8.413  1.00 24.05  ? 93  PHE A N     1 
ATOM   675 C CA    . PHE A 1 93  ? -6.366  4.726   -9.211  1.00 42.96  ? 93  PHE A CA    1 
ATOM   676 C C     . PHE A 1 93  ? -7.108  5.471   -10.311 1.00 46.49  ? 93  PHE A C     1 
ATOM   677 O O     . PHE A 1 93  ? -6.775  6.618   -10.643 1.00 53.75  ? 93  PHE A O     1 
ATOM   678 C CB    . PHE A 1 93  ? -5.290  3.836   -9.847  1.00 33.79  ? 93  PHE A CB    1 
ATOM   679 C CG    . PHE A 1 93  ? -4.236  4.606   -10.580 1.00 42.27  ? 93  PHE A CG    1 
ATOM   680 C CD1   . PHE A 1 93  ? -3.213  5.240   -9.880  1.00 52.91  ? 93  PHE A CD1   1 
ATOM   681 C CD2   . PHE A 1 93  ? -4.279  4.730   -11.966 1.00 40.81  ? 93  PHE A CD2   1 
ATOM   682 C CE1   . PHE A 1 93  ? -2.239  5.971   -10.548 1.00 65.71  ? 93  PHE A CE1   1 
ATOM   683 C CE2   . PHE A 1 93  ? -3.298  5.461   -12.651 1.00 40.02  ? 93  PHE A CE2   1 
ATOM   684 C CZ    . PHE A 1 93  ? -2.276  6.080   -11.939 1.00 60.16  ? 93  PHE A CZ    1 
ATOM   685 N N     . GLU A 1 94  ? -8.088  4.785   -10.891 1.00 43.52  ? 94  GLU A N     1 
ATOM   686 C CA    . GLU A 1 94  ? -8.930  5.346   -11.932 1.00 47.00  ? 94  GLU A CA    1 
ATOM   687 C C     . GLU A 1 94  ? -9.753  6.536   -11.419 1.00 43.85  ? 94  GLU A C     1 
ATOM   688 O O     . GLU A 1 94  ? -9.734  7.622   -12.004 1.00 43.20  ? 94  GLU A O     1 
ATOM   689 C CB    . GLU A 1 94  ? -9.870  4.271   -12.481 1.00 54.49  ? 94  GLU A CB    1 
ATOM   690 C CG    . GLU A 1 94  ? -9.225  3.279   -13.439 1.00 71.10  ? 94  GLU A CG    1 
ATOM   691 C CD    . GLU A 1 94  ? -10.258 2.586   -14.309 1.00 90.58  ? 94  GLU A CD    1 
ATOM   692 O OE1   . GLU A 1 94  ? -11.451 2.951   -14.198 1.00 100.51 ? 94  GLU A OE1   1 
ATOM   693 O OE2   . GLU A 1 94  ? -9.886  1.689   -15.101 1.00 88.16  ? 94  GLU A OE2   1 
ATOM   694 N N     . SER A 1 95  ? -10.483 6.324   -10.330 1.00 39.93  ? 95  SER A N     1 
ATOM   695 C CA    . SER A 1 95  ? -11.344 7.372   -9.805  1.00 34.23  ? 95  SER A CA    1 
ATOM   696 C C     . SER A 1 95  ? -10.526 8.530   -9.231  1.00 44.82  ? 95  SER A C     1 
ATOM   697 O O     . SER A 1 95  ? -10.853 9.684   -9.496  1.00 42.58  ? 95  SER A O     1 
ATOM   698 C CB    . SER A 1 95  ? -12.371 6.829   -8.809  1.00 25.86  ? 95  SER A CB    1 
ATOM   699 O OG    . SER A 1 95  ? -11.757 6.375   -7.619  1.00 42.74  ? 95  SER A OG    1 
ATOM   700 N N     . TRP A 1 96  ? -9.458  8.248   -8.478  1.00 32.93  ? 96  TRP A N     1 
ATOM   701 C CA    . TRP A 1 96  ? -8.621  9.351   -7.992  1.00 33.18  ? 96  TRP A CA    1 
ATOM   702 C C     . TRP A 1 96  ? -7.988  10.159  -9.122  1.00 31.60  ? 96  TRP A C     1 
ATOM   703 O O     . TRP A 1 96  ? -7.714  11.349  -8.963  1.00 35.69  ? 96  TRP A O     1 
ATOM   704 C CB    . TRP A 1 96  ? -7.561  8.904   -6.980  1.00 26.55  ? 96  TRP A CB    1 
ATOM   705 C CG    . TRP A 1 96  ? -8.117  8.736   -5.594  1.00 34.09  ? 96  TRP A CG    1 
ATOM   706 C CD1   . TRP A 1 96  ? -8.369  7.560   -4.957  1.00 30.90  ? 96  TRP A CD1   1 
ATOM   707 C CD2   . TRP A 1 96  ? -8.496  9.777   -4.679  1.00 35.57  ? 96  TRP A CD2   1 
ATOM   708 N NE1   . TRP A 1 96  ? -8.874  7.796   -3.701  1.00 34.51  ? 96  TRP A NE1   1 
ATOM   709 C CE2   . TRP A 1 96  ? -8.964  9.149   -3.504  1.00 36.60  ? 96  TRP A CE2   1 
ATOM   710 C CE3   . TRP A 1 96  ? -8.484  11.172  -4.738  1.00 34.03  ? 96  TRP A CE3   1 
ATOM   711 C CZ2   . TRP A 1 96  ? -9.431  9.869   -2.399  1.00 38.15  ? 96  TRP A CZ2   1 
ATOM   712 C CZ3   . TRP A 1 96  ? -8.942  11.889  -3.634  1.00 30.53  ? 96  TRP A CZ3   1 
ATOM   713 C CH2   . TRP A 1 96  ? -9.404  11.234  -2.481  1.00 34.45  ? 96  TRP A CH2   1 
ATOM   714 N N     . SER A 1 97  ? -7.748  9.512   -10.254 1.00 32.02  ? 97  SER A N     1 
ATOM   715 C CA    . SER A 1 97  ? -7.233  10.211  -11.427 1.00 36.53  ? 97  SER A CA    1 
ATOM   716 C C     . SER A 1 97  ? -8.298  11.131  -12.059 1.00 40.35  ? 97  SER A C     1 
ATOM   717 O O     . SER A 1 97  ? -7.970  12.204  -12.568 1.00 45.69  ? 97  SER A O     1 
ATOM   718 C CB    . SER A 1 97  ? -6.648  9.219   -12.437 1.00 41.89  ? 97  SER A CB    1 
ATOM   719 O OG    . SER A 1 97  ? -6.890  9.640   -13.767 1.00 59.80  ? 97  SER A OG    1 
ATOM   720 N N     . ARG A 1 98  ? -9.565  10.721  -12.009 1.00 41.27  ? 98  ARG A N     1 
ATOM   721 C CA    . ARG A 1 98  ? -10.667 11.598  -12.409 1.00 47.59  ? 98  ARG A CA    1 
ATOM   722 C C     . ARG A 1 98  ? -10.718 12.830  -11.505 1.00 47.50  ? 98  ARG A C     1 
ATOM   723 O O     . ARG A 1 98  ? -10.860 13.971  -11.968 1.00 46.13  ? 98  ARG A O     1 
ATOM   724 C CB    . ARG A 1 98  ? -12.001 10.851  -12.337 1.00 55.83  ? 98  ARG A CB    1 
ATOM   725 C CG    . ARG A 1 98  ? -12.567 10.446  -13.693 1.00 72.45  ? 98  ARG A CG    1 
ATOM   726 C CD    . ARG A 1 98  ? -13.826 9.605   -13.537 1.00 78.24  ? 98  ARG A CD    1 
ATOM   727 N NE    . ARG A 1 98  ? -13.590 8.405   -12.730 1.00 79.13  ? 98  ARG A NE    1 
ATOM   728 C CZ    . ARG A 1 98  ? -13.233 7.222   -13.227 1.00 76.45  ? 98  ARG A CZ    1 
ATOM   729 N NH1   . ARG A 1 98  ? -13.065 7.062   -14.536 1.00 76.04  ? 98  ARG A NH1   1 
ATOM   730 N NH2   . ARG A 1 98  ? -13.051 6.197   -12.410 1.00 76.44  ? 98  ARG A NH2   1 
ATOM   731 N N     . VAL A 1 99  ? -10.601 12.574  -10.205 1.00 36.95  ? 99  VAL A N     1 
ATOM   732 C CA    . VAL A 1 99  ? -10.590 13.612  -9.188  1.00 36.05  ? 99  VAL A CA    1 
ATOM   733 C C     . VAL A 1 99  ? -9.483  14.634  -9.483  1.00 39.77  ? 99  VAL A C     1 
ATOM   734 O O     . VAL A 1 99  ? -9.698  15.846  -9.378  1.00 36.77  ? 99  VAL A O     1 
ATOM   735 C CB    . VAL A 1 99  ? -10.429 12.981  -7.777  1.00 36.97  ? 99  VAL A CB    1 
ATOM   736 C CG1   . VAL A 1 99  ? -9.969  14.015  -6.735  1.00 21.09  ? 99  VAL A CG1   1 
ATOM   737 C CG2   . VAL A 1 99  ? -11.740 12.290  -7.344  1.00 27.12  ? 99  VAL A CG2   1 
ATOM   738 N N     . ASP A 1 100 ? -8.314  14.141  -9.882  1.00 31.26  ? 100 ASP A N     1 
ATOM   739 C CA    . ASP A 1 100 ? -7.160  14.998  -10.122 1.00 33.74  ? 100 ASP A CA    1 
ATOM   740 C C     . ASP A 1 100 ? -7.397  15.909  -11.324 1.00 43.50  ? 100 ASP A C     1 
ATOM   741 O O     . ASP A 1 100 ? -6.931  17.051  -11.344 1.00 50.64  ? 100 ASP A O     1 
ATOM   742 C CB    . ASP A 1 100 ? -5.881  14.156  -10.317 1.00 50.18  ? 100 ASP A CB    1 
ATOM   743 C CG    . ASP A 1 100 ? -5.212  13.765  -8.990  1.00 61.37  ? 100 ASP A CG    1 
ATOM   744 O OD1   . ASP A 1 100 ? -5.410  14.451  -7.955  1.00 55.67  ? 100 ASP A OD1   1 
ATOM   745 O OD2   . ASP A 1 100 ? -4.462  12.768  -8.996  1.00 80.30  ? 100 ASP A OD2   1 
ATOM   746 N N     . LYS A 1 101 ? -8.122  15.399  -12.317 1.00 46.07  ? 101 LYS A N     1 
ATOM   747 C CA    . LYS A 1 101 ? -8.437  16.161  -13.527 1.00 50.81  ? 101 LYS A CA    1 
ATOM   748 C C     . LYS A 1 101 ? -9.561  17.165  -13.262 1.00 39.60  ? 101 LYS A C     1 
ATOM   749 O O     . LYS A 1 101 ? -9.550  18.283  -13.775 1.00 35.39  ? 101 LYS A O     1 
ATOM   750 C CB    . LYS A 1 101 ? -8.801  15.210  -14.674 1.00 53.02  ? 101 LYS A CB    1 
ATOM   751 C CG    . LYS A 1 101 ? -7.661  14.275  -15.062 1.00 70.40  ? 101 LYS A CG    1 
ATOM   752 C CD    . LYS A 1 101 ? -8.076  13.225  -16.089 1.00 81.12  ? 101 LYS A CD    1 
ATOM   753 C CE    . LYS A 1 101 ? -6.859  12.653  -16.812 1.00 76.14  ? 101 LYS A CE    1 
ATOM   754 N NZ    . LYS A 1 101 ? -7.186  11.446  -17.629 1.00 72.78  ? 101 LYS A NZ    1 
ATOM   755 N N     . ILE A 1 102 ? -10.531 16.761  -12.456 1.00 32.06  ? 102 ILE A N     1 
ATOM   756 C CA    . ILE A 1 102 ? -11.583 17.672  -12.023 1.00 34.64  ? 102 ILE A CA    1 
ATOM   757 C C     . ILE A 1 102 ? -10.970 18.865  -11.295 1.00 41.13  ? 102 ILE A C     1 
ATOM   758 O O     . ILE A 1 102 ? -11.317 20.027  -11.563 1.00 37.83  ? 102 ILE A O     1 
ATOM   759 C CB    . ILE A 1 102 ? -12.577 16.960  -11.100 1.00 39.79  ? 102 ILE A CB    1 
ATOM   760 C CG1   . ILE A 1 102 ? -13.524 16.079  -11.938 1.00 26.30  ? 102 ILE A CG1   1 
ATOM   761 C CG2   . ILE A 1 102 ? -13.353 17.974  -10.256 1.00 24.36  ? 102 ILE A CG2   1 
ATOM   762 C CD1   . ILE A 1 102 ? -14.343 15.103  -11.082 1.00 27.24  ? 102 ILE A CD1   1 
ATOM   763 N N     . ILE A 1 103 ? -10.050 18.569  -10.379 1.00 35.80  ? 103 ILE A N     1 
ATOM   764 C CA    . ILE A 1 103 ? -9.351  19.601  -9.625  1.00 43.20  ? 103 ILE A CA    1 
ATOM   765 C C     . ILE A 1 103 ? -8.541  20.515  -10.565 1.00 53.63  ? 103 ILE A C     1 
ATOM   766 O O     . ILE A 1 103 ? -8.464  21.727  -10.355 1.00 48.67  ? 103 ILE A O     1 
ATOM   767 C CB    . ILE A 1 103 ? -8.440  18.973  -8.555  1.00 30.31  ? 103 ILE A CB    1 
ATOM   768 C CG1   . ILE A 1 103 ? -9.284  18.482  -7.377  1.00 26.51  ? 103 ILE A CG1   1 
ATOM   769 C CG2   . ILE A 1 103 ? -7.412  19.981  -8.067  1.00 30.02  ? 103 ILE A CG2   1 
ATOM   770 C CD1   . ILE A 1 103 ? -8.461  17.695  -6.367  1.00 35.92  ? 103 ILE A CD1   1 
ATOM   771 N N     . GLU A 1 104 ? -7.954  19.926  -11.602 1.00 39.46  ? 104 GLU A N     1 
ATOM   772 C CA    . GLU A 1 104 ? -7.238  20.679  -12.622 1.00 49.69  ? 104 GLU A CA    1 
ATOM   773 C C     . GLU A 1 104 ? -8.143  21.681  -13.359 1.00 41.75  ? 104 GLU A C     1 
ATOM   774 O O     . GLU A 1 104 ? -7.725  22.809  -13.634 1.00 34.12  ? 104 GLU A O     1 
ATOM   775 C CB    . GLU A 1 104 ? -6.551  19.722  -13.609 1.00 65.20  ? 104 GLU A CB    1 
ATOM   776 C CG    . GLU A 1 104 ? -5.259  20.268  -14.186 1.00 98.06  ? 104 GLU A CG    1 
ATOM   777 C CD    . GLU A 1 104 ? -4.381  20.928  -13.127 1.00 122.61 ? 104 GLU A CD    1 
ATOM   778 O OE1   . GLU A 1 104 ? -3.895  22.058  -13.369 1.00 125.66 ? 104 GLU A OE1   1 
ATOM   779 O OE2   . GLU A 1 104 ? -4.174  20.318  -12.054 1.00 131.00 ? 104 GLU A OE2   1 
ATOM   780 N N     . ASN A 1 105 ? -9.377  21.275  -13.659 1.00 38.72  ? 105 ASN A N     1 
ATOM   781 C CA    . ASN A 1 105 ? -10.348 22.159  -14.314 1.00 39.34  ? 105 ASN A CA    1 
ATOM   782 C C     . ASN A 1 105 ? -10.854 23.304  -13.426 1.00 43.94  ? 105 ASN A C     1 
ATOM   783 O O     . ASN A 1 105 ? -11.277 24.349  -13.926 1.00 49.58  ? 105 ASN A O     1 
ATOM   784 C CB    . ASN A 1 105 ? -11.538 21.350  -14.860 1.00 46.70  ? 105 ASN A CB    1 
ATOM   785 C CG    . ASN A 1 105 ? -11.182 20.549  -16.110 1.00 47.10  ? 105 ASN A CG    1 
ATOM   786 O OD1   . ASN A 1 105 ? -10.315 20.947  -16.889 1.00 62.60  ? 105 ASN A OD1   1 
ATOM   787 N ND2   . ASN A 1 105 ? -11.860 19.418  -16.308 1.00 43.00  ? 105 ASN A ND2   1 
ATOM   788 N N     . LEU A 1 106 ? -10.816 23.110  -12.112 1.00 45.60  ? 106 LEU A N     1 
ATOM   789 C CA    . LEU A 1 106 ? -11.277 24.149  -11.199 1.00 44.92  ? 106 LEU A CA    1 
ATOM   790 C C     . LEU A 1 106 ? -10.259 25.283  -11.085 1.00 44.08  ? 106 LEU A C     1 
ATOM   791 O O     . LEU A 1 106 ? -10.633 26.440  -10.919 1.00 56.86  ? 106 LEU A O     1 
ATOM   792 C CB    . LEU A 1 106 ? -11.600 23.571  -9.820  1.00 42.78  ? 106 LEU A CB    1 
ATOM   793 C CG    . LEU A 1 106 ? -12.712 22.528  -9.697  1.00 42.76  ? 106 LEU A CG    1 
ATOM   794 C CD1   . LEU A 1 106 ? -12.648 21.892  -8.307  1.00 32.77  ? 106 LEU A CD1   1 
ATOM   795 C CD2   . LEU A 1 106 ? -14.095 23.116  -9.984  1.00 40.51  ? 106 LEU A CD2   1 
ATOM   796 N N     . GLU A 1 107 ? -8.974  24.953  -11.177 1.00 60.78  ? 107 GLU A N     1 
ATOM   797 C CA    . GLU A 1 107 ? -7.914  25.965  -11.105 1.00 73.77  ? 107 GLU A CA    1 
ATOM   798 C C     . GLU A 1 107 ? -7.861  26.841  -12.369 1.00 82.70  ? 107 GLU A C     1 
ATOM   799 O O     . GLU A 1 107 ? -7.774  28.068  -12.285 1.00 92.32  ? 107 GLU A O     1 
ATOM   800 C CB    . GLU A 1 107 ? -6.566  25.316  -10.778 1.00 67.66  ? 107 GLU A CB    1 
ATOM   801 C CG    . GLU A 1 107 ? -6.383  25.086  -9.273  1.00 84.52  ? 107 GLU A CG    1 
ATOM   802 C CD    . GLU A 1 107 ? -5.687  23.775  -8.934  1.00 105.42 ? 107 GLU A CD    1 
ATOM   803 O OE1   . GLU A 1 107 ? -5.278  23.048  -9.866  1.00 117.95 ? 107 GLU A OE1   1 
ATOM   804 O OE2   . GLU A 1 107 ? -5.553  23.473  -7.725  1.00 109.81 ? 107 GLU A OE2   1 
ATOM   805 N N     . ALA A 1 108 ? -7.921  26.205  -13.534 1.00 77.00  ? 108 ALA A N     1 
ATOM   806 C CA    . ALA A 1 108 ? -8.067  26.919  -14.797 1.00 84.64  ? 108 ALA A CA    1 
ATOM   807 C C     . ALA A 1 108 ? -8.385  25.957  -15.939 1.00 80.51  ? 108 ALA A C     1 
ATOM   808 O O     . ALA A 1 108 ? -9.536  25.569  -16.122 1.00 75.94  ? 108 ALA A O     1 
ATOM   809 C CB    . ALA A 1 108 ? -6.809  27.746  -15.106 1.00 92.37  ? 108 ALA A CB    1 
HETATM 810 N N1    A RBF B 2 .   ? -6.132  11.951  -1.134  0.25 42.37  ? 201 RBF A N1    1 
HETATM 811 N N1    B RBF B 2 .   ? -4.891  13.319  -3.747  0.25 53.58  ? 201 RBF A N1    1 
HETATM 812 C C2    A RBF B 2 .   ? -6.893  12.039  -0.012  0.25 42.83  ? 201 RBF A C2    1 
HETATM 813 C C2    B RBF B 2 .   ? -4.791  14.668  -3.621  0.25 53.83  ? 201 RBF A C2    1 
HETATM 814 O O2    A RBF B 2 .   ? -7.065  13.161  0.516   0.25 43.21  ? 201 RBF A O2    1 
HETATM 815 O O2    B RBF B 2 .   ? -4.254  15.319  -4.547  0.25 53.66  ? 201 RBF A O2    1 
HETATM 816 N N3    A RBF B 2 .   ? -7.471  10.964  0.555   0.25 44.50  ? 201 RBF A N3    1 
HETATM 817 N N3    B RBF B 2 .   ? -5.245  15.330  -2.538  0.25 52.22  ? 201 RBF A N3    1 
HETATM 818 C C4    A RBF B 2 .   ? -7.337  9.727   0.053   0.25 46.64  ? 201 RBF A C4    1 
HETATM 819 C C4    B RBF B 2 .   ? -5.833  14.704  -1.508  0.25 47.72  ? 201 RBF A C4    1 
HETATM 820 O O4    A RBF B 2 .   ? -7.887  8.747   0.603   0.25 47.15  ? 201 RBF A O4    1 
HETATM 821 O O4    B RBF B 2 .   ? -6.245  15.343  -0.513  0.25 39.20  ? 201 RBF A O4    1 
HETATM 822 C C4A   A RBF B 2 .   ? -6.519  9.544   -1.175  0.25 45.99  ? 201 RBF A C4A   1 
HETATM 823 C C4A   B RBF B 2 .   ? -5.982  13.228  -1.571  0.25 45.17  ? 201 RBF A C4A   1 
HETATM 824 N N5    A RBF B 2 .   ? -6.334  8.329   -1.744  0.25 42.22  ? 201 RBF A N5    1 
HETATM 825 N N5    B RBF B 2 .   ? -6.561  12.521  -0.576  0.25 42.24  ? 201 RBF A N5    1 
HETATM 826 C C5A   A RBF B 2 .   ? -5.584  8.194   -2.863  0.25 43.52  ? 201 RBF A C5A   1 
HETATM 827 C C5A   B RBF B 2 .   ? -6.681  11.176  -0.662  0.25 44.44  ? 201 RBF A C5A   1 
HETATM 828 C C6    A RBF B 2 .   ? -5.412  6.933   -3.427  0.25 45.05  ? 201 RBF A C6    1 
HETATM 829 C C6    B RBF B 2 .   ? -7.284  10.477  0.380   0.25 45.75  ? 201 RBF A C6    1 
HETATM 830 C C7    A RBF B 2 .   ? -4.644  6.780   -4.579  0.25 50.37  ? 201 RBF A C7    1 
HETATM 831 C C7    B RBF B 2 .   ? -7.416  9.093   0.313   0.25 46.34  ? 201 RBF A C7    1 
HETATM 832 C C7M   A RBF B 2 .   ? -4.462  5.411   -5.186  0.25 50.96  ? 201 RBF A C7M   1 
HETATM 833 C C7M   B RBF B 2 .   ? -8.070  8.342   1.446   0.25 46.03  ? 201 RBF A C7M   1 
HETATM 834 C C8    A RBF B 2 .   ? -4.003  7.968   -5.208  0.25 53.59  ? 201 RBF A C8    1 
HETATM 835 C C8    B RBF B 2 .   ? -6.915  8.357   -0.879  0.25 43.54  ? 201 RBF A C8    1 
HETATM 836 C C8M   A RBF B 2 .   ? -3.169  7.806   -6.453  0.25 54.04  ? 201 RBF A C8M   1 
HETATM 837 C C8M   B RBF B 2 .   ? -7.064  6.859   -0.949  0.25 43.60  ? 201 RBF A C8M   1 
HETATM 838 C C9    A RBF B 2 .   ? -4.173  9.231   -4.646  0.25 53.72  ? 201 RBF A C9    1 
HETATM 839 C C9    B RBF B 2 .   ? -6.312  9.051   -1.926  0.25 43.83  ? 201 RBF A C9    1 
HETATM 840 C C9A   A RBF B 2 .   ? -4.943  9.386   -3.495  0.25 49.21  ? 201 RBF A C9A   1 
HETATM 841 C C9A   B RBF B 2 .   ? -6.176  10.438  -1.862  0.25 46.99  ? 201 RBF A C9A   1 
HETATM 842 N N10   A RBF B 2 .   ? -5.127  10.663  -2.921  0.25 48.05  ? 201 RBF A N10   1 
HETATM 843 N N10   B RBF B 2 .   ? -5.560  11.163  -2.911  0.25 47.95  ? 201 RBF A N10   1 
HETATM 844 C C10   A RBF B 2 .   ? -5.907  10.767  -1.750  0.25 46.83  ? 201 RBF A C10   1 
HETATM 845 C C10   B RBF B 2 .   ? -5.463  12.561  -2.787  0.25 49.93  ? 201 RBF A C10   1 
HETATM 846 C "C1'" A RBF B 2 .   ? -4.505  11.859  -3.499  0.25 49.56  ? 201 RBF A "C1'" 1 
HETATM 847 C "C1'" B RBF B 2 .   ? -5.054  10.506  -4.123  0.25 48.39  ? 201 RBF A "C1'" 1 
HETATM 848 C "C2'" A RBF B 2 .   ? -5.558  12.761  -4.130  0.25 53.86  ? 201 RBF A "C2'" 1 
HETATM 849 C "C2'" B RBF B 2 .   ? -3.728  9.809   -3.843  0.25 53.35  ? 201 RBF A "C2'" 1 
HETATM 850 O "O2'" A RBF B 2 .   ? -5.726  12.410  -5.509  0.25 55.08  ? 201 RBF A "O2'" 1 
HETATM 851 O "O2'" B RBF B 2 .   ? -2.665  10.767  -3.937  0.25 55.27  ? 201 RBF A "O2'" 1 
HETATM 852 C "C3'" A RBF B 2 .   ? -5.144  14.225  -4.019  0.25 54.33  ? 201 RBF A "C3'" 1 
HETATM 853 C "C3'" B RBF B 2 .   ? -3.469  8.675   -4.829  0.25 54.23  ? 201 RBF A "C3'" 1 
HETATM 854 O "O3'" A RBF B 2 .   ? -3.879  14.401  -4.666  0.25 53.36  ? 201 RBF A "O3'" 1 
HETATM 855 O "O3'" B RBF B 2 .   ? -3.326  9.215   -6.148  0.25 53.47  ? 201 RBF A "O3'" 1 
HETATM 856 C "C4'" A RBF B 2 .   ? -5.035  14.678  -2.563  0.25 51.79  ? 201 RBF A "C4'" 1 
HETATM 857 C "C4'" B RBF B 2 .   ? -4.588  7.632   -4.814  0.25 51.45  ? 201 RBF A "C4'" 1 
HETATM 858 O "O4'" A RBF B 2 .   ? -6.162  14.215  -1.807  0.25 47.25  ? 201 RBF A "O4'" 1 
HETATM 859 O "O4'" B RBF B 2 .   ? -4.777  7.118   -3.489  0.25 47.06  ? 201 RBF A "O4'" 1 
HETATM 860 C "C5'" A RBF B 2 .   ? -4.925  16.197  -2.455  0.25 52.82  ? 201 RBF A "C5'" 1 
HETATM 861 C "C5'" B RBF B 2 .   ? -4.286  6.483   -5.771  0.25 52.53  ? 201 RBF A "C5'" 1 
HETATM 862 O "O5'" A RBF B 2 .   ? -5.319  16.804  -3.693  0.25 54.76  ? 201 RBF A "O5'" 1 
HETATM 863 O "O5'" B RBF B 2 .   ? -2.878  6.425   -6.034  0.25 54.90  ? 201 RBF A "O5'" 1 
HETATM 864 O O     . HOH C 3 .   ? -6.734  -12.674 2.632   1.00 27.38  ? 301 HOH A O     1 
HETATM 865 O O     . HOH C 3 .   ? 7.191   -10.464 6.692   1.00 29.34  ? 302 HOH A O     1 
HETATM 866 O O     . HOH C 3 .   ? 4.962   3.455   10.887  1.00 33.39  ? 303 HOH A O     1 
HETATM 867 O O     . HOH C 3 .   ? 9.817   2.544   5.548   1.00 31.74  ? 304 HOH A O     1 
HETATM 868 O O     . HOH C 3 .   ? 7.665   -5.643  -3.895  1.00 23.37  ? 305 HOH A O     1 
HETATM 869 O O     . HOH C 3 .   ? 0.024   -13.936 -6.336  1.00 27.13  ? 306 HOH A O     1 
HETATM 870 O O     . HOH C 3 .   ? 2.338   -14.950 -5.796  1.00 42.36  ? 307 HOH A O     1 
HETATM 871 O O     . HOH C 3 .   ? -1.602  -17.086 0.637   1.00 27.05  ? 308 HOH A O     1 
HETATM 872 O O     . HOH C 3 .   ? 1.704   -9.159  -4.741  1.00 28.97  ? 309 HOH A O     1 
HETATM 873 O O     . HOH C 3 .   ? -0.349  -8.922  10.960  1.00 22.05  ? 310 HOH A O     1 
HETATM 874 O O     . HOH C 3 .   ? -6.538  -14.174 -5.989  1.00 50.11  ? 311 HOH A O     1 
HETATM 875 O O     . HOH C 3 .   ? 5.586   -11.403 -7.112  1.00 38.46  ? 312 HOH A O     1 
HETATM 876 O O     . HOH C 3 .   ? -9.066  -12.338 -4.372  1.00 27.40  ? 313 HOH A O     1 
HETATM 877 O O     . HOH C 3 .   ? 12.649  1.561   -3.700  1.00 41.93  ? 314 HOH A O     1 
HETATM 878 O O     . HOH C 3 .   ? 1.062   -1.437  16.242  1.00 35.16  ? 315 HOH A O     1 
# 
loop_
_atom_site_anisotrop.id 
_atom_site_anisotrop.type_symbol 
_atom_site_anisotrop.pdbx_label_atom_id 
_atom_site_anisotrop.pdbx_label_alt_id 
_atom_site_anisotrop.pdbx_label_comp_id 
_atom_site_anisotrop.pdbx_label_asym_id 
_atom_site_anisotrop.pdbx_label_seq_id 
_atom_site_anisotrop.pdbx_PDB_ins_code 
_atom_site_anisotrop.U[1][1] 
_atom_site_anisotrop.U[2][2] 
_atom_site_anisotrop.U[3][3] 
_atom_site_anisotrop.U[1][2] 
_atom_site_anisotrop.U[1][3] 
_atom_site_anisotrop.U[2][3] 
_atom_site_anisotrop.pdbx_auth_seq_id 
_atom_site_anisotrop.pdbx_auth_comp_id 
_atom_site_anisotrop.pdbx_auth_asym_id 
_atom_site_anisotrop.pdbx_auth_atom_id 
1   N N   . PRO A 5   ? 1.1693 0.8308 1.0535 0.0063  0.3034  -0.0430 5   PRO A N   
2   C CA  . PRO A 5   ? 1.0673 0.7503 1.0372 0.0175  0.3097  -0.0405 5   PRO A CA  
3   C C   . PRO A 5   ? 1.0645 0.7628 1.0194 0.0177  0.2970  -0.0251 5   PRO A C   
4   O O   . PRO A 5   ? 1.0495 0.7770 1.0225 0.0266  0.2586  -0.0107 5   PRO A O   
5   C CB  . PRO A 5   ? 0.9240 0.6288 0.9515 0.0326  0.2727  -0.0345 5   PRO A CB  
6   C CG  . PRO A 5   ? 1.0385 0.7443 0.9979 0.0270  0.2425  -0.0250 5   PRO A CG  
7   C CD  . PRO A 5   ? 1.0479 0.7293 0.9304 0.0115  0.2619  -0.0344 5   PRO A CD  
8   N N   . LYS A 6   ? 1.1244 0.7950 1.0408 0.0065  0.3324  -0.0290 6   LYS A N   
9   C CA  . LYS A 6   ? 1.1752 0.8462 1.0549 0.0040  0.3233  -0.0144 6   LYS A CA  
10  C C   . LYS A 6   ? 1.0067 0.7211 0.9682 0.0170  0.3029  -0.0044 6   LYS A C   
11  O O   . LYS A 6   ? 0.8556 0.5886 0.7965 0.0201  0.2703  0.0114  6   LYS A O   
12  C CB  . LYS A 6   ? 1.4615 1.0815 1.2915 -0.0122 0.3673  -0.0214 6   LYS A CB  
13  C CG  . LYS A 6   ? 1.7096 1.2793 1.4680 -0.0274 0.3811  -0.0334 6   LYS A CG  
14  C CD  . LYS A 6   ? 1.8268 1.3846 1.4939 -0.0281 0.3446  -0.0268 6   LYS A CD  
15  C CE  . LYS A 6   ? 1.8886 1.4080 1.5068 -0.0402 0.3540  -0.0415 6   LYS A CE  
16  N NZ  . LYS A 6   ? 1.9259 1.4159 1.4423 -0.0451 0.3181  -0.0384 6   LYS A NZ  
17  N N   . GLU A 7   ? 0.8825 0.6119 0.9417 0.0247  0.3199  -0.0162 7   GLU A N   
18  C CA  . GLU A 7   ? 0.8868 0.6504 1.0230 0.0361  0.3013  -0.0102 7   GLU A CA  
19  C C   . GLU A 7   ? 0.8261 0.6192 0.9974 0.0516  0.2460  -0.0002 7   GLU A C   
20  O O   . GLU A 7   ? 0.5959 0.4125 0.8119 0.0605  0.2207  0.0070  7   GLU A O   
21  C CB  . GLU A 7   ? 1.0173 0.7870 1.2426 0.0302  0.3326  -0.0261 7   GLU A CB  
22  C CG  . GLU A 7   ? 1.2811 1.0118 1.4573 0.0096  0.3792  -0.0287 7   GLU A CG  
23  C CD  . GLU A 7   ? 1.4297 1.1630 1.5721 0.0123  0.3713  -0.0132 7   GLU A CD  
24  O OE1 . GLU A 7   ? 1.5252 1.3016 1.7361 0.0257  0.3412  -0.0072 7   GLU A OE1 
25  O OE2 . GLU A 7   ? 1.3821 1.0713 1.4251 0.0006  0.3863  -0.0067 7   GLU A OE2 
26  N N   . MET A 8   ? 0.7531 0.5366 0.8950 0.0530  0.2291  -0.0001 8   MET A N   
27  C CA  . MET A 8   ? 0.5321 0.3247 0.6697 0.0617  0.1818  0.0116  8   MET A CA  
28  C C   . MET A 8   ? 0.5069 0.3068 0.5731 0.0536  0.1632  0.0257  8   MET A C   
29  O O   . MET A 8   ? 0.6763 0.4879 0.7464 0.0579  0.1338  0.0361  8   MET A O   
30  C CB  . MET A 8   ? 0.5408 0.3128 0.6744 0.0648  0.1747  0.0055  8   MET A CB  
31  C CG  . MET A 8   ? 0.6831 0.4466 0.8116 0.0734  0.1303  0.0166  8   MET A CG  
32  S SD  . MET A 8   ? 1.0771 0.8034 1.1833 0.0749  0.1226  0.0123  8   MET A SD  
33  C CE  . MET A 8   ? 0.7664 0.4929 0.7903 0.0545  0.1472  0.0093  8   MET A CE  
34  N N   . LEU A 9   ? 0.5626 0.3514 0.5657 0.0417  0.1788  0.0237  9   LEU A N   
35  C CA  . LEU A 9   ? 0.7091 0.5063 0.6615 0.0352  0.1599  0.0325  9   LEU A CA  
36  C C   . LEU A 9   ? 0.4740 0.2881 0.4431 0.0379  0.1552  0.0425  9   LEU A C   
37  O O   . LEU A 9   ? 0.4628 0.2943 0.4290 0.0385  0.1309  0.0507  9   LEU A O   
38  C CB  . LEU A 9   ? 0.9747 0.7493 0.8606 0.0243  0.1712  0.0261  9   LEU A CB  
39  C CG  . LEU A 9   ? 0.9093 0.6910 0.7552 0.0196  0.1446  0.0307  9   LEU A CG  
40  C CD1 . LEU A 9   ? 0.7607 0.5584 0.6189 0.0178  0.1227  0.0270  9   LEU A CD1 
41  C CD2 . LEU A 9   ? 0.7242 0.4717 0.5001 0.0112  0.1485  0.0245  9   LEU A CD2 
42  N N   . ARG A 10  ? 0.4958 0.3020 0.4858 0.0380  0.1836  0.0395  10  ARG A N   
43  C CA  . ARG A 10  ? 0.4810 0.2995 0.4946 0.0401  0.1856  0.0471  10  ARG A CA  
44  C C   . ARG A 10  ? 0.4972 0.3453 0.5731 0.0509  0.1568  0.0516  10  ARG A C   
45  O O   . ARG A 10  ? 0.4342 0.2981 0.5059 0.0514  0.1376  0.0612  10  ARG A O   
46  C CB  . ARG A 10  ? 0.5423 0.3406 0.5778 0.0355  0.2316  0.0377  10  ARG A CB  
47  C CG  . ARG A 10  ? 0.6823 0.4949 0.7705 0.0380  0.2410  0.0404  10  ARG A CG  
48  C CD  . ARG A 10  ? 0.9462 0.7435 0.9684 0.0310  0.2399  0.0542  10  ARG A CD  
49  N NE  . ARG A 10  ? 1.1574 0.9627 1.2270 0.0313  0.2557  0.0557  10  ARG A NE  
50  C CZ  . ARG A 10  ? 1.1630 1.0068 1.2900 0.0404  0.2269  0.0609  10  ARG A CZ  
51  N NH1 . ARG A 10  ? 1.1624 1.0327 1.2974 0.0487  0.1840  0.0656  10  ARG A NH1 
52  N NH2 . ARG A 10  ? 1.0060 0.8553 1.1776 0.0395  0.2441  0.0600  10  ARG A NH2 
53  N N   . ALA A 11  ? 0.4226 0.2714 0.5520 0.0596  0.1510  0.0439  11  ALA A N   
54  C CA  . ALA A 11  ? 0.3862 0.2469 0.5598 0.0704  0.1158  0.0476  11  ALA A CA  
55  C C   . ALA A 11  ? 0.3994 0.2569 0.5175 0.0667  0.0863  0.0582  11  ALA A C   
56  O O   . ALA A 11  ? 0.4154 0.2814 0.5376 0.0683  0.0650  0.0651  11  ALA A O   
57  C CB  . ALA A 11  ? 0.3684 0.2178 0.5991 0.0818  0.1066  0.0369  11  ALA A CB  
58  N N   . GLN A 12  ? 0.3863 0.2286 0.4550 0.0597  0.0896  0.0567  12  GLN A N   
59  C CA  . GLN A 12  ? 0.4296 0.2649 0.4514 0.0521  0.0728  0.0610  12  GLN A CA  
60  C C   . GLN A 12  ? 0.3616 0.2182 0.3690 0.0452  0.0711  0.0655  12  GLN A C   
61  O O   . GLN A 12  ? 0.3251 0.1822 0.3247 0.0417  0.0565  0.0686  12  GLN A O   
62  C CB  . GLN A 12  ? 0.4769 0.2945 0.4614 0.0445  0.0825  0.0540  12  GLN A CB  
63  C CG  . GLN A 12  ? 0.3988 0.1892 0.3974 0.0521  0.0791  0.0505  12  GLN A CG  
64  C CD  . GLN A 12  ? 0.5702 0.3417 0.5362 0.0445  0.0923  0.0423  12  GLN A CD  
65  O OE1 . GLN A 12  ? 0.5964 0.3772 0.5331 0.0337  0.1037  0.0368  12  GLN A OE1 
66  N NE2 . GLN A 12  ? 0.5766 0.3188 0.5506 0.0510  0.0866  0.0403  12  GLN A NE2 
67  N N   . THR A 13  ? 0.3357 0.2020 0.3363 0.0430  0.0859  0.0651  13  THR A N   
68  C CA  . THR A 13  ? 0.3437 0.2243 0.3313 0.0386  0.0793  0.0691  13  THR A CA  
69  C C   . THR A 13  ? 0.4382 0.3346 0.4605 0.0436  0.0722  0.0766  13  THR A C   
70  O O   . THR A 13  ? 0.4492 0.3581 0.4718 0.0404  0.0602  0.0789  13  THR A O   
71  C CB  . THR A 13  ? 0.3514 0.2205 0.3073 0.0360  0.0922  0.0689  13  THR A CB  
72  O OG1 . THR A 13  ? 0.4786 0.3298 0.4010 0.0311  0.0972  0.0598  13  THR A OG1 
73  C CG2 . THR A 13  ? 0.3495 0.2263 0.2908 0.0339  0.0756  0.0732  13  THR A CG2 
74  N N   . ASN A 14  ? 0.3857 0.2823 0.4461 0.0511  0.0812  0.0770  14  ASN A N   
75  C CA  . ASN A 14  ? 0.2895 0.2007 0.3940 0.0566  0.0737  0.0807  14  ASN A CA  
76  C C   . ASN A 14  ? 0.3663 0.2763 0.4703 0.0571  0.0458  0.0823  14  ASN A C   
77  O O   . ASN A 14  ? 0.3494 0.2708 0.4568 0.0547  0.0370  0.0858  14  ASN A O   
78  C CB  . ASN A 14  ? 0.5668 0.4767 0.7283 0.0643  0.0871  0.0737  14  ASN A CB  
79  C CG  . ASN A 14  ? 0.6895 0.6147 0.9006 0.0668  0.0953  0.0738  14  ASN A CG  
80  O OD1 . ASN A 14  ? 0.5764 0.4973 0.7771 0.0610  0.1235  0.0754  14  ASN A OD1 
81  N ND2 . ASN A 14  ? 0.7759 0.7112 1.0360 0.0746  0.0699  0.0713  14  ASN A ND2 
82  N N   . VAL A 15  ? 0.2879 0.1754 0.3797 0.0593  0.0338  0.0793  15  VAL A N   
83  C CA  . VAL A 15  ? 0.4340 0.2975 0.5006 0.0574  0.0094  0.0809  15  VAL A CA  
84  C C   . VAL A 15  ? 0.3818 0.2450 0.4067 0.0432  0.0149  0.0805  15  VAL A C   
85  O O   . VAL A 15  ? 0.4414 0.2941 0.4528 0.0382  0.0044  0.0811  15  VAL A O   
86  C CB  . VAL A 15  ? 0.4851 0.3104 0.5270 0.0602  -0.0007 0.0789  15  VAL A CB  
87  C CG1 . VAL A 15  ? 0.5457 0.3251 0.5317 0.0538  -0.0216 0.0815  15  VAL A CG1 
88  C CG2 . VAL A 15  ? 0.4203 0.2454 0.5213 0.0760  -0.0108 0.0751  15  VAL A CG2 
89  N N   . ILE A 16  ? 0.3082 0.1797 0.3164 0.0359  0.0314  0.0762  16  ILE A N   
90  C CA  . ILE A 16  ? 0.3655 0.2413 0.3552 0.0225  0.0379  0.0695  16  ILE A CA  
91  C C   . ILE A 16  ? 0.3380 0.2426 0.3549 0.0225  0.0358  0.0713  16  ILE A C   
92  O O   . ILE A 16  ? 0.4022 0.3044 0.4173 0.0137  0.0357  0.0664  16  ILE A O   
93  C CB  . ILE A 16  ? 0.3178 0.1977 0.2966 0.0173  0.0489  0.0612  16  ILE A CB  
94  C CG1 . ILE A 16  ? 0.3327 0.1784 0.2805 0.0128  0.0540  0.0569  16  ILE A CG1 
95  C CG2 . ILE A 16  ? 0.2976 0.1939 0.2865 0.0065  0.0513  0.0499  16  ILE A CG2 
96  C CD1 . ILE A 16  ? 0.3867 0.2350 0.3268 0.0084  0.0639  0.0472  16  ILE A CD1 
97  N N   . LEU A 17  ? 0.2540 0.1785 0.2920 0.0311  0.0376  0.0775  17  LEU A N   
98  C CA  . LEU A 17  ? 0.2660 0.2112 0.3269 0.0329  0.0350  0.0817  17  LEU A CA  
99  C C   . LEU A 17  ? 0.2573 0.2053 0.3390 0.0342  0.0279  0.0845  17  LEU A C   
100 O O   . LEU A 17  ? 0.2697 0.2281 0.3630 0.0294  0.0254  0.0823  17  LEU A O   
101 C CB  . LEU A 17  ? 0.2534 0.2003 0.3162 0.0401  0.0431  0.0892  17  LEU A CB  
102 C CG  . LEU A 17  ? 0.3553 0.2899 0.3834 0.0378  0.0454  0.0860  17  LEU A CG  
103 C CD1 . LEU A 17  ? 0.3330 0.2496 0.3387 0.0412  0.0571  0.0935  17  LEU A CD1 
104 C CD2 . LEU A 17  ? 0.2630 0.2065 0.2916 0.0325  0.0297  0.0777  17  LEU A CD2 
105 N N   . LEU A 18  ? 0.3042 0.2408 0.3949 0.0410  0.0220  0.0871  18  LEU A N   
106 C CA  . LEU A 18  ? 0.3450 0.2776 0.4520 0.0429  0.0075  0.0877  18  LEU A CA  
107 C C   . LEU A 18  ? 0.3446 0.2507 0.4103 0.0309  0.0013  0.0822  18  LEU A C   
108 O O   . LEU A 18  ? 0.3731 0.2792 0.4421 0.0260  -0.0029 0.0801  18  LEU A O   
109 C CB  . LEU A 18  ? 0.3781 0.2998 0.5116 0.0544  -0.0058 0.0876  18  LEU A CB  
110 C CG  . LEU A 18  ? 0.3709 0.3172 0.5567 0.0620  0.0111  0.0883  18  LEU A CG  
111 C CD1 . LEU A 18  ? 0.3458 0.2895 0.5680 0.0688  0.0039  0.0777  18  LEU A CD1 
112 C CD2 . LEU A 18  ? 0.2040 0.1730 0.4156 0.0590  0.0147  0.0881  18  LEU A CD2 
113 N N   . ASN A 19  ? 0.2840 0.1618 0.3074 0.0241  0.0053  0.0784  19  ASN A N   
114 C CA  . ASN A 19  ? 0.4003 0.2405 0.3745 0.0078  0.0103  0.0708  19  ASN A CA  
115 C C   . ASN A 19  ? 0.3991 0.2602 0.3883 -0.0058 0.0308  0.0600  19  ASN A C   
116 O O   . ASN A 19  ? 0.4791 0.3163 0.4463 -0.0192 0.0385  0.0520  19  ASN A O   
117 C CB  . ASN A 19  ? 0.3784 0.1749 0.3015 0.0021  0.0142  0.0687  19  ASN A CB  
118 C CG  . ASN A 19  ? 0.5698 0.3125 0.4521 0.0087  -0.0127 0.0754  19  ASN A CG  
119 O OD1 . ASN A 19  ? 0.6558 0.3498 0.4865 -0.0001 -0.0218 0.0743  19  ASN A OD1 
120 N ND2 . ASN A 19  ? 0.4865 0.2322 0.3908 0.0246  -0.0281 0.0810  19  ASN A ND2 
121 N N   . VAL A 20  ? 0.3336 0.2334 0.3599 -0.0026 0.0379  0.0576  20  VAL A N   
122 C CA  . VAL A 20  ? 0.3644 0.2892 0.4259 -0.0105 0.0476  0.0459  20  VAL A CA  
123 C C   . VAL A 20  ? 0.3478 0.2872 0.4352 -0.0076 0.0418  0.0497  20  VAL A C   
124 O O   . VAL A 20  ? 0.3171 0.2524 0.4138 -0.0201 0.0533  0.0372  20  VAL A O   
125 C CB  . VAL A 20  ? 0.3486 0.3051 0.4416 -0.0021 0.0412  0.0459  20  VAL A CB  
126 C CG1 . VAL A 20  ? 0.2071 0.1887 0.3482 -0.0048 0.0392  0.0353  20  VAL A CG1 
127 C CG2 . VAL A 20  ? 0.3639 0.3095 0.4394 -0.0072 0.0473  0.0371  20  VAL A CG2 
128 N N   . LEU A 21  ? 0.2820 0.2368 0.3849 0.0074  0.0285  0.0644  21  LEU A N   
129 C CA  . LEU A 21  ? 0.3051 0.2743 0.4370 0.0111  0.0233  0.0684  21  LEU A CA  
130 C C   . LEU A 21  ? 0.4975 0.4373 0.6038 0.0028  0.0200  0.0636  21  LEU A C   
131 O O   . LEU A 21  ? 0.3730 0.3178 0.4960 -0.0022 0.0221  0.0588  21  LEU A O   
132 C CB  . LEU A 21  ? 0.2455 0.2291 0.3995 0.0260  0.0163  0.0820  21  LEU A CB  
133 C CG  . LEU A 21  ? 0.3171 0.3146 0.4800 0.0328  0.0207  0.0889  21  LEU A CG  
134 C CD1 . LEU A 21  ? 0.2320 0.2343 0.4166 0.0419  0.0250  0.0990  21  LEU A CD1 
135 C CD2 . LEU A 21  ? 0.1692 0.1795 0.3488 0.0295  0.0181  0.0839  21  LEU A CD2 
136 N N   . LYS A 22  ? 0.5511 0.4528 0.6107 0.0015  0.0122  0.0649  22  LYS A N   
137 C CA  . LYS A 22  ? 0.4085 0.2624 0.4202 -0.0073 0.0031  0.0608  22  LYS A CA  
138 C C   . LYS A 22  ? 0.4550 0.2850 0.4379 -0.0298 0.0295  0.0450  22  LYS A C   
139 O O   . LYS A 22  ? 0.3906 0.1941 0.3504 -0.0396 0.0301  0.0388  22  LYS A O   
140 C CB  . LYS A 22  ? 0.4781 0.2824 0.4358 -0.0035 -0.0156 0.0657  22  LYS A CB  
141 C CG  . LYS A 22  ? 0.6151 0.3541 0.5079 -0.0104 -0.0362 0.0635  22  LYS A CG  
142 C CD  . LYS A 22  ? 0.6330 0.3101 0.4647 -0.0052 -0.0625 0.0693  22  LYS A CD  
143 C CE  . LYS A 22  ? 0.8153 0.3986 0.5343 -0.0256 -0.0616 0.0641  22  LYS A CE  
144 N NZ  . LYS A 22  ? 0.9101 0.4479 0.5723 -0.0202 -0.0851 0.0650  22  LYS A NZ  
145 N N   . GLN A 23  ? 0.5323 0.3704 0.5218 -0.0394 0.0534  0.0353  23  GLN A N   
146 C CA  . GLN A 23  ? 0.6170 0.4377 0.6016 -0.0627 0.0864  0.0138  23  GLN A CA  
147 C C   . GLN A 23  ? 0.5857 0.4483 0.6375 -0.0631 0.0928  0.0054  23  GLN A C   
148 O O   . GLN A 23  ? 0.5749 0.4146 0.6202 -0.0823 0.1178  -0.0126 23  GLN A O   
149 C CB  . GLN A 23  ? 0.3921 0.2155 0.3873 -0.0728 0.1100  0.0000  23  GLN A CB  
150 C CG  . GLN A 23  ? 0.6680 0.4468 0.5974 -0.0740 0.1076  0.0072  23  GLN A CG  
151 C CD  . GLN A 23  ? 0.9425 0.6461 0.7785 -0.0788 0.0963  0.0161  23  GLN A CD  
152 O OE1 . GLN A 23  ? 0.8683 0.5217 0.6557 -0.0978 0.1132  0.0059  23  GLN A OE1 
153 N NE2 . GLN A 23  ? 0.7185 0.4076 0.5277 -0.0618 0.0655  0.0338  23  GLN A NE2 
154 N N   . GLY A 24  ? 0.4972 0.5056 0.5347 0.0394  0.0710  -0.0048 24  GLY A N   
155 C CA  . GLY A 24  ? 0.4373 0.4528 0.4725 0.0460  0.0643  -0.0112 24  GLY A CA  
156 C C   . GLY A 24  ? 0.4092 0.4190 0.4419 0.0429  0.0584  -0.0151 24  GLY A C   
157 O O   . GLY A 24  ? 0.3644 0.3702 0.3999 0.0358  0.0611  -0.0142 24  GLY A O   
158 N N   . ASP A 25  ? 0.4050 0.4102 0.4308 0.0483  0.0515  -0.0199 25  ASP A N   
159 C CA  . ASP A 25  ? 0.3969 0.3922 0.4160 0.0470  0.0465  -0.0245 25  ASP A CA  
160 C C   . ASP A 25  ? 0.3723 0.3784 0.4023 0.0508  0.0441  -0.0303 25  ASP A C   
161 O O   . ASP A 25  ? 0.3518 0.3778 0.3996 0.0583  0.0428  -0.0340 25  ASP A O   
162 C CB  . ASP A 25  ? 0.3759 0.3581 0.3885 0.0536  0.0384  -0.0295 25  ASP A CB  
163 C CG  . ASP A 25  ? 0.2909 0.2624 0.2912 0.0519  0.0388  -0.0255 25  ASP A CG  
164 O OD1 . ASP A 25  ? 0.2913 0.2684 0.2935 0.0473  0.0443  -0.0203 25  ASP A OD1 
165 O OD2 . ASP A 25  ? 0.4607 0.4142 0.4497 0.0560  0.0323  -0.0274 25  ASP A OD2 
166 N N   . ASN A 26  ? 0.3559 0.3426 0.3752 0.0461  0.0495  -0.0302 26  ASN A N   
167 C CA  . ASN A 26  ? 0.2534 0.2374 0.2847 0.0496  0.0535  -0.0347 26  ASN A CA  
168 C C   . ASN A 26  ? 0.2601 0.2007 0.2557 0.0407  0.0485  -0.0394 26  ASN A C   
169 O O   . ASN A 26  ? 0.4030 0.3169 0.3657 0.0319  0.0554  -0.0391 26  ASN A O   
170 C CB  . ASN A 26  ? 0.2110 0.2109 0.2589 0.0379  0.0631  -0.0310 26  ASN A CB  
171 C CG  . ASN A 26  ? 0.3560 0.3832 0.4442 0.0423  0.0642  -0.0334 26  ASN A CG  
172 O OD1 . ASN A 26  ? 0.3385 0.3671 0.4415 0.0457  0.0493  -0.0394 26  ASN A OD1 
173 N ND2 . ASN A 26  ? 0.3362 0.3833 0.4339 0.0371  0.0687  -0.0260 26  ASN A ND2 
174 N N   . TYR A 27  ? 0.4621 0.3999 0.4594 0.0369  0.0282  -0.0410 27  TYR A N   
175 C CA  . TYR A 27  ? 0.3852 0.2791 0.3333 0.0218  0.0114  -0.0419 27  TYR A CA  
176 C C   . TYR A 27  ? 0.3947 0.2849 0.3411 0.0056  0.0135  -0.0457 27  TYR A C   
177 O O   . TYR A 27  ? 0.3681 0.2922 0.3592 0.0067  0.0193  -0.0465 27  TYR A O   
178 C CB  . TYR A 27  ? 0.3985 0.2778 0.3376 0.0320  -0.0244 -0.0406 27  TYR A CB  
179 C CG  . TYR A 27  ? 0.4525 0.3710 0.4457 0.0421  -0.0424 -0.0431 27  TYR A CG  
180 C CD1 . TYR A 27  ? 0.4099 0.3803 0.4623 0.0610  -0.0316 -0.0444 27  TYR A CD1 
181 C CD2 . TYR A 27  ? 0.5885 0.4930 0.5737 0.0314  -0.0697 -0.0447 27  TYR A CD2 
182 C CE1 . TYR A 27  ? 0.4814 0.4966 0.5925 0.0682  -0.0438 -0.0471 27  TYR A CE1 
183 C CE2 . TYR A 27  ? 0.6244 0.5720 0.6702 0.0386  -0.0879 -0.0472 27  TYR A CE2 
184 C CZ  . TYR A 27  ? 0.5979 0.6046 0.7108 0.0566  -0.0728 -0.0485 27  TYR A CZ  
185 O OH  . TYR A 27  ? 0.6318 0.6893 0.8126 0.0616  -0.0863 -0.0513 27  TYR A OH  
186 N N   . VAL A 28  ? 0.4232 0.2680 0.3132 -0.0112 0.0090  -0.0483 28  VAL A N   
187 C CA  . VAL A 28  ? 0.4122 0.2413 0.2861 -0.0273 0.0164  -0.0549 28  VAL A CA  
188 C C   . VAL A 28  ? 0.5638 0.4167 0.4788 -0.0286 -0.0017 -0.0561 28  VAL A C   
189 O O   . VAL A 28  ? 0.5210 0.3864 0.4585 -0.0344 0.0137  -0.0591 28  VAL A O   
190 C CB  . VAL A 28  ? 0.5448 0.3154 0.3415 -0.0444 0.0090  -0.0583 28  VAL A CB  
191 C CG1 . VAL A 28  ? 0.5097 0.2585 0.2847 -0.0590 0.0118  -0.0676 28  VAL A CG1 
192 C CG2 . VAL A 28  ? 0.5904 0.3498 0.3588 -0.0483 0.0365  -0.0556 28  VAL A CG2 
193 N N   . TYR A 29  ? 0.3329 0.1913 0.2602 -0.0235 -0.0357 -0.0537 29  TYR A N   
194 C CA  . TYR A 29  ? 0.5520 0.4385 0.5261 -0.0276 -0.0561 -0.0550 29  TYR A CA  
195 C C   . TYR A 29  ? 0.4480 0.3949 0.4950 -0.0185 -0.0346 -0.0518 29  TYR A C   
196 O O   . TYR A 29  ? 0.4635 0.4291 0.5429 -0.0303 -0.0314 -0.0523 29  TYR A O   
197 C CB  . TYR A 29  ? 0.7230 0.6090 0.7049 -0.0204 -0.1000 -0.0539 29  TYR A CB  
198 C CG  . TYR A 29  ? 0.9608 0.7792 0.8629 -0.0327 -0.1288 -0.0554 29  TYR A CG  
199 C CD1 . TYR A 29  ? 0.8176 0.5937 0.6699 -0.0550 -0.1298 -0.0612 29  TYR A CD1 
200 C CD2 . TYR A 29  ? 1.0938 0.8829 0.9623 -0.0221 -0.1557 -0.0510 29  TYR A CD2 
201 C CE1 . TYR A 29  ? 1.1181 0.8262 0.8860 -0.0675 -0.1546 -0.0628 29  TYR A CE1 
202 C CE2 . TYR A 29  ? 1.1816 0.9006 0.9661 -0.0357 -0.1828 -0.0503 29  TYR A CE2 
203 C CZ  . TYR A 29  ? 1.3035 0.9842 1.0372 -0.0585 -0.1801 -0.0557 29  TYR A CZ  
204 O OH  . TYR A 29  ? 1.3708 0.9988 1.0339 -0.0666 -0.1913 -0.0466 29  TYR A OH  
205 N N   . GLY A 30  ? 0.3522 0.3241 0.4189 0.0006  -0.0203 -0.0481 30  GLY A N   
206 C CA  . GLY A 30  ? 0.3700 0.3925 0.4927 0.0092  0.0028  -0.0447 30  GLY A CA  
207 C C   . GLY A 30  ? 0.3438 0.3595 0.4605 -0.0026 0.0314  -0.0430 30  GLY A C   
208 O O   . GLY A 30  ? 0.4059 0.4498 0.5611 -0.0092 0.0422  -0.0397 30  GLY A O   
209 N N   . ILE A 31  ? 0.3501 0.3273 0.4191 -0.0056 0.0432  -0.0456 31  ILE A N   
210 C CA  . ILE A 31  ? 0.2875 0.2518 0.3482 -0.0123 0.0671  -0.0464 31  ILE A CA  
211 C C   . ILE A 31  ? 0.3865 0.3356 0.4471 -0.0305 0.0606  -0.0501 31  ILE A C   
212 O O   . ILE A 31  ? 0.4985 0.4548 0.5804 -0.0358 0.0732  -0.0471 31  ILE A O   
213 C CB  . ILE A 31  ? 0.3001 0.2307 0.3149 -0.0115 0.0789  -0.0513 31  ILE A CB  
214 C CG1 . ILE A 31  ? 0.3107 0.2553 0.3295 0.0038  0.0850  -0.0467 31  ILE A CG1 
215 C CG2 . ILE A 31  ? 0.2517 0.1673 0.2600 -0.0162 0.0990  -0.0554 31  ILE A CG2 
216 C CD1 . ILE A 31  ? 0.3606 0.2855 0.3434 -0.0010 0.0848  -0.0437 31  ILE A CD1 
217 N N   . ILE A 32  ? 0.3792 0.3002 0.4097 -0.0413 0.0383  -0.0561 32  ILE A N   
218 C CA  . ILE A 32  ? 0.3992 0.2967 0.4207 -0.0601 0.0259  -0.0616 32  ILE A CA  
219 C C   . ILE A 32  ? 0.3836 0.3211 0.4654 -0.0684 0.0162  -0.0552 32  ILE A C   
220 O O   . ILE A 32  ? 0.4461 0.3719 0.5345 -0.0836 0.0187  -0.0559 32  ILE A O   
221 C CB  . ILE A 32  ? 0.4982 0.3558 0.4699 -0.0695 -0.0022 -0.0687 32  ILE A CB  
222 C CG1 . ILE A 32  ? 0.4566 0.2689 0.3616 -0.0683 0.0151  -0.0759 32  ILE A CG1 
223 C CG2 . ILE A 32  ? 0.3872 0.2233 0.3552 -0.0900 -0.0247 -0.0742 32  ILE A CG2 
224 C CD1 . ILE A 32  ? 0.5734 0.3388 0.4142 -0.0781 -0.0099 -0.0806 32  ILE A CD1 
225 N N   . LYS A 33  ? 0.3450 0.3291 0.4716 -0.0588 0.0062  -0.0494 33  LYS A N   
226 C CA  . LYS A 33  ? 0.3627 0.3973 0.5563 -0.0665 0.0037  -0.0432 33  LYS A CA  
227 C C   . LYS A 33  ? 0.4000 0.4522 0.6144 -0.0673 0.0371  -0.0351 33  LYS A C   
228 O O   . LYS A 33  ? 0.3073 0.3665 0.5466 -0.0864 0.0406  -0.0304 33  LYS A O   
229 C CB  . LYS A 33  ? 0.3425 0.4273 0.5828 -0.0504 -0.0099 -0.0418 33  LYS A CB  
230 C CG  . LYS A 33  ? 0.5555 0.7060 0.8711 -0.0530 0.0044  -0.0353 33  LYS A CG  
231 C CD  . LYS A 33  ? 0.8052 1.0063 1.1828 -0.0474 -0.0226 -0.0385 33  LYS A CD  
232 C CE  . LYS A 33  ? 0.8596 1.1226 1.3112 -0.0620 -0.0104 -0.0328 33  LYS A CE  
233 N NZ  . LYS A 33  ? 0.8555 1.1503 1.3044 -0.0421 0.0226  -0.0256 33  LYS A NZ  
234 N N   . GLN A 34  ? 0.2986 0.3534 0.4988 -0.0480 0.0587  -0.0324 34  GLN A N   
235 C CA  . GLN A 34  ? 0.2937 0.3574 0.5026 -0.0460 0.0866  -0.0239 34  GLN A CA  
236 C C   . GLN A 34  ? 0.3540 0.3730 0.5352 -0.0598 0.0930  -0.0242 34  GLN A C   
237 O O   . GLN A 34  ? 0.3007 0.3216 0.4954 -0.0703 0.1044  -0.0153 34  GLN A O   
238 C CB  . GLN A 34  ? 0.3594 0.4226 0.5464 -0.0222 0.0993  -0.0230 34  GLN A CB  
239 C CG  . GLN A 34  ? 0.5906 0.6674 0.7660 -0.0122 0.1016  -0.0120 34  GLN A CG  
240 C CD  . GLN A 34  ? 0.7922 0.8739 0.9439 0.0071  0.0939  -0.0121 34  GLN A CD  
241 O OE1 . GLN A 34  ? 0.9070 1.0091 1.0750 0.0156  0.0867  -0.0167 34  GLN A OE1 
242 N NE2 . GLN A 34  ? 0.5984 0.6614 0.7167 0.0128  0.0926  -0.0084 34  GLN A NE2 
243 N N   . VAL A 35  ? 0.2547 0.2297 0.3929 -0.0592 0.0859  -0.0346 35  VAL A N   
244 C CA  . VAL A 35  ? 0.3586 0.2890 0.4711 -0.0673 0.0923  -0.0385 35  VAL A CA  
245 C C   . VAL A 35  ? 0.4406 0.3572 0.5632 -0.0925 0.0767  -0.0385 35  VAL A C   
246 O O   . VAL A 35  ? 0.4214 0.3140 0.5424 -0.1026 0.0831  -0.0345 35  VAL A O   
247 C CB  . VAL A 35  ? 0.2538 0.1436 0.3189 -0.0585 0.0957  -0.0521 35  VAL A CB  
248 C CG1 . VAL A 35  ? 0.2929 0.1379 0.3340 -0.0644 0.0987  -0.0594 35  VAL A CG1 
249 C CG2 . VAL A 35  ? 0.2222 0.1253 0.2848 -0.0377 0.1131  -0.0504 35  VAL A CG2 
250 N N   . LYS A 36  ? 0.4406 0.3694 0.5740 -0.1033 0.0528  -0.0423 36  LYS A N   
251 C CA  . LYS A 36  ? 0.5094 0.4285 0.6580 -0.1300 0.0330  -0.0424 36  LYS A CA  
252 C C   . LYS A 36  ? 0.4755 0.4362 0.6799 -0.1444 0.0431  -0.0273 36  LYS A C   
253 O O   . LYS A 36  ? 0.4019 0.3422 0.6021 -0.1632 0.0369  -0.0218 36  LYS A O   
254 C CB  . LYS A 36  ? 0.4506 0.3760 0.6021 -0.1377 -0.0004 -0.0495 36  LYS A CB  
255 C CG  . LYS A 36  ? 0.4913 0.4075 0.6621 -0.1677 -0.0264 -0.0503 36  LYS A CG  
256 C CD  . LYS A 36  ? 0.8075 0.7148 0.9670 -0.1742 -0.0663 -0.0593 36  LYS A CD  
257 C CE  . LYS A 36  ? 0.9004 0.8194 1.0954 -0.2021 -0.0938 -0.0578 36  LYS A CE  
258 N NZ  . LYS A 36  ? 0.8642 0.8676 1.1467 -0.2042 -0.0927 -0.0459 36  LYS A NZ  
259 N N   . GLU A 37  ? 0.4164 0.4338 0.6593 -0.1316 0.0573  -0.0189 37  GLU A N   
260 C CA  . GLU A 37  ? 0.4419 0.5013 0.7153 -0.1371 0.0685  -0.0034 37  GLU A CA  
261 C C   . GLU A 37  ? 0.4220 0.4489 0.6596 -0.1345 0.0868  0.0066  37  GLU A C   
262 O O   . GLU A 37  ? 0.4891 0.5088 0.7278 -0.1543 0.0860  0.0169  37  GLU A O   
263 C CB  . GLU A 37  ? 0.3731 0.4918 0.6777 -0.1163 0.0772  -0.0012 37  GLU A CB  
264 C CG  . GLU A 37  ? 0.7379 0.8843 1.0418 -0.1106 0.0977  0.0116  37  GLU A CG  
265 C CD  . GLU A 37  ? 0.9014 1.0934 1.2479 -0.1316 0.0955  0.0186  37  GLU A CD  
266 O OE1 . GLU A 37  ? 1.0203 1.2181 1.3961 -0.1517 0.0749  0.0145  37  GLU A OE1 
267 O OE2 . GLU A 37  ? 0.8845 1.1060 1.2331 -0.1296 0.1133  0.0271  37  GLU A OE2 
268 N N   . ALA A 38  ? 0.3862 0.3921 0.5929 -0.1112 0.1000  0.0033  38  ALA A N   
269 C CA  . ALA A 38  ? 0.2982 0.2733 0.4742 -0.1043 0.1122  0.0108  38  ALA A CA  
270 C C   . ALA A 38  ? 0.4950 0.4131 0.6451 -0.1172 0.1034  0.0081  38  ALA A C   
271 O O   . ALA A 38  ? 0.4374 0.3275 0.5678 -0.1167 0.1080  0.0163  38  ALA A O   
272 C CB  . ALA A 38  ? 0.3281 0.2967 0.4830 -0.0759 0.1227  0.0057  38  ALA A CB  
273 N N   . SER A 39  ? 0.4330 0.3289 0.5771 -0.1271 0.0871  -0.0044 39  SER A N   
274 C CA  . SER A 39  ? 0.3792 0.2166 0.4903 -0.1348 0.0744  -0.0105 39  SER A CA  
275 C C   . SER A 39  ? 0.5020 0.3351 0.6279 -0.1660 0.0545  -0.0038 39  SER A C   
276 O O   . SER A 39  ? 0.4877 0.2720 0.5890 -0.1747 0.0364  -0.0111 39  SER A O   
277 C CB  . SER A 39  ? 0.5054 0.3115 0.5839 -0.1225 0.0681  -0.0307 39  SER A CB  
278 O OG  . SER A 39  ? 0.5587 0.3732 0.6445 -0.1374 0.0498  -0.0381 39  SER A OG  
279 N N   . ASN A 40  ? 0.4465 0.3326 0.6138 -0.1812 0.0573  0.0094  40  ASN A N   
280 C CA  . ASN A 40  ? 0.5857 0.4802 0.7754 -0.2141 0.0388  0.0166  40  ASN A CA  
281 C C   . ASN A 40  ? 0.6890 0.5528 0.8659 -0.2259 0.0098  0.0010  40  ASN A C   
282 O O   . ASN A 40  ? 0.8932 0.7312 1.0601 -0.2486 -0.0088 0.0015  40  ASN A O   
283 C CB  . ASN A 40  ? 0.5193 0.3779 0.6939 -0.2311 0.0369  0.0320  40  ASN A CB  
284 C CG  . ASN A 40  ? 0.6553 0.5289 0.8260 -0.2198 0.0620  0.0465  40  ASN A CG  
285 O OD1 . ASN A 40  ? 0.6414 0.4675 0.7826 -0.2157 0.0630  0.0529  40  ASN A OD1 
286 N ND2 . ASN A 40  ? 0.6816 0.6183 0.8803 -0.2125 0.0796  0.0507  40  ASN A ND2 
287 N N   . GLY A 41  ? 0.4435 0.3068 0.6103 -0.2076 0.0073  -0.0147 41  GLY A N   
288 C CA  . GLY A 41  ? 0.5281 0.3614 0.6732 -0.2173 -0.0219 -0.0303 41  GLY A CA  
289 C C   . GLY A 41  ? 0.6463 0.4135 0.7477 -0.1990 -0.0252 -0.0484 41  GLY A C   
290 O O   . GLY A 41  ? 0.6929 0.4382 0.7650 -0.1969 -0.0375 -0.0672 41  GLY A O   
291 N N   . GLU A 42  ? 0.6219 0.3594 0.6978 -0.1876 -0.0099 -0.0438 42  GLU A N   
292 C CA  . GLU A 42  ? 0.6809 0.3624 0.7075 -0.1719 -0.0102 -0.0610 42  GLU A CA  
293 C C   . GLU A 42  ? 0.7030 0.3785 0.6892 -0.1474 0.0017  -0.0750 42  GLU A C   
294 O O   . GLU A 42  ? 0.8168 0.4558 0.7626 -0.1364 0.0006  -0.0910 42  GLU A O   
295 C CB  . GLU A 42  ? 0.6569 0.3103 0.6753 -0.1646 -0.0005 -0.0541 42  GLU A CB  
296 C CG  . GLU A 42  ? 0.9749 0.6078 1.0146 -0.1878 -0.0134 -0.0493 42  GLU A CG  
297 C CD  . GLU A 42  ? 1.2336 0.8539 1.2683 -0.2057 -0.0309 -0.0653 42  GLU A CD  
298 O OE1 . GLU A 42  ? 1.2209 0.7981 1.2092 -0.1958 -0.0376 -0.0836 42  GLU A OE1 
299 O OE2 . GLU A 42  ? 1.3118 0.9671 1.3841 -0.2302 -0.0379 -0.0598 42  GLU A OE2 
300 N N   . MET A 43  ? 0.5666 0.2811 0.5663 -0.1389 0.0160  -0.0696 43  MET A N   
301 C CA  . MET A 43  ? 0.6776 0.3910 0.6449 -0.1168 0.0304  -0.0807 43  MET A CA  
302 C C   . MET A 43  ? 0.5922 0.3296 0.5627 -0.1210 0.0229  -0.0824 43  MET A C   
303 O O   . MET A 43  ? 0.5642 0.3422 0.5704 -0.1196 0.0326  -0.0738 43  MET A O   
304 C CB  . MET A 43  ? 0.5379 0.2688 0.5136 -0.0944 0.0579  -0.0756 43  MET A CB  
305 C CG  . MET A 43  ? 0.4477 0.1722 0.3911 -0.0733 0.0718  -0.0873 43  MET A CG  
306 S SD  . MET A 43  ? 0.6887 0.4496 0.6553 -0.0498 0.0971  -0.0797 43  MET A SD  
307 C CE  . MET A 43  ? 1.2892 1.0308 1.2321 -0.0328 0.1046  -0.0916 43  MET A CE  
308 N N   . GLU A 44  ? 0.5594 0.2704 0.4915 -0.1247 0.0052  -0.0939 44  GLU A N   
309 C CA  . GLU A 44  ? 0.5806 0.3023 0.5024 -0.1281 -0.0091 -0.0960 44  GLU A CA  
310 C C   . GLU A 44  ? 0.5580 0.2636 0.4273 -0.1107 0.0058  -0.1030 44  GLU A C   
311 O O   . GLU A 44  ? 0.6725 0.3449 0.4943 -0.1109 0.0012  -0.1120 44  GLU A O   
312 C CB  . GLU A 44  ? 0.6812 0.3880 0.5967 -0.1472 -0.0447 -0.1006 44  GLU A CB  
313 C CG  . GLU A 44  ? 1.0466 0.7708 1.0148 -0.1675 -0.0575 -0.0940 44  GLU A CG  
314 C CD  . GLU A 44  ? 1.2502 0.9531 1.2027 -0.1840 -0.0883 -0.1006 44  GLU A CD  
315 O OE1 . GLU A 44  ? 1.1642 0.8263 1.0843 -0.1852 -0.0868 -0.1086 44  GLU A OE1 
316 O OE2 . GLU A 44  ? 1.3797 1.1071 1.3522 -0.1938 -0.1165 -0.0973 44  GLU A OE2 
317 N N   . LEU A 45  ? 0.5536 0.2850 0.4329 -0.0978 0.0251  -0.0979 45  LEU A N   
318 C CA  . LEU A 45  ? 0.5120 0.2366 0.3512 -0.0851 0.0416  -0.1006 45  LEU A CA  
319 C C   . LEU A 45  ? 0.5394 0.2436 0.3356 -0.0930 0.0205  -0.1021 45  LEU A C   
320 O O   . LEU A 45  ? 0.6569 0.3679 0.4666 -0.1009 -0.0056 -0.0988 45  LEU A O   
321 C CB  . LEU A 45  ? 0.4353 0.1960 0.3027 -0.0702 0.0659  -0.0929 45  LEU A CB  
322 C CG  . LEU A 45  ? 0.4678 0.2459 0.3731 -0.0614 0.0827  -0.0892 45  LEU A CG  
323 C CD1 . LEU A 45  ? 0.5452 0.3621 0.4841 -0.0479 0.0996  -0.0794 45  LEU A CD1 
324 C CD2 . LEU A 45  ? 0.5600 0.3182 0.4437 -0.0552 0.0931  -0.0960 45  LEU A CD2 
325 N N   . ASN A 46  ? 0.6176 0.2964 0.3630 -0.0913 0.0311  -0.1062 46  ASN A N   
326 C CA  . ASN A 46  ? 0.6502 0.3030 0.3423 -0.0980 0.0175  -0.1041 46  ASN A CA  
327 C C   . ASN A 46  ? 0.7617 0.4332 0.4555 -0.0915 0.0289  -0.0948 46  ASN A C   
328 O O   . ASN A 46  ? 0.6024 0.2988 0.3192 -0.0822 0.0582  -0.0923 46  ASN A O   
329 C CB  . ASN A 46  ? 0.8818 0.4984 0.5191 -0.1008 0.0323  -0.1109 46  ASN A CB  
330 C CG  . ASN A 46  ? 1.2311 0.8033 0.8083 -0.1136 0.0051  -0.1112 46  ASN A CG  
331 O OD1 . ASN A 46  ? 1.3227 0.8927 0.8957 -0.1185 -0.0243 -0.1036 46  ASN A OD1 
332 N ND2 . ASN A 46  ? 1.4303 0.9648 0.9603 -0.1181 0.0128  -0.1198 46  ASN A ND2 
333 N N   . GLU A 47  ? 0.5691 0.3623 0.6458 -0.0635 -0.0788 0.0218  47  GLU A N   
334 C CA  . GLU A 47  ? 0.3845 0.1819 0.4412 -0.0582 -0.0670 0.0246  47  GLU A CA  
335 C C   . GLU A 47  ? 0.4899 0.2636 0.4949 -0.0530 -0.0522 0.0186  47  GLU A C   
336 O O   . GLU A 47  ? 0.4174 0.2038 0.4156 -0.0503 -0.0321 0.0251  47  GLU A O   
337 C CB  . GLU A 47  ? 0.3968 0.1836 0.4489 -0.0565 -0.0922 0.0202  47  GLU A CB  
338 C CG  . GLU A 47  ? 0.6821 0.4712 0.7195 -0.0505 -0.0878 0.0242  47  GLU A CG  
339 C CD  . GLU A 47  ? 0.8694 0.6353 0.8863 -0.0466 -0.1174 0.0175  47  GLU A CD  
340 O OE1 . GLU A 47  ? 0.9493 0.6942 0.9526 -0.0481 -0.1385 0.0091  47  GLU A OE1 
341 O OE2 . GLU A 47  ? 0.9096 0.6784 0.9220 -0.0397 -0.1218 0.0197  47  GLU A OE2 
342 N N   . ALA A 48  ? 0.4900 0.2299 0.4592 -0.0512 -0.0642 0.0054  48  ALA A N   
343 C CA  . ALA A 48  ? 0.4059 0.1209 0.3183 -0.0473 -0.0525 -0.0022 48  ALA A CA  
344 C C   . ALA A 48  ? 0.4769 0.2057 0.3999 -0.0437 -0.0291 -0.0024 48  ALA A C   
345 O O   . ALA A 48  ? 0.5443 0.2844 0.4444 -0.0407 -0.0074 -0.0014 48  ALA A O   
346 C CB  . ALA A 48  ? 0.4624 0.1431 0.3279 -0.0422 -0.0712 -0.0201 48  ALA A CB  
347 N N   . THR A 49  ? 0.4947 0.2273 0.4563 -0.0441 -0.0346 -0.0026 49  THR A N   
348 C CA  . THR A 49  ? 0.5157 0.2564 0.4908 -0.0401 -0.0180 -0.0014 49  THR A CA  
349 C C   . THR A 49  ? 0.4433 0.2174 0.4338 -0.0413 0.0037  0.0144  49  THR A C   
350 O O   . THR A 49  ? 0.4291 0.2100 0.4070 -0.0357 0.0217  0.0122  49  THR A O   
351 C CB  . THR A 49  ? 0.5675 0.3149 0.5798 -0.0428 -0.0268 0.0024  49  THR A CB  
352 O OG1 . THR A 49  ? 0.5662 0.2869 0.5696 -0.0406 -0.0519 -0.0124 49  THR A OG1 
353 C CG2 . THR A 49  ? 0.5713 0.3181 0.5872 -0.0370 -0.0148 0.0026  49  THR A CG2 
354 N N   . LEU A 50  ? 0.4223 0.2178 0.4304 -0.0462 0.0044  0.0256  50  LEU A N   
355 C CA  . LEU A 50  ? 0.3641 0.1930 0.3782 -0.0439 0.0138  0.0361  50  LEU A CA  
356 C C   . LEU A 50  ? 0.3829 0.2128 0.3742 -0.0397 0.0236  0.0339  50  LEU A C   
357 O O   . LEU A 50  ? 0.3403 0.1907 0.3311 -0.0351 0.0361  0.0353  50  LEU A O   
358 C CB  . LEU A 50  ? 0.3044 0.1582 0.3472 -0.0458 0.0122  0.0441  50  LEU A CB  
359 C CG  . LEU A 50  ? 0.3647 0.2458 0.4392 -0.0480 0.0170  0.0535  50  LEU A CG  
360 C CD1 . LEU A 50  ? 0.4716 0.3332 0.5505 -0.0544 0.0069  0.0514  50  LEU A CD1 
361 C CD2 . LEU A 50  ? 0.5066 0.4206 0.6217 -0.0501 0.0170  0.0645  50  LEU A CD2 
362 N N   . TYR A 51  ? 0.2889 0.0917 0.2489 -0.0431 0.0167  0.0291  51  TYR A N   
363 C CA  . TYR A 51  ? 0.3947 0.1924 0.3185 -0.0449 0.0246  0.0305  51  TYR A CA  
364 C C   . TYR A 51  ? 0.4127 0.2087 0.3146 -0.0446 0.0449  0.0251  51  TYR A C   
365 O O   . TYR A 51  ? 0.4117 0.2243 0.3100 -0.0461 0.0579  0.0300  51  TYR A O   
366 C CB  . TYR A 51  ? 0.4324 0.1984 0.3168 -0.0505 0.0069  0.0297  51  TYR A CB  
367 C CG  . TYR A 51  ? 0.5354 0.3084 0.4460 -0.0480 -0.0124 0.0337  51  TYR A CG  
368 C CD1 . TYR A 51  ? 0.4416 0.2398 0.3793 -0.0427 -0.0081 0.0398  51  TYR A CD1 
369 C CD2 . TYR A 51  ? 0.4513 0.2053 0.3610 -0.0488 -0.0367 0.0287  51  TYR A CD2 
370 C CE1 . TYR A 51  ? 0.4937 0.2934 0.4514 -0.0383 -0.0257 0.0405  51  TYR A CE1 
371 C CE2 . TYR A 51  ? 0.5253 0.2887 0.4636 -0.0452 -0.0548 0.0305  51  TYR A CE2 
372 C CZ  . TYR A 51  ? 0.5969 0.3820 0.5582 -0.0396 -0.0488 0.0361  51  TYR A CZ  
373 O OH  . TYR A 51  ? 0.9571 0.7510 0.9476 -0.0326 -0.0685 0.0347  51  TYR A OH  
374 N N   . THR A 52  ? 0.4477 0.2345 0.3433 -0.0394 0.0435  0.0117  52  THR A N   
375 C CA  . THR A 52  ? 0.4516 0.2495 0.3352 -0.0329 0.0612  0.0010  52  THR A CA  
376 C C   . THR A 52  ? 0.3647 0.1843 0.2836 -0.0294 0.0748  0.0069  52  THR A C   
377 O O   . THR A 52  ? 0.4112 0.2507 0.3270 -0.0295 0.0914  0.0076  52  THR A O   
378 C CB  . THR A 52  ? 0.4738 0.2541 0.3481 -0.0226 0.0513  -0.0189 52  THR A CB  
379 O OG1 . THR A 52  ? 0.5710 0.3310 0.4040 -0.0236 0.0385  -0.0267 52  THR A OG1 
380 C CG2 . THR A 52  ? 0.3788 0.1765 0.2478 -0.0105 0.0690  -0.0343 52  THR A CG2 
381 N N   . ILE A 53  ? 0.4352 0.2525 0.3877 -0.0280 0.0667  0.0128  53  ILE A N   
382 C CA  . ILE A 53  ? 0.3483 0.1876 0.3286 -0.0223 0.0743  0.0179  53  ILE A CA  
383 C C   . ILE A 53  ? 0.3704 0.2414 0.3564 -0.0220 0.0759  0.0254  53  ILE A C   
384 O O   . ILE A 53  ? 0.3415 0.2258 0.3339 -0.0173 0.0857  0.0240  53  ILE A O   
385 C CB  . ILE A 53  ? 0.3568 0.2027 0.3647 -0.0213 0.0575  0.0238  53  ILE A CB  
386 C CG1 . ILE A 53  ? 0.3630 0.1745 0.3691 -0.0192 0.0474  0.0128  53  ILE A CG1 
387 C CG2 . ILE A 53  ? 0.3537 0.2227 0.3783 -0.0158 0.0618  0.0298  53  ILE A CG2 
388 C CD1 . ILE A 53  ? 0.4068 0.2165 0.4337 -0.0246 0.0272  0.0226  53  ILE A CD1 
389 N N   . PHE A 54  ? 0.2995 0.1762 0.2843 -0.0258 0.0632  0.0310  54  PHE A N   
390 C CA  . PHE A 54  ? 0.3594 0.2536 0.3472 -0.0242 0.0594  0.0348  54  PHE A CA  
391 C C   . PHE A 54  ? 0.3632 0.2556 0.3337 -0.0292 0.0648  0.0347  54  PHE A C   
392 O O   . PHE A 54  ? 0.5049 0.4096 0.4825 -0.0279 0.0633  0.0364  54  PHE A O   
393 C CB  . PHE A 54  ? 0.4060 0.2980 0.3981 -0.0258 0.0463  0.0399  54  PHE A CB  
394 C CG  . PHE A 54  ? 0.3257 0.2298 0.3399 -0.0222 0.0459  0.0428  54  PHE A CG  
395 C CD1 . PHE A 54  ? 0.3596 0.2751 0.3852 -0.0184 0.0525  0.0430  54  PHE A CD1 
396 C CD2 . PHE A 54  ? 0.3984 0.3025 0.4250 -0.0225 0.0404  0.0476  54  PHE A CD2 
397 C CE1 . PHE A 54  ? 0.4628 0.3914 0.5079 -0.0178 0.0534  0.0500  54  PHE A CE1 
398 C CE2 . PHE A 54  ? 0.4007 0.3251 0.4563 -0.0206 0.0455  0.0546  54  PHE A CE2 
399 C CZ  . PHE A 54  ? 0.3853 0.3223 0.4467 -0.0195 0.0519  0.0565  54  PHE A CZ  
400 N N   . LYS A 55  ? 0.4496 0.3247 0.3940 -0.0370 0.0711  0.0338  55  LYS A N   
401 C CA  . LYS A 55  ? 0.4428 0.3246 0.3710 -0.0449 0.0784  0.0367  55  LYS A CA  
402 C C   . LYS A 55  ? 0.3879 0.2912 0.3332 -0.0409 0.0924  0.0317  55  LYS A C   
403 O O   . LYS A 55  ? 0.4447 0.3653 0.3988 -0.0453 0.0905  0.0368  55  LYS A O   
404 C CB  . LYS A 55  ? 0.4691 0.3316 0.3555 -0.0543 0.0869  0.0359  55  LYS A CB  
405 C CG  . LYS A 55  ? 0.4294 0.3133 0.3043 -0.0632 0.0958  0.0412  55  LYS A CG  
406 C CD  . LYS A 55  ? 0.7357 0.6025 0.5656 -0.0743 0.0925  0.0479  55  LYS A CD  
407 C CE  . LYS A 55  ? 0.7614 0.6578 0.5891 -0.0839 0.1012  0.0584  55  LYS A CE  
408 N NZ  . LYS A 55  ? 0.7803 0.7147 0.6257 -0.0780 0.1227  0.0488  55  LYS A NZ  
409 N N   . ARG A 56  ? 0.3881 0.2870 0.3395 -0.0332 0.1051  0.0227  56  ARG A N   
410 C CA  . ARG A 56  ? 0.3945 0.3124 0.3657 -0.0265 0.1177  0.0159  56  ARG A CA  
411 C C   . ARG A 56  ? 0.4552 0.3815 0.4529 -0.0196 0.1072  0.0198  56  ARG A C   
412 O O   . ARG A 56  ? 0.4252 0.3693 0.4365 -0.0195 0.1100  0.0193  56  ARG A O   
413 C CB  . ARG A 56  ? 0.4294 0.3372 0.4002 -0.0165 0.1300  0.0025  56  ARG A CB  
414 C CG  . ARG A 56  ? 0.6729 0.5981 0.6711 -0.0031 0.1357  -0.0079 56  ARG A CG  
415 C CD  . ARG A 56  ? 0.8043 0.7661 0.8047 -0.0031 0.1454  -0.0164 56  ARG A CD  
416 N NE  . ARG A 56  ? 1.1227 1.1010 1.1520 0.0122  0.1443  -0.0287 56  ARG A NE  
417 C CZ  . ARG A 56  ? 1.3366 1.3535 1.3778 0.0172  0.1496  -0.0390 56  ARG A CZ  
418 N NH1 . ARG A 56  ? 1.4248 1.4709 1.4518 0.0065  0.1595  -0.0357 56  ARG A NH1 
419 N NH2 . ARG A 56  ? 1.3081 1.3359 1.3752 0.0332  0.1440  -0.0507 56  ARG A NH2 
420 N N   . LEU A 57  ? 0.2603 0.1785 0.2640 -0.0141 0.0953  0.0233  57  LEU A N   
421 C CA  . LEU A 57  ? 0.2986 0.2258 0.3182 -0.0063 0.0885  0.0260  57  LEU A CA  
422 C C   . LEU A 57  ? 0.3152 0.2492 0.3332 -0.0108 0.0809  0.0298  57  LEU A C   
423 O O   . LEU A 57  ? 0.3043 0.2434 0.3346 -0.0062 0.0817  0.0306  57  LEU A O   
424 C CB  . LEU A 57  ? 0.2292 0.1568 0.2532 -0.0014 0.0802  0.0297  57  LEU A CB  
425 C CG  . LEU A 57  ? 0.3042 0.2247 0.3356 0.0009  0.0831  0.0303  57  LEU A CG  
426 C CD1 . LEU A 57  ? 0.3701 0.2971 0.4066 -0.0001 0.0732  0.0375  57  LEU A CD1 
427 C CD2 . LEU A 57  ? 0.2479 0.1670 0.2917 0.0084  0.0919  0.0297  57  LEU A CD2 
428 N N   . GLU A 58  ? 0.3612 0.2901 0.3644 -0.0205 0.0731  0.0338  58  GLU A N   
429 C CA  . GLU A 58  ? 0.4150 0.3412 0.4160 -0.0275 0.0631  0.0402  58  GLU A CA  
430 C C   . GLU A 58  ? 0.3554 0.2919 0.3617 -0.0372 0.0692  0.0431  58  GLU A C   
431 O O   . GLU A 58  ? 0.3941 0.3307 0.4122 -0.0386 0.0659  0.0457  58  GLU A O   
432 C CB  . GLU A 58  ? 0.3131 0.2259 0.2980 -0.0364 0.0508  0.0469  58  GLU A CB  
433 C CG  . GLU A 58  ? 0.5529 0.4550 0.5388 -0.0285 0.0405  0.0462  58  GLU A CG  
434 C CD  . GLU A 58  ? 0.7588 0.6425 0.7360 -0.0350 0.0249  0.0538  58  GLU A CD  
435 O OE1 . GLU A 58  ? 0.7923 0.6713 0.7615 -0.0375 0.0261  0.0547  58  GLU A OE1 
436 O OE2 . GLU A 58  ? 0.6378 0.5103 0.6228 -0.0334 0.0137  0.0582  58  GLU A OE2 
437 N N   . LYS A 59  ? 0.2853 0.2313 0.2839 -0.0442 0.0799  0.0429  59  LYS A N   
438 C CA  . LYS A 59  ? 0.4818 0.4501 0.4887 -0.0542 0.0901  0.0459  59  LYS A CA  
439 C C   . LYS A 59  ? 0.3767 0.3573 0.4108 -0.0459 0.0968  0.0387  59  LYS A C   
440 O O   . LYS A 59  ? 0.4206 0.4157 0.4710 -0.0554 0.0968  0.0436  59  LYS A O   
441 C CB  . LYS A 59  ? 0.4505 0.4315 0.4439 -0.0562 0.1058  0.0420  59  LYS A CB  
442 C CG  . LYS A 59  ? 0.7324 0.7476 0.7428 -0.0549 0.1228  0.0349  59  LYS A CG  
443 C CD  . LYS A 59  ? 0.8730 0.9067 0.8631 -0.0576 0.1383  0.0325  59  LYS A CD  
444 C CE  . LYS A 59  ? 0.9386 1.0071 0.9456 -0.0456 0.1550  0.0162  59  LYS A CE  
445 N NZ  . LYS A 59  ? 0.9241 0.9814 0.9125 -0.0310 0.1625  -0.0018 59  LYS A NZ  
446 N N   . ASP A 60  ? 0.5072 0.2248 0.3241 -0.0099 0.0567  0.0118  60  ASP A N   
447 C CA  . ASP A 60  ? 0.4577 0.1858 0.3045 -0.0097 0.0541  0.0159  60  ASP A CA  
448 C C   . ASP A 60  ? 0.4834 0.2206 0.3372 -0.0109 0.0430  0.0182  60  ASP A C   
449 O O   . ASP A 60  ? 0.5479 0.2928 0.4242 -0.0119 0.0382  0.0227  60  ASP A O   
450 C CB  . ASP A 60  ? 0.4674 0.1976 0.3264 -0.0072 0.0558  0.0152  60  ASP A CB  
451 C CG  . ASP A 60  ? 0.6676 0.3872 0.5249 -0.0064 0.0692  0.0126  60  ASP A CG  
452 O OD1 . ASP A 60  ? 0.7130 0.4254 0.5649 -0.0080 0.0781  0.0128  60  ASP A OD1 
453 O OD2 . ASP A 60  ? 0.6691 0.3865 0.5307 -0.0044 0.0717  0.0102  60  ASP A OD2 
454 N N   . GLY A 61  ? 0.4684 0.2029 0.3023 -0.0112 0.0390  0.0155  61  GLY A N   
455 C CA  . GLY A 61  ? 0.4831 0.2222 0.3188 -0.0127 0.0309  0.0163  61  GLY A CA  
456 C C   . GLY A 61  ? 0.5672 0.3130 0.4048 -0.0113 0.0255  0.0155  61  GLY A C   
457 O O   . GLY A 61  ? 0.5428 0.2907 0.3796 -0.0129 0.0200  0.0158  61  GLY A O   
458 N N   . ILE A 62  ? 0.5182 0.2654 0.3572 -0.0089 0.0274  0.0145  62  ILE A N   
459 C CA  . ILE A 62  ? 0.3500 0.1035 0.1936 -0.0080 0.0226  0.0148  62  ILE A CA  
460 C C   . ILE A 62  ? 0.3702 0.1219 0.1957 -0.0070 0.0193  0.0115  62  ILE A C   
461 O O   . ILE A 62  ? 0.4562 0.2116 0.2830 -0.0074 0.0154  0.0119  62  ILE A O   
462 C CB  . ILE A 62  ? 0.3664 0.1210 0.2200 -0.0062 0.0250  0.0153  62  ILE A CB  
463 C CG1 . ILE A 62  ? 0.5574 0.3129 0.4340 -0.0066 0.0284  0.0194  62  ILE A CG1 
464 C CG2 . ILE A 62  ? 0.4370 0.1975 0.2965 -0.0059 0.0197  0.0166  62  ILE A CG2 
465 C CD1 . ILE A 62  ? 0.6595 0.4214 0.5556 -0.0094 0.0230  0.0256  62  ILE A CD1 
466 N N   . ILE A 63  ? 0.4669 0.2121 0.2768 -0.0060 0.0211  0.0092  63  ILE A N   
467 C CA  . ILE A 63  ? 0.3752 0.1183 0.1736 -0.0048 0.0173  0.0076  63  ILE A CA  
468 C C   . ILE A 63  ? 0.4594 0.1950 0.2473 -0.0053 0.0177  0.0071  63  ILE A C   
469 O O   . ILE A 63  ? 0.5021 0.2335 0.2888 -0.0067 0.0212  0.0076  63  ILE A O   
470 C CB  . ILE A 63  ? 0.4093 0.1516 0.2037 -0.0031 0.0155  0.0068  63  ILE A CB  
471 C CG1 . ILE A 63  ? 0.4359 0.1689 0.2177 -0.0034 0.0175  0.0060  63  ILE A CG1 
472 C CG2 . ILE A 63  ? 0.3575 0.1063 0.1649 -0.0029 0.0152  0.0078  63  ILE A CG2 
473 C CD1 . ILE A 63  ? 0.4297 0.1593 0.2066 -0.0030 0.0142  0.0055  63  ILE A CD1 
474 N N   . SER A 64  ? 0.4771 0.2103 0.2602 -0.0041 0.0144  0.0065  64  SER A N   
475 C CA  . SER A 64  ? 0.4706 0.1951 0.2460 -0.0040 0.0134  0.0068  64  SER A CA  
476 C C   . SER A 64  ? 0.5027 0.2244 0.2766 -0.0014 0.0092  0.0071  64  SER A C   
477 O O   . SER A 64  ? 0.4694 0.1966 0.2490 0.0002  0.0078  0.0069  64  SER A O   
478 C CB  . SER A 64  ? 0.4502 0.1721 0.2280 -0.0055 0.0133  0.0070  64  SER A CB  
479 O OG  . SER A 64  ? 0.6763 0.3981 0.4561 -0.0038 0.0116  0.0061  64  SER A OG  
480 N N   . SER A 65  ? 0.5178 0.2309 0.2873 -0.0011 0.0068  0.0083  65  SER A N   
481 C CA  . SER A 65  ? 0.4000 0.1099 0.1730 0.0012  0.0015  0.0099  65  SER A CA  
482 C C   . SER A 65  ? 0.5172 0.2205 0.2972 0.0029  -0.0005 0.0118  65  SER A C   
483 O O   . SER A 65  ? 0.4991 0.1974 0.2768 0.0015  0.0014  0.0121  65  SER A O   
484 C CB  . SER A 65  ? 0.5167 0.2194 0.2786 -0.0004 -0.0017 0.0109  65  SER A CB  
485 O OG  . SER A 65  ? 0.5073 0.2003 0.2583 -0.0030 -0.0007 0.0120  65  SER A OG  
486 N N   . TYR A 66  ? 0.4013 0.1043 0.1934 0.0062  -0.0041 0.0137  66  TYR A N   
487 C CA  . TYR A 66  ? 0.4553 0.1510 0.2596 0.0088  -0.0059 0.0163  66  TYR A CA  
488 C C   . TYR A 66  ? 0.4698 0.1648 0.2902 0.0122  -0.0111 0.0205  66  TYR A C   
489 O O   . TYR A 66  ? 0.4452 0.1464 0.2679 0.0125  -0.0128 0.0205  66  TYR A O   
490 C CB  . TYR A 66  ? 0.4309 0.1270 0.2424 0.0103  -0.0005 0.0129  66  TYR A CB  
491 C CG  . TYR A 66  ? 0.4564 0.1604 0.2752 0.0125  0.0025  0.0105  66  TYR A CG  
492 C CD1 . TYR A 66  ? 0.4213 0.1337 0.2303 0.0099  0.0052  0.0083  66  TYR A CD1 
493 C CD2 . TYR A 66  ? 0.4298 0.1326 0.2684 0.0172  0.0031  0.0110  66  TYR A CD2 
494 C CE1 . TYR A 66  ? 0.4382 0.1566 0.2533 0.0112  0.0078  0.0070  66  TYR A CE1 
495 C CE2 . TYR A 66  ? 0.3930 0.1020 0.2384 0.0188  0.0068  0.0089  66  TYR A CE2 
496 C CZ  . TYR A 66  ? 0.6227 0.3392 0.4547 0.0154  0.0090  0.0071  66  TYR A CZ  
497 O OH  . TYR A 66  ? 0.3758 0.0974 0.2141 0.0165  0.0126  0.0061  66  TYR A OH  
498 N N   . TRP A 67  ? 0.5128 0.1997 0.3471 0.0148  -0.0138 0.0250  67  TRP A N   
499 C CA  . TRP A 67  ? 0.4739 0.1593 0.3289 0.0183  -0.0190 0.0317  67  TRP A CA  
500 C C   . TRP A 67  ? 0.5492 0.2384 0.4318 0.0243  -0.0142 0.0305  67  TRP A C   
501 O O   . TRP A 67  ? 0.5176 0.2040 0.4054 0.0260  -0.0084 0.0255  67  TRP A O   
502 C CB  . TRP A 67  ? 0.4751 0.1488 0.3349 0.0186  -0.0241 0.0396  67  TRP A CB  
503 C CG  . TRP A 67  ? 0.8346 0.5018 0.6672 0.0123  -0.0284 0.0411  67  TRP A CG  
504 C CD1 . TRP A 67  ? 0.8722 0.5324 0.6928 0.0091  -0.0265 0.0407  67  TRP A CD1 
505 C CD2 . TRP A 67  ? 0.7801 0.4458 0.5945 0.0078  -0.0349 0.0430  67  TRP A CD2 
506 N NE1 . TRP A 67  ? 0.9006 0.5552 0.6976 0.0034  -0.0300 0.0425  67  TRP A NE1 
507 C CE2 . TRP A 67  ? 0.8239 0.4808 0.6151 0.0024  -0.0353 0.0431  67  TRP A CE2 
508 C CE3 . TRP A 67  ? 0.6314 0.3008 0.4468 0.0076  -0.0403 0.0444  67  TRP A CE3 
509 C CZ2 . TRP A 67  ? 0.7619 0.4120 0.5292 -0.0035 -0.0398 0.0437  67  TRP A CZ2 
510 C CZ3 . TRP A 67  ? 0.6297 0.2923 0.4208 0.0014  -0.0466 0.0449  67  TRP A CZ3 
511 C CH2 . TRP A 67  ? 0.7259 0.3781 0.4923 -0.0041 -0.0458 0.0441  67  TRP A CH2 
512 N N   . GLY A 68  ? 0.5930 0.2870 0.4934 0.0270  -0.0164 0.0351  68  GLY A N   
513 C CA  . GLY A 68  ? 0.7585 0.4546 0.6922 0.0335  -0.0118 0.0360  68  GLY A CA  
514 C C   . GLY A 68  ? 0.9607 0.6473 0.9210 0.0390  -0.0118 0.0432  68  GLY A C   
515 O O   . GLY A 68  ? 0.9206 0.5990 0.8709 0.0374  -0.0160 0.0486  68  GLY A O   
516 N N   . ASP A 69  ? 1.1407 0.8279 1.1371 0.0458  -0.0068 0.0437  69  ASP A N   
517 C CA  . ASP A 69  ? 1.2144 0.8968 1.2363 0.0518  -0.0035 0.0489  69  ASP A CA  
518 C C   . ASP A 69  ? 1.1839 0.8635 1.2082 0.0602  0.0048  0.0623  69  ASP A C   
519 O O   . ASP A 69  ? 1.2168 0.8766 1.2254 0.0659  0.0034  0.0716  69  ASP A O   
520 C CB  . ASP A 69  ? 1.2993 0.9812 1.3421 0.0548  -0.0071 0.0352  69  ASP A CB  
521 C CG  . ASP A 69  ? 1.3837 1.0502 1.4141 0.0537  -0.0062 0.0289  69  ASP A CG  
522 O OD1 . ASP A 69  ? 1.4204 1.0808 1.4394 0.0506  -0.0045 0.0375  69  ASP A OD1 
523 O OD2 . ASP A 69  ? 1.3753 1.0312 1.4009 0.0568  -0.0064 0.0150  69  ASP A OD2 
524 N N   . ARG A 76  ? 0.6954 0.3766 0.5732 0.0184  -0.0507 0.0613  76  ARG A N   
525 C CA  . ARG A 76  ? 0.8083 0.4983 0.6781 0.0159  -0.0478 0.0533  76  ARG A CA  
526 C C   . ARG A 76  ? 0.7802 0.4742 0.6349 0.0143  -0.0386 0.0423  76  ARG A C   
527 O O   . ARG A 76  ? 0.7097 0.4061 0.5756 0.0180  -0.0308 0.0395  76  ARG A O   
528 C CB  . ARG A 76  ? 0.7321 0.4312 0.6312 0.0216  -0.0435 0.0560  76  ARG A CB  
529 C CG  . ARG A 76  ? 0.6372 0.3454 0.5308 0.0191  -0.0394 0.0485  76  ARG A CG  
530 C CD  . ARG A 76  ? 0.7746 0.4899 0.6942 0.0231  -0.0372 0.0535  76  ARG A CD  
531 N NE  . ARG A 76  ? 0.9826 0.6931 0.9033 0.0220  -0.0490 0.0625  76  ARG A NE  
532 C CZ  . ARG A 76  ? 1.1738 0.8884 1.1118 0.0245  -0.0503 0.0682  76  ARG A CZ  
533 N NH1 . ARG A 76  ? 1.1256 0.8478 1.0808 0.0289  -0.0377 0.0662  76  ARG A NH1 
534 N NH2 . ARG A 76  ? 1.2658 0.9744 1.2016 0.0216  -0.0669 0.0762  76  ARG A NH2 
535 N N   . LYS A 77  ? 0.6179 0.3114 0.4474 0.0090  -0.0395 0.0365  77  LYS A N   
536 C CA  . LYS A 77  ? 0.5825 0.2782 0.3952 0.0073  -0.0314 0.0287  77  LYS A CA  
537 C C   . LYS A 77  ? 0.5504 0.2578 0.3691 0.0087  -0.0246 0.0236  77  LYS A C   
538 O O   . LYS A 77  ? 0.4554 0.1665 0.2730 0.0071  -0.0266 0.0228  77  LYS A O   
539 C CB  . LYS A 77  ? 0.6371 0.3237 0.4204 0.0015  -0.0334 0.0261  77  LYS A CB  
540 C CG  . LYS A 77  ? 0.6372 0.3253 0.4064 0.0003  -0.0243 0.0204  77  LYS A CG  
541 C CD  . LYS A 77  ? 0.6983 0.3732 0.4479 -0.0036 -0.0248 0.0215  77  LYS A CD  
542 C CE  . LYS A 77  ? 0.7366 0.4079 0.4651 -0.0073 -0.0183 0.0165  77  LYS A CE  
543 N NZ  . LYS A 77  ? 0.9213 0.5803 0.6333 -0.0110 -0.0156 0.0175  77  LYS A NZ  
544 N N   . TYR A 78  ? 0.5310 0.2429 0.3554 0.0111  -0.0173 0.0207  78  TYR A N   
545 C CA  . TYR A 78  ? 0.5557 0.2772 0.3825 0.0114  -0.0111 0.0169  78  TYR A CA  
546 C C   . TYR A 78  ? 0.4512 0.1743 0.2595 0.0081  -0.0067 0.0129  78  TYR A C   
547 O O   . TYR A 78  ? 0.5038 0.2216 0.3017 0.0069  -0.0052 0.0121  78  TYR A O   
548 C CB  . TYR A 78  ? 0.4921 0.2157 0.3356 0.0152  -0.0058 0.0163  78  TYR A CB  
549 C CG  . TYR A 78  ? 0.5559 0.2816 0.4242 0.0188  -0.0077 0.0203  78  TYR A CG  
550 C CD1 . TYR A 78  ? 0.4086 0.1418 0.2866 0.0192  -0.0051 0.0202  78  TYR A CD1 
551 C CD2 . TYR A 78  ? 0.6952 0.4153 0.5801 0.0219  -0.0120 0.0259  78  TYR A CD2 
552 C CE1 . TYR A 78  ? 0.6971 0.4328 0.6025 0.0226  -0.0063 0.0252  78  TYR A CE1 
553 C CE2 . TYR A 78  ? 0.6591 0.3818 0.5722 0.0258  -0.0129 0.0316  78  TYR A CE2 
554 C CZ  . TYR A 78  ? 0.7577 0.4884 0.6816 0.0262  -0.0099 0.0311  78  TYR A CZ  
555 O OH  . TYR A 78  ? 0.9428 0.6762 0.8985 0.0304  -0.0097 0.0382  78  TYR A OH  
556 N N   . TYR A 79  ? 0.4352 0.1657 0.2432 0.0069  -0.0046 0.0113  79  TYR A N   
557 C CA  . TYR A 79  ? 0.4368 0.1700 0.2343 0.0045  -0.0004 0.0089  79  TYR A CA  
558 C C   . TYR A 79  ? 0.5464 0.2864 0.3501 0.0047  0.0040  0.0080  79  TYR A C   
559 O O   . TYR A 79  ? 0.4641 0.2073 0.2783 0.0063  0.0044  0.0088  79  TYR A O   
560 C CB  . TYR A 79  ? 0.4601 0.1935 0.2524 0.0024  -0.0018 0.0085  79  TYR A CB  
561 C CG  . TYR A 79  ? 0.4846 0.2073 0.2630 0.0008  -0.0051 0.0087  79  TYR A CG  
562 C CD1 . TYR A 79  ? 0.4401 0.1568 0.2050 -0.0011 -0.0011 0.0075  79  TYR A CD1 
563 C CD2 . TYR A 79  ? 0.5918 0.3090 0.3708 0.0005  -0.0125 0.0106  79  TYR A CD2 
564 C CE1 . TYR A 79  ? 0.4605 0.1647 0.2093 -0.0034 -0.0033 0.0077  79  TYR A CE1 
565 C CE2 . TYR A 79  ? 0.7060 0.4102 0.4680 -0.0023 -0.0166 0.0111  79  TYR A CE2 
566 C CZ  . TYR A 79  ? 0.6228 0.3200 0.3680 -0.0042 -0.0115 0.0093  79  TYR A CZ  
567 O OH  . TYR A 79  ? 0.7511 0.4331 0.4764 -0.0078 -0.0145 0.0097  79  TYR A OH  
568 N N   . ARG A 80  ? 0.5168 0.2573 0.3139 0.0026  0.0071  0.0069  80  ARG A N   
569 C CA  . ARG A 80  ? 0.5377 0.2806 0.3362 0.0015  0.0098  0.0063  80  ARG A CA  
570 C C   . ARG A 80  ? 0.4481 0.1951 0.2467 -0.0013 0.0106  0.0065  80  ARG A C   
571 O O   . ARG A 80  ? 0.4952 0.2404 0.2909 -0.0022 0.0113  0.0064  80  ARG A O   
572 C CB  . ARG A 80  ? 0.4539 0.1897 0.2473 0.0015  0.0112  0.0053  80  ARG A CB  
573 C CG  . ARG A 80  ? 0.7144 0.4477 0.5061 0.0005  0.0137  0.0041  80  ARG A CG  
574 C CD  . ARG A 80  ? 0.6732 0.3974 0.4602 -0.0001 0.0145  0.0028  80  ARG A CD  
575 N NE  . ARG A 80  ? 0.7175 0.4416 0.5006 -0.0031 0.0130  0.0035  80  ARG A NE  
576 C CZ  . ARG A 80  ? 0.6745 0.3981 0.4547 -0.0073 0.0125  0.0033  80  ARG A CZ  
577 N NH1 . ARG A 80  ? 0.4025 0.1242 0.1789 -0.0096 0.0128  0.0024  80  ARG A NH1 
578 N NH2 . ARG A 80  ? 0.5818 0.3058 0.3636 -0.0097 0.0116  0.0046  80  ARG A NH2 
579 N N   . LEU A 81  ? 0.4908 0.2422 0.2946 -0.0027 0.0107  0.0072  81  LEU A N   
580 C CA  . LEU A 81  ? 0.5756 0.3303 0.3848 -0.0055 0.0102  0.0086  81  LEU A CA  
581 C C   . LEU A 81  ? 0.5034 0.2534 0.3068 -0.0082 0.0101  0.0082  81  LEU A C   
582 O O   . LEU A 81  ? 0.6220 0.3669 0.4176 -0.0092 0.0102  0.0069  81  LEU A O   
583 C CB  . LEU A 81  ? 0.4615 0.2208 0.2788 -0.0068 0.0088  0.0109  81  LEU A CB  
584 C CG  . LEU A 81  ? 0.5754 0.3404 0.4078 -0.0081 0.0072  0.0147  81  LEU A CG  
585 C CD1 . LEU A 81  ? 0.5244 0.2901 0.3618 -0.0061 0.0088  0.0141  81  LEU A CD1 
586 C CD2 . LEU A 81  ? 0.5438 0.3126 0.3839 -0.0088 0.0056  0.0177  81  LEU A CD2 
587 N N   . THR A 82  ? 0.4765 0.2264 0.2843 -0.0097 0.0103  0.0093  82  THR A N   
588 C CA  . THR A 82  ? 0.5851 0.3307 0.3910 -0.0134 0.0088  0.0097  82  THR A CA  
589 C C   . THR A 82  ? 0.5359 0.2834 0.3483 -0.0178 0.0048  0.0127  82  THR A C   
590 O O   . THR A 82  ? 0.5643 0.3173 0.3849 -0.0177 0.0036  0.0153  82  THR A O   
591 C CB  . THR A 82  ? 0.4770 0.2214 0.2888 -0.0141 0.0105  0.0110  82  THR A CB  
592 O OG1 . THR A 82  ? 0.5020 0.2527 0.3301 -0.0140 0.0117  0.0143  82  THR A OG1 
593 C CG2 . THR A 82  ? 0.3805 0.1207 0.1829 -0.0112 0.0135  0.0090  82  THR A CG2 
594 N N   . GLU A 83  ? 0.4678 0.3354 0.2461 0.1388  -0.1606 -0.0827 83  GLU A N   
595 C CA  . GLU A 83  ? 0.6959 0.5248 0.4245 0.1287  -0.1575 -0.0708 83  GLU A CA  
596 C C   . GLU A 83  ? 0.6856 0.5498 0.4441 0.1153  -0.1533 -0.0525 83  GLU A C   
597 O O   . GLU A 83  ? 0.6618 0.5099 0.3884 0.1173  -0.1432 -0.0528 83  GLU A O   
598 C CB  . GLU A 83  ? 1.0784 0.8727 0.7891 0.1133  -0.1740 -0.0563 83  GLU A CB  
599 C CG  . GLU A 83  ? 1.3561 1.0778 0.9923 0.1220  -0.1730 -0.0664 83  GLU A CG  
600 C CD  . GLU A 83  ? 1.5121 1.2006 1.1360 0.1076  -0.1947 -0.0533 83  GLU A CD  
601 O OE1 . GLU A 83  ? 1.5537 1.2808 1.2295 0.0901  -0.2056 -0.0382 83  GLU A OE1 
602 O OE2 . GLU A 83  ? 1.5778 1.1999 1.1383 0.1143  -0.1965 -0.0590 83  GLU A OE2 
603 N N   . ILE A 84  ? 0.6117 0.5182 0.4245 0.1006  -0.1558 -0.0369 84  ILE A N   
604 C CA  . ILE A 84  ? 0.5662 0.5072 0.4089 0.0889  -0.1483 -0.0200 84  ILE A CA  
605 C C   . ILE A 84  ? 0.5635 0.5226 0.4115 0.1058  -0.1358 -0.0341 84  ILE A C   
606 O O   . ILE A 84  ? 0.5119 0.4725 0.3495 0.1048  -0.1294 -0.0282 84  ILE A O   
607 C CB  . ILE A 84  ? 0.7443 0.7217 0.6316 0.0766  -0.1457 -0.0048 84  ILE A CB  
608 C CG1 . ILE A 84  ? 0.8854 0.8571 0.7733 0.0625  -0.1558 0.0116  84  ILE A CG1 
609 C CG2 . ILE A 84  ? 0.8123 0.8226 0.7267 0.0722  -0.1341 0.0076  84  ILE A CG2 
610 C CD1 . ILE A 84  ? 0.8255 0.8166 0.7379 0.0591  -0.1547 0.0182  84  ILE A CD1 
611 N N   . GLY A 85  ? 0.4223 0.3983 0.2916 0.1218  -0.1334 -0.0532 85  GLY A N   
612 C CA  . GLY A 85  ? 0.3908 0.3932 0.2879 0.1353  -0.1165 -0.0690 85  GLY A CA  
613 C C   . GLY A 85  ? 0.4640 0.4436 0.3406 0.1350  -0.0866 -0.0758 85  GLY A C   
614 O O   . GLY A 85  ? 0.4745 0.4714 0.3670 0.1333  -0.0699 -0.0734 85  GLY A O   
615 N N   . HIS A 86  ? 0.4854 0.4206 0.3215 0.1378  -0.0778 -0.0839 86  HIS A N   
616 C CA  . HIS A 86  ? 0.4933 0.3931 0.2946 0.1388  -0.0459 -0.0885 86  HIS A CA  
617 C C   . HIS A 86  ? 0.5817 0.4662 0.3431 0.1278  -0.0538 -0.0701 86  HIS A C   
618 O O   . HIS A 86  ? 0.5665 0.4491 0.3263 0.1273  -0.0278 -0.0707 86  HIS A O   
619 C CB  . HIS A 86  ? 0.5149 0.3551 0.2621 0.1453  -0.0359 -0.0986 86  HIS A CB  
620 C CG  . HIS A 86  ? 0.6360 0.4859 0.4278 0.1587  -0.0129 -0.1184 86  HIS A CG  
621 N ND1 . HIS A 86  ? 0.6891 0.5504 0.5240 0.1669  0.0297  -0.1305 86  HIS A ND1 
622 C CD2 . HIS A 86  ? 0.5862 0.4366 0.3939 0.1655  -0.0273 -0.1272 86  HIS A CD2 
623 C CE1 . HIS A 86  ? 0.6656 0.5371 0.5484 0.1760  0.0396  -0.1438 86  HIS A CE1 
624 N NE2 . HIS A 86  ? 0.6836 0.5465 0.5460 0.1780  0.0054  -0.1443 86  HIS A NE2 
625 N N   . GLU A 87  ? 0.5423 0.4144 0.2757 0.1187  -0.0908 -0.0527 87  GLU A N   
626 C CA  . GLU A 87  ? 0.6488 0.5009 0.3477 0.1081  -0.1044 -0.0338 87  GLU A CA  
627 C C   . GLU A 87  ? 0.6553 0.5614 0.4066 0.1051  -0.0990 -0.0235 87  GLU A C   
628 O O   . GLU A 87  ? 0.7393 0.6370 0.4764 0.1011  -0.0886 -0.0166 87  GLU A O   
629 C CB  . GLU A 87  ? 0.7361 0.5721 0.4347 0.0909  -0.1351 -0.0158 87  GLU A CB  
630 C CG  . GLU A 87  ? 0.7773 0.5862 0.4548 0.0763  -0.1434 -0.0002 87  GLU A CG  
631 C CD  . GLU A 87  ? 1.0448 0.7882 0.6439 0.0842  -0.1277 -0.0099 87  GLU A CD  
632 O OE1 . GLU A 87  ? 1.2348 0.9345 0.7847 0.0963  -0.1126 -0.0264 87  GLU A OE1 
633 O OE2 . GLU A 87  ? 1.1756 0.9101 0.7638 0.0781  -0.1253 -0.0007 87  GLU A OE2 
634 N N   . ASN A 88  ? 0.5755 0.5306 0.3813 0.1080  -0.1055 -0.0229 88  ASN A N   
635 C CA  . ASN A 88  ? 0.5668 0.5661 0.4159 0.1083  -0.0969 -0.0158 88  ASN A CA  
636 C C   . ASN A 88  ? 0.5810 0.5887 0.4452 0.1134  -0.0627 -0.0312 88  ASN A C   
637 O O   . ASN A 88  ? 0.5354 0.5563 0.4089 0.1106  -0.0530 -0.0233 88  ASN A O   
638 C CB  . ASN A 88  ? 0.6072 0.6410 0.5034 0.1070  -0.1021 -0.0137 88  ASN A CB  
639 C CG  . ASN A 88  ? 0.7670 0.8011 0.6801 0.0840  -0.1106 0.0110  88  ASN A CG  
640 O OD1 . ASN A 88  ? 0.7736 0.7894 0.6699 0.0725  -0.1210 0.0234  88  ASN A OD1 
641 N ND2 . ASN A 88  ? 0.8264 0.8815 0.7711 0.0791  -0.1059 0.0187  88  ASN A ND2 
642 N N   . MET A 89  ? 0.5184 0.5176 0.3901 0.1209  -0.0438 -0.0520 89  MET A N   
643 C CA  . MET A 89  ? 0.6287 0.6349 0.5249 0.1252  -0.0098 -0.0652 89  MET A CA  
644 C C   . MET A 89  ? 0.6312 0.6000 0.4795 0.1202  0.0089  -0.0588 89  MET A C   
645 O O   . MET A 89  ? 0.5421 0.5232 0.4071 0.1189  0.0281  -0.0578 89  MET A O   
646 C CB  . MET A 89  ? 0.5126 0.5152 0.4361 0.1348  0.0089  -0.0864 89  MET A CB  
647 C CG  . MET A 89  ? 0.4931 0.5350 0.4782 0.1409  -0.0044 -0.0963 89  MET A CG  
648 S SD  . MET A 89  ? 0.5245 0.5684 0.5665 0.1504  0.0234  -0.1186 89  MET A SD  
649 C CE  . MET A 89  ? 0.4982 0.5607 0.5863 0.1403  0.0481  -0.1132 89  MET A CE  
650 N N   . ARG A 90  ? 0.5773 0.4941 0.3610 0.1178  0.0012  -0.0547 90  ARG A N   
651 C CA  . ARG A 90  ? 0.6341 0.4979 0.3540 0.1143  0.0158  -0.0492 90  ARG A CA  
652 C C   . ARG A 90  ? 0.7165 0.5923 0.4338 0.1048  -0.0014 -0.0295 90  ARG A C   
653 O O   . ARG A 90  ? 0.6912 0.5585 0.3997 0.1035  0.0208  -0.0278 90  ARG A O   
654 C CB  . ARG A 90  ? 0.6776 0.4729 0.3184 0.1142  0.0015  -0.0483 90  ARG A CB  
655 C CG  . ARG A 90  ? 0.8555 0.5759 0.4122 0.1143  0.0208  -0.0470 90  ARG A CG  
656 C CD  . ARG A 90  ? 1.1031 0.7554 0.5816 0.1094  -0.0133 -0.0390 90  ARG A CD  
657 N NE  . ARG A 90  ? 1.1544 0.8322 0.6582 0.0956  -0.0633 -0.0188 90  ARG A NE  
658 C CZ  . ARG A 90  ? 1.1353 0.8028 0.6356 0.0832  -0.0815 -0.0024 90  ARG A CZ  
659 N NH1 . ARG A 90  ? 1.1871 0.8099 0.6399 0.0841  -0.0601 -0.0030 90  ARG A NH1 
660 N NH2 . ARG A 90  ? 0.9898 0.6943 0.5430 0.0694  -0.1162 0.0137  90  ARG A NH2 
661 N N   . LEU A 91  ? 0.5712 0.4674 0.3015 0.0988  -0.0391 -0.0135 91  LEU A N   
662 C CA  . LEU A 91  ? 0.6396 0.5544 0.3834 0.0912  -0.0563 0.0075  91  LEU A CA  
663 C C   . LEU A 91  ? 0.6714 0.6330 0.4669 0.0947  -0.0321 0.0045  91  LEU A C   
664 O O   . LEU A 91  ? 0.6330 0.5925 0.4235 0.0907  -0.0275 0.0150  91  LEU A O   
665 C CB  . LEU A 91  ? 0.6299 0.5677 0.3995 0.0866  -0.0933 0.0250  91  LEU A CB  
666 C CG  . LEU A 91  ? 0.8845 0.7908 0.6402 0.0690  -0.1179 0.0372  91  LEU A CG  
667 C CD1 . LEU A 91  ? 0.8710 0.8144 0.6806 0.0603  -0.1303 0.0463  91  LEU A CD1 
668 C CD2 . LEU A 91  ? 1.0790 0.9773 0.8352 0.0579  -0.1255 0.0542  91  LEU A CD2 
669 N N   . ALA A 92  ? 0.5938 0.5928 0.4366 0.1021  -0.0200 -0.0101 92  ALA A N   
670 C CA  . ALA A 92  ? 0.4962 0.5339 0.3864 0.1060  -0.0025 -0.0153 92  ALA A CA  
671 C C   . ALA A 92  ? 0.4911 0.5141 0.3769 0.1066  0.0306  -0.0257 92  ALA A C   
672 O O   . ALA A 92  ? 0.4726 0.5093 0.3736 0.1051  0.0408  -0.0209 92  ALA A O   
673 C CB  . ALA A 92  ? 0.4328 0.5017 0.3672 0.1139  -0.0052 -0.0293 92  ALA A CB  
674 N N   . PHE A 93  ? 0.3519 0.3444 0.2174 0.1095  0.0498  -0.0390 93  PHE A N   
675 C CA  . PHE A 93  ? 0.5988 0.5719 0.4614 0.1111  0.0882  -0.0479 93  PHE A CA  
676 C C   . PHE A 93  ? 0.6770 0.6093 0.4802 0.1047  0.0930  -0.0341 93  PHE A C   
677 O O   . PHE A 93  ? 0.7673 0.6974 0.5775 0.1036  0.1186  -0.0343 93  PHE A O   
678 C CB  . PHE A 93  ? 0.4966 0.4398 0.3475 0.1178  0.1116  -0.0629 93  PHE A CB  
679 C CG  . PHE A 93  ? 0.6026 0.5331 0.4705 0.1157  0.1516  -0.0694 93  PHE A CG  
680 C CD1 . PHE A 93  ? 0.6934 0.6710 0.6457 0.1127  0.1591  -0.0784 93  PHE A CD1 
681 C CD2 . PHE A 93  ? 0.6246 0.4982 0.4279 0.1117  0.1692  -0.0628 93  PHE A CD2 
682 C CE1 . PHE A 93  ? 0.8506 0.8222 0.8237 0.1082  0.1845  -0.0784 93  PHE A CE1 
683 C CE2 . PHE A 93  ? 0.6096 0.4761 0.4350 0.1072  0.1999  -0.0634 93  PHE A CE2 
684 C CZ  . PHE A 93  ? 0.8187 0.7360 0.7310 0.1056  0.2081  -0.0706 93  PHE A CZ  
685 N N   . GLU A 94  ? 0.6709 0.5669 0.4159 0.1000  0.0654  -0.0218 94  GLU A N   
686 C CA  . GLU A 94  ? 0.7513 0.6005 0.4340 0.0935  0.0579  -0.0069 94  GLU A CA  
687 C C   . GLU A 94  ? 0.6883 0.5730 0.4047 0.0886  0.0475  0.0078  94  GLU A C   
688 O O   . GLU A 94  ? 0.6920 0.5588 0.3906 0.0866  0.0652  0.0115  94  GLU A O   
689 C CB  . GLU A 94  ? 0.8801 0.6855 0.5049 0.0888  0.0190  0.0041  94  GLU A CB  
690 C CG  . GLU A 94  ? 1.1349 0.8750 0.6917 0.0938  0.0302  -0.0077 94  GLU A CG  
691 C CD  . GLU A 94  ? 1.4241 1.1037 0.9138 0.0859  -0.0109 0.0054  94  GLU A CD  
692 O OE1 . GLU A 94  ? 1.5363 1.2332 1.0494 0.0751  -0.0447 0.0232  94  GLU A OE1 
693 O OE2 . GLU A 94  ? 1.4265 1.0527 0.8706 0.0880  -0.0081 -0.0026 94  GLU A OE2 
694 N N   . SER A 95  ? 0.6075 0.5391 0.3705 0.0876  0.0213  0.0169  95  SER A N   
695 C CA  . SER A 95  ? 0.5147 0.4768 0.3091 0.0851  0.0133  0.0323  95  SER A CA  
696 C C   . SER A 95  ? 0.6243 0.6180 0.4605 0.0898  0.0439  0.0209  95  SER A C   
697 O O   . SER A 95  ? 0.5977 0.5884 0.4318 0.0874  0.0519  0.0290  95  SER A O   
698 C CB  . SER A 95  ? 0.3847 0.3820 0.2158 0.0847  -0.0165 0.0473  95  SER A CB  
699 O OG  . SER A 95  ? 0.5721 0.6073 0.4446 0.0920  -0.0105 0.0350  95  SER A OG  
700 N N   . TRP A 96  ? 0.4522 0.4722 0.3268 0.0960  0.0580  0.0026  96  TRP A N   
701 C CA  . TRP A 96  ? 0.4337 0.4771 0.3501 0.0992  0.0821  -0.0084 96  TRP A CA  
702 C C   . TRP A 96  ? 0.4316 0.4434 0.3259 0.0964  0.1135  -0.0124 96  TRP A C   
703 O O   . TRP A 96  ? 0.4711 0.4948 0.3903 0.0959  0.1295  -0.0135 96  TRP A O   
704 C CB  . TRP A 96  ? 0.3232 0.3960 0.2895 0.1058  0.0850  -0.0268 96  TRP A CB  
705 C CG  . TRP A 96  ? 0.3998 0.5041 0.3915 0.1104  0.0612  -0.0226 96  TRP A CG  
706 C CD1 . TRP A 96  ? 0.3566 0.4688 0.3485 0.1135  0.0401  -0.0220 96  TRP A CD1 
707 C CD2 . TRP A 96  ? 0.4045 0.5292 0.4176 0.1136  0.0588  -0.0177 96  TRP A CD2 
708 N NE1 . TRP A 96  ? 0.3891 0.5232 0.3989 0.1189  0.0273  -0.0163 96  TRP A NE1 
709 C CE2 . TRP A 96  ? 0.4100 0.5501 0.4306 0.1198  0.0388  -0.0140 96  TRP A CE2 
710 C CE3 . TRP A 96  ? 0.3827 0.5057 0.4047 0.1097  0.0711  -0.0155 96  TRP A CE3 
711 C CZ2 . TRP A 96  ? 0.4264 0.5695 0.4538 0.1190  0.0325  -0.0076 96  TRP A CZ2 
712 C CZ3 . TRP A 96  ? 0.3317 0.4627 0.3655 0.1099  0.0612  -0.0106 96  TRP A CZ3 
713 C CH2 . TRP A 96  ? 0.3791 0.5175 0.4123 0.1151  0.0437  -0.0068 96  TRP A CH2 
714 N N   . SER A 97  ? 0.4692 0.4351 0.3124 0.0952  0.1236  -0.0142 97  SER A N   
715 C CA  . SER A 97  ? 0.5527 0.4754 0.3597 0.0937  0.1572  -0.0154 97  SER A CA  
716 C C   . SER A 97  ? 0.6248 0.5211 0.3873 0.0874  0.1467  0.0027  97  SER A C   
717 O O   . SER A 97  ? 0.6975 0.5801 0.4585 0.0841  0.1686  0.0038  97  SER A O   
718 C CB  . SER A 97  ? 0.6510 0.5257 0.4147 0.0935  0.1680  -0.0217 97  SER A CB  
719 O OG  . SER A 97  ? 0.9206 0.7345 0.6172 0.0888  0.1770  -0.0127 97  SER A OG  
720 N N   . ARG A 98  ? 0.6457 0.5380 0.3846 0.0837  0.1078  0.0182  98  ARG A N   
721 C CA  . ARG A 98  ? 0.7386 0.6157 0.4540 0.0782  0.0908  0.0373  98  ARG A CA  
722 C C   . ARG A 98  ? 0.7011 0.6272 0.4764 0.0797  0.0999  0.0391  98  ARG A C   
723 O O   . ARG A 98  ? 0.6931 0.6038 0.4559 0.0771  0.1114  0.0456  98  ARG A O   
724 C CB  . ARG A 98  ? 0.8480 0.7219 0.5514 0.0741  0.0450  0.0550  98  ARG A CB  
725 C CG  . ARG A 98  ? 1.1112 0.9106 0.7309 0.0686  0.0239  0.0651  98  ARG A CG  
726 C CD  . ARG A 98  ? 1.1826 0.9833 0.8069 0.0635  -0.0259 0.0830  98  ARG A CD  
727 N NE  . ARG A 98  ? 1.1718 1.0054 0.8293 0.0665  -0.0330 0.0750  98  ARG A NE  
728 C CZ  . ARG A 98  ? 1.1657 0.9607 0.7785 0.0667  -0.0406 0.0661  98  ARG A CZ  
729 N NH1 . ARG A 98  ? 1.2025 0.9328 0.7537 0.0619  -0.0385 0.0599  98  ARG A NH1 
730 N NH2 . ARG A 98  ? 1.1429 0.9711 0.7905 0.0696  -0.0480 0.0601  98  ARG A NH2 
731 N N   . VAL A 99  ? 0.5304 0.5090 0.3645 0.0843  0.0936  0.0332  99  VAL A N   
732 C CA  . VAL A 99  ? 0.4886 0.5077 0.3736 0.0879  0.1000  0.0325  99  VAL A CA  
733 C C   . VAL A 99  ? 0.5335 0.5467 0.4309 0.0876  0.1335  0.0199  99  VAL A C   
734 O O   . VAL A 99  ? 0.4899 0.5083 0.3988 0.0869  0.1405  0.0253  99  VAL A O   
735 C CB  . VAL A 99  ? 0.4711 0.5323 0.4016 0.0948  0.0887  0.0249  99  VAL A CB  
736 C CG1 . VAL A 99  ? 0.2459 0.3355 0.2199 0.1002  0.0994  0.0165  99  VAL A CG1 
737 C CG2 . VAL A 99  ? 0.3433 0.4150 0.2723 0.0954  0.0595  0.0432  99  VAL A CG2 
738 N N   . ASP A 100 ? 0.4290 0.4296 0.3291 0.0868  0.1532  0.0044  100 ASP A N   
739 C CA  . ASP A 100 ? 0.4496 0.4495 0.3829 0.0788  0.1714  -0.0068 100 ASP A CA  
740 C C   . ASP A 100 ? 0.6015 0.5601 0.4912 0.0740  0.1873  0.0037  100 ASP A C   
741 O O   . ASP A 100 ? 0.6819 0.6449 0.5973 0.0695  0.1979  0.0023  100 ASP A O   
742 C CB  . ASP A 100 ? 0.6511 0.6498 0.6057 0.0778  0.1818  -0.0214 100 ASP A CB  
743 C CG  . ASP A 100 ? 0.7575 0.8004 0.7737 0.0807  0.1665  -0.0352 100 ASP A CG  
744 O OD1 . ASP A 100 ? 0.6662 0.7362 0.7128 0.0816  0.1523  -0.0368 100 ASP A OD1 
745 O OD2 . ASP A 100 ? 0.9924 1.0372 1.0216 0.0833  0.1681  -0.0444 100 ASP A OD2 
746 N N   . LYS A 101 ? 0.6733 0.5858 0.4913 0.0751  0.1854  0.0145  101 LYS A N   
747 C CA  . LYS A 101 ? 0.7690 0.6299 0.5316 0.0706  0.1944  0.0249  101 LYS A CA  
748 C C   . LYS A 101 ? 0.6260 0.4954 0.3830 0.0705  0.1805  0.0407  101 LYS A C   
749 O O   . LYS A 101 ? 0.5817 0.4325 0.3305 0.0667  0.1908  0.0452  101 LYS A O   
750 C CB  . LYS A 101 ? 0.8452 0.6434 0.5258 0.0706  0.1870  0.0298  101 LYS A CB  
751 C CG  . LYS A 101 ? 1.0697 0.8525 0.7526 0.0724  0.2059  0.0161  101 LYS A CG  
752 C CD  . LYS A 101 ? 1.2555 0.9725 0.8544 0.0738  0.1939  0.0196  101 LYS A CD  
753 C CE  . LYS A 101 ? 1.2054 0.8906 0.7971 0.0765  0.2232  0.0097  101 LYS A CE  
754 N NZ  . LYS A 101 ? 1.2089 0.8324 0.7241 0.0796  0.2096  0.0105  101 LYS A NZ  
755 N N   . ILE A 102 ? 0.5159 0.4156 0.2865 0.0741  0.1526  0.0505  102 ILE A N   
756 C CA  . ILE A 102 ? 0.5354 0.4549 0.3260 0.0738  0.1339  0.0660  102 ILE A CA  
757 C C   . ILE A 102 ? 0.5904 0.5415 0.4308 0.0765  0.1566  0.0577  102 ILE A C   
758 O O   . ILE A 102 ? 0.5541 0.4944 0.3888 0.0748  0.1614  0.0666  102 ILE A O   
759 C CB  . ILE A 102 ? 0.5779 0.5341 0.3999 0.0769  0.1010  0.0758  102 ILE A CB  
760 C CG1 . ILE A 102 ? 0.4349 0.3541 0.2102 0.0718  0.0692  0.0910  102 ILE A CG1 
761 C CG2 . ILE A 102 ? 0.3573 0.3468 0.2215 0.0810  0.0950  0.0873  102 ILE A CG2 
762 C CD1 . ILE A 102 ? 0.4232 0.3772 0.2346 0.0740  0.0402  0.1002  102 ILE A CD1 
763 N N   . ILE A 103 ? 0.4947 0.4805 0.3849 0.0794  0.1641  0.0400  103 ILE A N   
764 C CA  . ILE A 103 ? 0.5633 0.5729 0.5054 0.0766  0.1685  0.0284  103 ILE A CA  
765 C C   . ILE A 103 ? 0.7068 0.6887 0.6424 0.0685  0.1899  0.0247  103 ILE A C   
766 O O   . ILE A 103 ? 0.6364 0.6221 0.5906 0.0668  0.1944  0.0256  103 ILE A O   
767 C CB  . ILE A 103 ? 0.3740 0.4147 0.3629 0.0770  0.1602  0.0100  103 ILE A CB  
768 C CG1 . ILE A 103 ? 0.3137 0.3802 0.3133 0.0854  0.1387  0.0146  103 ILE A CG1 
769 C CG2 . ILE A 103 ? 0.3527 0.4045 0.3834 0.0730  0.1656  -0.0024 103 ILE A CG2 
770 C CD1 . ILE A 103 ? 0.4153 0.5019 0.4477 0.0862  0.1280  -0.0029 103 ILE A CD1 
771 N N   . GLU A 104 ? 0.5475 0.4977 0.4541 0.0650  0.2041  0.0218  104 GLU A N   
772 C CA  . GLU A 104 ? 0.6929 0.6087 0.5863 0.0594  0.2274  0.0219  104 GLU A CA  
773 C C   . GLU A 104 ? 0.6189 0.5010 0.4664 0.0583  0.2292  0.0368  104 GLU A C   
774 O O   . GLU A 104 ? 0.5219 0.3937 0.3806 0.0548  0.2438  0.0372  104 GLU A O   
775 C CB  . GLU A 104 ? 0.9116 0.7916 0.7740 0.0587  0.2429  0.0179  104 GLU A CB  
776 C CG  . GLU A 104 ? 1.3260 1.1889 1.2107 0.0547  0.2711  0.0132  104 GLU A CG  
777 C CD  . GLU A 104 ? 1.5953 1.5037 1.5597 0.0520  0.2708  0.0045  104 GLU A CD  
778 O OE1 . GLU A 104 ? 1.6311 1.5295 1.6138 0.0481  0.2869  0.0068  104 GLU A OE1 
779 O OE2 . GLU A 104 ? 1.6742 1.6234 1.6797 0.0543  0.2533  -0.0047 104 GLU A OE2 
780 N N   . ASN A 105 ? 0.6036 0.4671 0.4004 0.0612  0.2119  0.0504  105 ASN A N   
781 C CA  . ASN A 105 ? 0.6371 0.4678 0.3898 0.0597  0.2048  0.0672  105 ASN A CA  
782 C C   . ASN A 105 ? 0.6695 0.5356 0.4643 0.0624  0.2002  0.0738  105 ASN A C   
783 O O   . ASN A 105 ? 0.7554 0.5981 0.5303 0.0603  0.2015  0.0839  105 ASN A O   
784 C CB  . ASN A 105 ? 0.7611 0.5600 0.4534 0.0599  0.1755  0.0831  105 ASN A CB  
785 C CG  . ASN A 105 ? 0.8073 0.5467 0.4355 0.0569  0.1778  0.0778  105 ASN A CG  
786 O OD1 . ASN A 105 ? 1.0197 0.7266 0.6321 0.0554  0.2041  0.0693  105 ASN A OD1 
787 N ND2 . ASN A 105 ? 0.7729 0.4950 0.3658 0.0569  0.1491  0.0838  105 ASN A ND2 
788 N N   . LEU A 106 ? 0.6549 0.5726 0.5051 0.0678  0.1933  0.0675  106 LEU A N   
789 C CA  . LEU A 106 ? 0.6244 0.5707 0.5116 0.0727  0.1887  0.0721  106 LEU A CA  
790 C C   . LEU A 106 ? 0.6035 0.5500 0.5213 0.0678  0.2049  0.0594  106 LEU A C   
791 O O   . LEU A 106 ? 0.7637 0.7089 0.6880 0.0694  0.2068  0.0660  106 LEU A O   
792 C CB  . LEU A 106 ? 0.5690 0.5602 0.4964 0.0813  0.1730  0.0690  106 LEU A CB  
793 C CG  . LEU A 106 ? 0.5701 0.5700 0.4847 0.0858  0.1503  0.0840  106 LEU A CG  
794 C CD1 . LEU A 106 ? 0.4169 0.4570 0.3712 0.0944  0.1424  0.0757  106 LEU A CD1 
795 C CD2 . LEU A 106 ? 0.5475 0.5384 0.4532 0.0869  0.1322  0.1076  106 LEU A CD2 
796 N N   . GLU A 107 ? 0.8075 0.7552 0.7466 0.0621  0.2161  0.0435  107 GLU A N   
797 C CA  . GLU A 107 ? 0.9607 0.9079 0.9343 0.0568  0.2312  0.0350  107 GLU A CA  
798 C C   . GLU A 107 ? 1.1000 1.0034 1.0387 0.0520  0.2514  0.0438  107 GLU A C   
799 O O   . GLU A 107 ? 1.2186 1.1176 1.1714 0.0504  0.2591  0.0461  107 GLU A O   
800 C CB  . GLU A 107 ? 0.8642 0.8272 0.8792 0.0535  0.2363  0.0194  107 GLU A CB  
801 C CG  . GLU A 107 ? 1.0494 1.0526 1.1092 0.0581  0.2164  0.0083  107 GLU A CG  
802 C CD  . GLU A 107 ? 1.3021 1.3221 1.3812 0.0588  0.2095  -0.0029 107 GLU A CD  
803 O OE1 . GLU A 107 ? 1.4724 1.4747 1.5344 0.0556  0.2224  -0.0021 107 GLU A OE1 
804 O OE2 . GLU A 107 ? 1.3394 1.3858 1.4470 0.0640  0.1915  -0.0121 107 GLU A OE2 
805 N N   . ALA A 108 ? 1.0573 0.9229 0.9454 0.0503  0.2594  0.0484  108 ALA A N   
806 C CA  . ALA A 108 ? 1.1883 1.0019 1.0259 0.0475  0.2741  0.0575  108 ALA A CA  
807 C C   . ALA A 108 ? 1.1748 0.9414 0.9428 0.0481  0.2732  0.0619  108 ALA A C   
808 O O   . ALA A 108 ? 1.1355 0.8896 0.8600 0.0500  0.2507  0.0725  108 ALA A O   
809 C CB  . ALA A 108 ? 1.2796 1.0816 1.1483 0.0427  0.3015  0.0513  108 ALA A CB  
# 
